data_7OJK
#
_entry.id   7OJK
#
_cell.length_a   1.00
_cell.length_b   1.00
_cell.length_c   1.00
_cell.angle_alpha   90.00
_cell.angle_beta   90.00
_cell.angle_gamma   90.00
#
_symmetry.space_group_name_H-M   'P 1'
#
loop_
_entity.id
_entity.type
_entity.pdbx_description
1 polymer 'RNA-directed RNA polymerase L'
2 polymer "3' RNA"
3 polymer "5' RNA"
4 non-polymer 'ZINC ION'
#
loop_
_entity_poly.entity_id
_entity_poly.type
_entity_poly.pdbx_seq_one_letter_code
_entity_poly.pdbx_strand_id
1 'polypeptide(L)'
;MEDDMACVKDLVSKYLADNERLSRQKLAFLVQTEPRMLLMEGLKLLSLCIEIDSCNANGCEHNSEDKSVERILHDHGILT
PSLCFVVPDGYKLTGNVLILLECFVRSSPANFEQKYIEDFKKLEQLKEDLKSVDINLIPLIDGRTSFYNEQIPDWVNDKL
RDTLFSLLRYAQESNSLFEESEYSRLCESLSMTSGRLSGVESLNVLLDNRSSHYEEIIASCHQGINNKLTAHEVKLQIEE
EYQVFRNRLRKGEITGQFLKVDKSRLLNDFNNLYVDEVTATKDNIEHLIYQFKRASPILRFLYANIGEGNGEERHHTIKE
CQMQYWRSFLNKVKSLRILNTRRKLLLIFDALILLASIHDQTRHKCSKGWLGSCFISVNDRLVSLESTKRDLEKWVGRRQ
QSERSNTIQPPDKNQILISMFQKTILKATAALKDVGISVEHYKINMEVICPDSYDLILNFDVSGVVPTISYQRTEDEKFP
FIMGGVELLESTDLERLSSLSLALVNSMKTSSTVKLRQNEFGPARYQVVRCKEAYCQEFLLSGAEFQLIYQKTGECSKCY
AINDNRVGEICSFYADPKRYFPAIFSAEVLQTTVSTMISWVKDCSELEEQLCNINSLTKMILVLILAHPSKRSQKLLQNL
RYFIMAYVSDYHHKDLIDKLREELITDVEFLLYRLVRALVNLILSEDVKSMMTNRFKFILNISYMCHFITKETPDRLTDQ
IKCFEKFLEPKLEFGHVSINPADVATEEELDDMVYNAKKFLSKEGCTSIKGPDYKKPGVSKRFLSLLTSSFNNGSLFKES
EVKREIKDPLVTSGCATALDLASNKSVVVNKYTDGSRVLNYDFNKLTALAVSQLTEVFSRKGKHLLNKQDYDYKVQQAMS
NLVLGPRQNKVGADEADLDEILLDGGASVYFDQLKETVERIIDQYREPVKPGSNPNGGDQPSVNDLDEVVPNKFYIRLIK
GELSNHMVEDFDYDVLPGNFYEEFCDAVYKNNKLKERYFYCGQMSQCPIGELTKAVATRTYFDQEYFQCFKSILLIMNAN
TLMGRYTHYKSRNLNFKFDMGRLSDDVRISERESNSEALSKALSLTNCTTAMLKNLCFYSQESPQSYSSTGPDTGRLKFS
LSYKEQVGGNRELYIGDLRTKMFTRLIEDYFEALSLQLSGSCLNNEREFENAILSMKLNVSLAHVSYSMDHSKWGPMMCP
FLFLATLQNLIFLSKDLQADIKGRDYLSTLLTWHMHKMVEIPFNVVSAMMKSFIKAQLGLKKKTTQSITEDFFYSNFQIG
VVPSHVSSILDMGQGILHNTSDFYALISERFINYAISCICGGTIDAYTSSDDQISLFDQVLTELMQRDPEEFKTLIEFHY
YMSDQLNKFVSPKSVIGRFVAEFKSRFYVWGDEVPLLTKFVAAALHNIKCKEPHQLAETIDTIIDQSVANGVPVHLCNLI
QKRTLSLLQYARYPIDPFLLNCETDVRDWVDGNRSYRIMRQIERLIPDACGRIRSMLRKLYNKLKTGQLHEEFTTNYLSS
EHLSSLSNLCELLGVEPPSESDLEFSWLNLAAHHPLRMVLRQKIIYSGAVNLDDEKVPTIVKTIQNKLSSTFTRGAQKLL
SEAINKSAFQSSIASGFVGLCRTLGSKCVRGPNKESLYIKSIQSLISDIQGIEPLIDSHGVQYWRVPLNIRDGNEGVISY
FRPLLWDYMCISLSTAIELGAWVLGEPKKVRVLEFFKHNPCDYFPLKPAASKLLEDRVGLNHIIHSLRRLYPSVFEKHIL
PFMSDLASTKMKWSPRIKFLDLCVALDVNCEALSLVSHIVKWKREEHYIVLSSELRLSHTRTHEPMVEERVVSTSDAVDN
FMRQIYFESYVRSFVATTRTLGSFTWFPHKTSVPEGEGLQRLGPFSSFVEKAIHKGIERPMFKHDLMMGYAWIDFDIEPA
RFNHNQLIASGLVGPRFDSLEDFFDAVESLPPGSAKLSQTVRFRIKSQDASFKESFAIHLDYTGSINQQTKYLVHEVSAM
YSGAVSPCVLSDCWRLVLSGPTFKGKSAWYVDTEIVNEFLTDTNQLGHVTPVEIVVDMEKLQFTEYDFVLVGPCVEPVPL
VVHRSGLWECDKKLASFTPVVQDQDLEMFVKEVGDSSLDLLIGALSAMILDRLKLRMQWSEVDIVSMLKAAMPSNSVKVL
NAVLEAVDDWVDFKGYALCYSKSRKKVMVHSSGGKLRLKGRTCEELVKEDEGIEDIE
;
L
2 'polyribonucleotide' GCCUAGGAU E
3 'polyribonucleotide' GGGAUCCUAGGC D
#
loop_
_chem_comp.id
_chem_comp.type
_chem_comp.name
_chem_comp.formula
A RNA linking ADENOSINE-5'-MONOPHOSPHATE 'C10 H14 N5 O7 P'
C RNA linking CYTIDINE-5'-MONOPHOSPHATE 'C9 H14 N3 O8 P'
G RNA linking GUANOSINE-5'-MONOPHOSPHATE 'C10 H14 N5 O8 P'
U RNA linking URIDINE-5'-MONOPHOSPHATE 'C9 H13 N2 O9 P'
ZN non-polymer 'ZINC ION' 'Zn 2'
#
# COMPACT_ATOMS: atom_id res chain seq x y z
N MET A 1 -10.37 -26.48 -35.09
CA MET A 1 -8.92 -26.48 -34.93
C MET A 1 -8.22 -26.40 -36.29
N GLU A 2 -8.91 -26.87 -37.33
CA GLU A 2 -8.37 -26.79 -38.69
C GLU A 2 -8.16 -25.34 -39.11
N ASP A 3 -9.07 -24.45 -38.69
CA ASP A 3 -8.91 -23.03 -38.98
C ASP A 3 -7.59 -22.49 -38.42
N ASP A 4 -7.13 -23.03 -37.30
CA ASP A 4 -5.87 -22.58 -36.71
C ASP A 4 -4.71 -22.83 -37.67
N MET A 5 -4.53 -24.10 -38.08
CA MET A 5 -3.46 -24.41 -39.02
C MET A 5 -3.64 -23.66 -40.32
N ALA A 6 -4.89 -23.49 -40.77
CA ALA A 6 -5.17 -22.72 -41.97
C ALA A 6 -4.61 -21.31 -41.87
N CYS A 7 -5.00 -20.57 -40.83
CA CYS A 7 -4.59 -19.18 -40.72
C CYS A 7 -3.10 -19.05 -40.51
N VAL A 8 -2.49 -19.95 -39.71
CA VAL A 8 -1.05 -19.85 -39.52
C VAL A 8 -0.30 -20.19 -40.82
N LYS A 9 -0.86 -21.09 -41.63
CA LYS A 9 -0.27 -21.35 -42.94
C LYS A 9 -0.37 -20.12 -43.84
N ASP A 10 -1.51 -19.43 -43.78
CA ASP A 10 -1.65 -18.18 -44.52
C ASP A 10 -0.59 -17.17 -44.09
N LEU A 11 -0.40 -17.00 -42.77
CA LEU A 11 0.60 -16.07 -42.28
C LEU A 11 2.00 -16.44 -42.77
N VAL A 12 2.40 -17.70 -42.58
CA VAL A 12 3.75 -18.09 -42.95
C VAL A 12 3.96 -18.02 -44.46
N SER A 13 2.89 -18.17 -45.24
CA SER A 13 3.01 -17.95 -46.69
C SER A 13 3.17 -16.47 -47.00
N LYS A 14 2.48 -15.60 -46.26
CA LYS A 14 2.48 -14.18 -46.57
C LYS A 14 3.71 -13.49 -46.01
N TYR A 15 3.88 -13.49 -44.69
CA TYR A 15 4.81 -12.61 -44.01
C TYR A 15 6.25 -13.14 -44.00
N LEU A 16 6.48 -14.32 -44.57
CA LEU A 16 7.84 -14.84 -44.68
C LEU A 16 8.61 -14.06 -45.74
N ALA A 17 9.80 -13.58 -45.37
CA ALA A 17 10.61 -12.78 -46.28
C ALA A 17 11.05 -13.65 -47.46
N ASP A 18 11.11 -13.04 -48.64
CA ASP A 18 11.48 -13.76 -49.85
C ASP A 18 12.94 -14.21 -49.76
N ASN A 19 13.15 -15.52 -49.72
CA ASN A 19 14.48 -16.10 -49.83
C ASN A 19 14.31 -17.55 -50.24
N GLU A 20 14.86 -17.92 -51.41
CA GLU A 20 14.74 -19.29 -51.90
C GLU A 20 15.36 -20.31 -50.95
N ARG A 21 16.23 -19.88 -50.04
CA ARG A 21 16.85 -20.83 -49.12
C ARG A 21 15.89 -21.31 -48.05
N LEU A 22 14.76 -20.63 -47.89
CA LEU A 22 13.70 -21.11 -47.02
C LEU A 22 12.63 -21.88 -47.79
N SER A 23 12.71 -21.89 -49.13
CA SER A 23 11.63 -22.45 -49.92
C SER A 23 11.41 -23.94 -49.63
N ARG A 24 12.50 -24.69 -49.50
CA ARG A 24 12.41 -26.15 -49.43
C ARG A 24 11.56 -26.58 -48.25
N GLN A 25 11.97 -26.21 -47.03
CA GLN A 25 11.16 -26.57 -45.87
C GLN A 25 9.78 -25.95 -45.97
N LYS A 26 9.69 -24.75 -46.57
CA LYS A 26 8.40 -24.14 -46.84
C LYS A 26 7.48 -25.14 -47.52
N LEU A 27 7.95 -25.74 -48.62
CA LEU A 27 7.16 -26.73 -49.31
C LEU A 27 6.82 -27.87 -48.36
N ALA A 28 7.83 -28.40 -47.67
CA ALA A 28 7.62 -29.54 -46.80
C ALA A 28 6.60 -29.24 -45.71
N PHE A 29 6.40 -27.97 -45.37
CA PHE A 29 5.40 -27.64 -44.36
C PHE A 29 4.03 -27.33 -44.94
N LEU A 30 3.97 -26.77 -46.15
CA LEU A 30 2.70 -26.37 -46.75
C LEU A 30 1.92 -27.52 -47.37
N VAL A 31 2.30 -28.77 -47.11
CA VAL A 31 1.63 -29.90 -47.76
C VAL A 31 1.12 -30.94 -46.78
N GLN A 32 1.65 -31.04 -45.56
CA GLN A 32 1.23 -32.10 -44.66
C GLN A 32 -0.19 -31.85 -44.17
N THR A 33 -0.80 -32.90 -43.60
CA THR A 33 -2.10 -32.78 -42.97
C THR A 33 -2.10 -33.46 -41.61
N GLU A 34 -1.27 -34.48 -41.46
CA GLU A 34 -1.14 -35.16 -40.18
C GLU A 34 -0.53 -34.22 -39.14
N PRO A 35 -1.11 -34.13 -37.93
CA PRO A 35 -0.59 -33.21 -36.90
C PRO A 35 0.91 -33.36 -36.66
N ARG A 36 1.34 -34.59 -36.35
CA ARG A 36 2.74 -34.84 -36.03
C ARG A 36 3.66 -34.35 -37.13
N MET A 37 3.28 -34.58 -38.39
CA MET A 37 4.03 -34.06 -39.51
C MET A 37 4.16 -32.54 -39.45
N LEU A 38 3.04 -31.85 -39.19
CA LEU A 38 3.06 -30.40 -39.15
C LEU A 38 3.97 -29.90 -38.04
N LEU A 39 3.88 -30.51 -36.85
CA LEU A 39 4.74 -30.09 -35.75
C LEU A 39 6.23 -30.29 -36.10
N MET A 40 6.57 -31.47 -36.63
CA MET A 40 7.96 -31.73 -37.01
C MET A 40 8.45 -30.69 -38.02
N GLU A 41 7.68 -30.47 -39.09
CA GLU A 41 8.13 -29.55 -40.13
C GLU A 41 8.23 -28.13 -39.60
N GLY A 42 7.31 -27.72 -38.73
CA GLY A 42 7.36 -26.37 -38.19
C GLY A 42 8.56 -26.17 -37.28
N LEU A 43 8.83 -27.13 -36.40
CA LEU A 43 10.01 -27.03 -35.54
C LEU A 43 11.30 -27.03 -36.36
N LYS A 44 11.36 -27.85 -37.42
CA LYS A 44 12.54 -27.84 -38.28
C LYS A 44 12.69 -26.50 -38.99
N LEU A 45 11.57 -25.92 -39.43
CA LEU A 45 11.61 -24.59 -40.05
C LEU A 45 12.14 -23.55 -39.08
N LEU A 46 11.63 -23.56 -37.84
CA LEU A 46 12.07 -22.59 -36.85
C LEU A 46 13.56 -22.73 -36.57
N SER A 47 14.02 -23.97 -36.35
CA SER A 47 15.45 -24.19 -36.11
C SER A 47 16.29 -23.77 -37.31
N LEU A 48 15.77 -23.97 -38.53
CA LEU A 48 16.49 -23.54 -39.72
C LEU A 48 16.61 -22.03 -39.76
N CYS A 49 15.51 -21.32 -39.47
CA CYS A 49 15.56 -19.86 -39.41
C CYS A 49 16.56 -19.39 -38.37
N ILE A 50 16.55 -20.03 -37.19
CA ILE A 50 17.48 -19.65 -36.13
C ILE A 50 18.92 -19.80 -36.60
N GLU A 51 19.26 -20.97 -37.16
CA GLU A 51 20.63 -21.20 -37.57
C GLU A 51 21.04 -20.29 -38.72
N ILE A 52 20.11 -19.98 -39.63
CA ILE A 52 20.40 -19.04 -40.70
C ILE A 52 20.74 -17.67 -40.13
N ASP A 53 19.88 -17.17 -39.23
CA ASP A 53 20.12 -15.86 -38.63
C ASP A 53 21.45 -15.85 -37.88
N SER A 54 21.78 -16.95 -37.20
CA SER A 54 23.03 -17.01 -36.45
C SER A 54 24.22 -16.97 -37.39
N CYS A 55 24.23 -17.81 -38.42
CA CYS A 55 25.34 -17.83 -39.36
C CYS A 55 25.49 -16.50 -40.09
N ASN A 56 24.38 -15.80 -40.34
CA ASN A 56 24.49 -14.46 -40.91
C ASN A 56 25.13 -13.49 -39.91
N ALA A 57 24.65 -13.51 -38.67
CA ALA A 57 25.12 -12.55 -37.67
C ALA A 57 26.57 -12.81 -37.26
N ASN A 58 27.08 -14.02 -37.49
CA ASN A 58 28.47 -14.33 -37.14
C ASN A 58 29.42 -14.16 -38.30
N GLY A 59 28.99 -14.49 -39.52
CA GLY A 59 29.83 -14.31 -40.70
C GLY A 59 30.37 -15.61 -41.26
N CYS A 60 29.58 -16.68 -41.17
CA CYS A 60 29.92 -17.97 -41.75
C CYS A 60 28.81 -18.39 -42.70
N GLU A 61 29.20 -18.78 -43.92
CA GLU A 61 28.22 -19.16 -44.92
C GLU A 61 27.48 -20.43 -44.50
N HIS A 62 26.22 -20.53 -44.91
CA HIS A 62 25.32 -21.55 -44.41
C HIS A 62 25.53 -22.86 -45.18
N ASN A 63 25.90 -23.91 -44.46
CA ASN A 63 25.92 -25.26 -45.04
C ASN A 63 24.48 -25.70 -45.24
N SER A 64 24.01 -25.60 -46.49
CA SER A 64 22.60 -25.82 -46.78
C SER A 64 22.29 -27.31 -46.97
N GLU A 65 23.01 -27.97 -47.87
CA GLU A 65 22.71 -29.37 -48.20
C GLU A 65 23.14 -30.36 -47.12
N ASP A 66 23.63 -29.90 -45.97
CA ASP A 66 23.96 -30.77 -44.84
C ASP A 66 25.07 -31.75 -45.23
N LYS A 67 26.20 -31.18 -45.67
CA LYS A 67 27.34 -31.99 -46.06
C LYS A 67 28.02 -32.58 -44.82
N SER A 68 29.14 -33.27 -45.05
CA SER A 68 29.98 -33.77 -43.98
C SER A 68 31.38 -33.17 -44.09
N VAL A 69 32.00 -32.94 -42.93
CA VAL A 69 33.30 -32.27 -42.87
C VAL A 69 34.35 -32.99 -43.72
N GLU A 70 34.33 -34.32 -43.77
CA GLU A 70 35.19 -35.02 -44.71
C GLU A 70 34.92 -34.54 -46.15
N ARG A 71 33.67 -34.64 -46.59
CA ARG A 71 33.32 -34.12 -47.92
C ARG A 71 33.60 -32.63 -48.02
N ILE A 72 33.25 -31.86 -46.98
CA ILE A 72 33.44 -30.42 -46.98
C ILE A 72 34.89 -30.05 -47.24
N LEU A 73 35.82 -30.88 -46.78
CA LEU A 73 37.24 -30.63 -46.98
C LEU A 73 37.75 -31.20 -48.30
N HIS A 74 37.28 -32.39 -48.67
CA HIS A 74 37.80 -33.05 -49.87
C HIS A 74 37.32 -32.38 -51.15
N ASP A 75 36.09 -31.86 -51.16
CA ASP A 75 35.64 -31.07 -52.31
C ASP A 75 36.25 -29.67 -52.34
N HIS A 76 37.00 -29.28 -51.29
CA HIS A 76 37.72 -28.03 -51.29
C HIS A 76 39.18 -28.20 -51.70
N GLY A 77 39.61 -29.43 -52.00
CA GLY A 77 40.96 -29.67 -52.49
C GLY A 77 41.97 -29.87 -51.39
N ILE A 78 41.75 -30.89 -50.55
CA ILE A 78 42.69 -31.28 -49.51
C ILE A 78 42.50 -32.77 -49.25
N LEU A 79 43.43 -33.37 -48.50
CA LEU A 79 43.41 -34.78 -48.19
C LEU A 79 42.96 -34.97 -46.74
N THR A 80 42.04 -35.90 -46.54
CA THR A 80 41.54 -36.24 -45.20
C THR A 80 41.53 -37.75 -45.06
N PRO A 81 42.27 -38.31 -44.09
CA PRO A 81 42.36 -39.77 -43.98
C PRO A 81 41.02 -40.43 -43.66
N SER A 82 40.43 -40.08 -42.52
CA SER A 82 39.17 -40.64 -42.07
C SER A 82 38.68 -39.88 -40.85
N LEU A 83 37.37 -39.65 -40.77
CA LEU A 83 36.76 -38.94 -39.67
C LEU A 83 35.51 -39.68 -39.21
N CYS A 84 35.03 -39.31 -38.02
CA CYS A 84 33.72 -39.74 -37.56
C CYS A 84 32.64 -38.78 -38.06
N PHE A 85 31.49 -39.35 -38.42
CA PHE A 85 30.46 -38.59 -39.12
C PHE A 85 29.85 -37.54 -38.19
N VAL A 86 30.04 -36.27 -38.52
CA VAL A 86 29.47 -35.16 -37.78
C VAL A 86 28.78 -34.23 -38.78
N VAL A 87 27.73 -33.56 -38.31
CA VAL A 87 26.98 -32.65 -39.18
C VAL A 87 27.10 -31.23 -38.65
N PRO A 88 27.78 -30.34 -39.38
CA PRO A 88 27.89 -28.95 -38.95
C PRO A 88 26.70 -28.12 -39.42
N ASP A 89 26.47 -27.02 -38.71
CA ASP A 89 25.42 -26.07 -39.03
C ASP A 89 25.99 -24.79 -39.66
N GLY A 90 27.14 -24.90 -40.30
CA GLY A 90 27.83 -23.76 -40.88
C GLY A 90 29.32 -23.89 -40.64
N TYR A 91 30.10 -23.26 -41.52
CA TYR A 91 31.56 -23.34 -41.43
C TYR A 91 32.15 -22.24 -42.31
N LYS A 92 33.49 -22.14 -42.25
CA LYS A 92 34.25 -21.22 -43.08
C LYS A 92 35.73 -21.59 -42.99
N LEU A 93 36.46 -21.27 -44.05
CA LEU A 93 37.89 -21.49 -44.11
C LEU A 93 38.60 -20.15 -44.31
N THR A 94 39.79 -20.02 -43.71
CA THR A 94 40.65 -18.86 -43.93
C THR A 94 42.09 -19.37 -43.93
N GLY A 95 42.67 -19.47 -45.12
CA GLY A 95 44.02 -19.99 -45.23
C GLY A 95 44.12 -21.37 -44.60
N ASN A 96 44.99 -21.51 -43.61
CA ASN A 96 45.24 -22.78 -42.95
C ASN A 96 44.42 -22.96 -41.67
N VAL A 97 43.45 -22.08 -41.40
CA VAL A 97 42.63 -22.21 -40.21
C VAL A 97 41.17 -22.31 -40.61
N LEU A 98 40.38 -22.91 -39.73
CA LEU A 98 38.98 -23.23 -40.00
C LEU A 98 38.13 -22.71 -38.86
N ILE A 99 36.88 -22.36 -39.17
CA ILE A 99 35.91 -21.90 -38.19
C ILE A 99 34.63 -22.68 -38.39
N LEU A 100 34.13 -23.29 -37.32
CA LEU A 100 32.86 -24.00 -37.33
C LEU A 100 31.84 -23.23 -36.51
N LEU A 101 30.66 -23.83 -36.34
CA LEU A 101 29.57 -23.16 -35.63
C LEU A 101 28.54 -24.21 -35.26
N GLU A 102 27.76 -23.90 -34.22
CA GLU A 102 26.62 -24.71 -33.81
C GLU A 102 25.78 -23.91 -32.84
N CYS A 103 24.46 -23.96 -33.04
CA CYS A 103 23.54 -23.16 -32.24
C CYS A 103 22.33 -24.01 -31.87
N PHE A 104 21.61 -23.57 -30.85
CA PHE A 104 20.43 -24.27 -30.34
C PHE A 104 19.69 -23.28 -29.44
N VAL A 105 18.65 -23.77 -28.76
CA VAL A 105 17.86 -22.96 -27.82
C VAL A 105 17.56 -23.81 -26.60
N ARG A 106 17.92 -23.29 -25.42
CA ARG A 106 17.54 -23.88 -24.15
C ARG A 106 17.15 -22.78 -23.18
N SER A 107 16.09 -23.02 -22.42
CA SER A 107 15.49 -22.01 -21.55
C SER A 107 15.72 -22.32 -20.08
N SER A 108 16.67 -23.18 -19.77
CA SER A 108 16.98 -23.52 -18.38
C SER A 108 18.49 -23.68 -18.22
N PRO A 109 19.13 -22.90 -17.34
CA PRO A 109 20.58 -23.00 -17.18
C PRO A 109 21.08 -24.39 -16.81
N ALA A 110 20.22 -25.22 -16.21
CA ALA A 110 20.61 -26.60 -15.92
C ALA A 110 20.78 -27.41 -17.21
N ASN A 111 19.79 -27.38 -18.08
CA ASN A 111 19.83 -28.08 -19.36
C ASN A 111 20.54 -27.29 -20.46
N PHE A 112 21.32 -26.28 -20.09
CA PHE A 112 22.03 -25.48 -21.09
C PHE A 112 23.45 -26.00 -21.30
N GLU A 113 24.26 -26.02 -20.24
CA GLU A 113 25.67 -26.35 -20.36
C GLU A 113 25.89 -27.75 -20.93
N GLN A 114 24.89 -28.64 -20.81
CA GLN A 114 25.05 -30.01 -21.30
C GLN A 114 25.37 -30.02 -22.79
N LYS A 115 24.54 -29.35 -23.59
CA LYS A 115 24.79 -29.27 -25.03
C LYS A 115 26.14 -28.63 -25.31
N TYR A 116 26.51 -27.62 -24.52
CA TYR A 116 27.80 -26.95 -24.69
C TYR A 116 28.94 -27.96 -24.57
N ILE A 117 29.00 -28.67 -23.44
CA ILE A 117 30.12 -29.59 -23.21
C ILE A 117 30.07 -30.74 -24.21
N GLU A 118 28.87 -31.20 -24.58
CA GLU A 118 28.77 -32.28 -25.55
C GLU A 118 29.32 -31.85 -26.91
N ASP A 119 28.98 -30.64 -27.35
CA ASP A 119 29.50 -30.15 -28.62
C ASP A 119 31.01 -29.95 -28.54
N PHE A 120 31.50 -29.45 -27.40
CA PHE A 120 32.94 -29.23 -27.26
C PHE A 120 33.70 -30.54 -27.32
N LYS A 121 33.20 -31.61 -26.67
CA LYS A 121 33.89 -32.88 -26.74
C LYS A 121 33.78 -33.50 -28.13
N LYS A 122 32.61 -33.37 -28.77
CA LYS A 122 32.47 -33.88 -30.14
C LYS A 122 33.38 -33.14 -31.11
N LEU A 123 33.72 -31.89 -30.81
CA LEU A 123 34.63 -31.16 -31.69
C LEU A 123 36.09 -31.48 -31.40
N GLU A 124 36.48 -31.58 -30.13
CA GLU A 124 37.87 -31.89 -29.82
C GLU A 124 38.22 -33.30 -30.27
N GLN A 125 37.27 -34.25 -30.16
CA GLN A 125 37.55 -35.62 -30.58
C GLN A 125 37.78 -35.74 -32.09
N LEU A 126 37.47 -34.69 -32.86
CA LEU A 126 37.84 -34.62 -34.26
C LEU A 126 39.05 -33.74 -34.50
N LYS A 127 39.21 -32.69 -33.68
CA LYS A 127 40.40 -31.84 -33.77
C LYS A 127 41.66 -32.65 -33.51
N GLU A 128 41.60 -33.59 -32.56
CA GLU A 128 42.76 -34.43 -32.27
C GLU A 128 43.24 -35.17 -33.52
N ASP A 129 42.30 -35.63 -34.34
CA ASP A 129 42.68 -36.31 -35.59
C ASP A 129 43.10 -35.30 -36.65
N LEU A 130 42.43 -34.15 -36.71
CA LEU A 130 42.72 -33.16 -37.74
C LEU A 130 44.11 -32.56 -37.57
N LYS A 131 44.62 -32.52 -36.34
CA LYS A 131 45.88 -31.85 -36.06
C LYS A 131 47.04 -32.38 -36.90
N SER A 132 46.94 -33.61 -37.40
CA SER A 132 48.04 -34.29 -38.07
C SER A 132 48.08 -34.04 -39.57
N VAL A 133 47.45 -32.97 -40.04
CA VAL A 133 47.47 -32.62 -41.45
C VAL A 133 47.92 -31.17 -41.58
N ASP A 134 48.33 -30.59 -40.45
CA ASP A 134 48.74 -29.19 -40.34
C ASP A 134 47.57 -28.27 -40.75
N ILE A 135 46.54 -28.33 -39.92
CA ILE A 135 45.36 -27.46 -40.04
C ILE A 135 44.83 -27.21 -38.65
N ASN A 136 44.59 -25.93 -38.33
CA ASN A 136 44.07 -25.55 -37.02
C ASN A 136 42.55 -25.50 -37.05
N LEU A 137 41.93 -26.04 -36.00
CA LEU A 137 40.49 -25.98 -35.80
C LEU A 137 40.17 -25.01 -34.66
N ILE A 138 39.11 -24.24 -34.83
CA ILE A 138 38.64 -23.34 -33.79
C ILE A 138 37.17 -23.66 -33.51
N PRO A 139 36.85 -24.28 -32.37
CA PRO A 139 35.47 -24.72 -32.12
C PRO A 139 34.57 -23.63 -31.57
N LEU A 140 33.98 -22.83 -32.44
CA LEU A 140 32.99 -21.84 -32.01
C LEU A 140 31.69 -22.54 -31.59
N ILE A 141 31.02 -21.95 -30.60
CA ILE A 141 29.70 -22.39 -30.16
C ILE A 141 28.85 -21.15 -29.89
N ASP A 142 27.56 -21.25 -30.21
CA ASP A 142 26.61 -20.17 -29.97
C ASP A 142 25.40 -20.73 -29.24
N GLY A 143 24.85 -19.94 -28.31
CA GLY A 143 23.88 -20.47 -27.37
C GLY A 143 22.61 -19.66 -27.18
N ARG A 144 22.05 -19.12 -28.27
CA ARG A 144 20.84 -18.31 -28.18
C ARG A 144 19.78 -19.00 -27.32
N THR A 145 19.05 -18.20 -26.55
CA THR A 145 18.09 -18.71 -25.58
C THR A 145 16.65 -18.37 -25.92
N SER A 146 16.38 -18.00 -27.17
CA SER A 146 15.03 -17.63 -27.57
C SER A 146 14.84 -17.89 -29.07
N PHE A 147 13.63 -18.31 -29.44
CA PHE A 147 13.30 -18.54 -30.84
C PHE A 147 12.85 -17.27 -31.55
N TYR A 148 13.03 -16.11 -30.94
CA TYR A 148 12.66 -14.83 -31.55
C TYR A 148 13.72 -14.47 -32.59
N ASN A 149 13.50 -14.89 -33.83
CA ASN A 149 14.45 -14.66 -34.90
C ASN A 149 14.29 -13.24 -35.44
N GLU A 150 14.91 -12.95 -36.59
CA GLU A 150 14.90 -11.63 -37.16
C GLU A 150 14.22 -11.55 -38.53
N GLN A 151 14.16 -12.66 -39.26
CA GLN A 151 13.47 -12.70 -40.55
C GLN A 151 11.96 -12.87 -40.41
N ILE A 152 11.42 -12.71 -39.22
CA ILE A 152 10.02 -13.02 -38.94
C ILE A 152 9.46 -12.01 -37.95
N PRO A 153 8.32 -11.39 -38.24
CA PRO A 153 7.64 -10.57 -37.24
C PRO A 153 7.28 -11.40 -36.01
N ASP A 154 7.61 -10.86 -34.83
CA ASP A 154 7.57 -11.65 -33.60
C ASP A 154 6.16 -12.10 -33.26
N TRP A 155 5.15 -11.29 -33.57
CA TRP A 155 3.78 -11.67 -33.25
C TRP A 155 3.37 -12.91 -34.04
N VAL A 156 3.77 -13.00 -35.30
CA VAL A 156 3.63 -14.24 -36.06
C VAL A 156 4.39 -15.37 -35.38
N ASN A 157 5.57 -15.07 -34.85
CA ASN A 157 6.39 -16.10 -34.23
C ASN A 157 5.66 -16.77 -33.07
N ASP A 158 5.16 -15.98 -32.11
CA ASP A 158 4.50 -16.63 -30.99
C ASP A 158 3.11 -17.13 -31.37
N LYS A 159 2.44 -16.50 -32.34
CA LYS A 159 1.17 -17.02 -32.84
C LYS A 159 1.37 -18.40 -33.46
N LEU A 160 2.56 -18.68 -33.99
CA LEU A 160 2.88 -20.01 -34.48
C LEU A 160 3.28 -20.94 -33.33
N ARG A 161 4.08 -20.43 -32.39
CA ARG A 161 4.56 -21.26 -31.29
C ARG A 161 3.40 -21.82 -30.46
N ASP A 162 2.43 -20.98 -30.13
CA ASP A 162 1.37 -21.42 -29.23
C ASP A 162 0.43 -22.39 -29.92
N THR A 163 0.12 -22.15 -31.21
CA THR A 163 -0.72 -23.10 -31.93
C THR A 163 -0.01 -24.44 -32.11
N LEU A 164 1.31 -24.41 -32.31
CA LEU A 164 2.06 -25.67 -32.36
C LEU A 164 1.97 -26.39 -31.02
N PHE A 165 2.15 -25.67 -29.91
CA PHE A 165 2.07 -26.31 -28.60
C PHE A 165 0.69 -26.90 -28.37
N SER A 166 -0.36 -26.21 -28.85
CA SER A 166 -1.71 -26.71 -28.64
C SER A 166 -1.93 -27.98 -29.46
N LEU A 167 -1.54 -27.96 -30.73
CA LEU A 167 -1.67 -29.17 -31.54
C LEU A 167 -0.88 -30.31 -30.91
N LEU A 168 0.29 -29.98 -30.34
CA LEU A 168 1.14 -30.96 -29.67
C LEU A 168 0.51 -31.46 -28.38
N ARG A 169 -0.51 -30.77 -27.87
CA ARG A 169 -1.10 -31.07 -26.57
C ARG A 169 -2.19 -32.12 -26.65
N TYR A 170 -2.14 -32.99 -27.66
CA TYR A 170 -3.04 -34.13 -27.74
C TYR A 170 -2.57 -35.21 -26.77
N ALA A 171 -3.38 -35.47 -25.73
CA ALA A 171 -2.95 -36.34 -24.64
C ALA A 171 -2.56 -37.72 -25.15
N GLN A 172 -3.49 -38.38 -25.87
CA GLN A 172 -3.23 -39.72 -26.37
C GLN A 172 -2.04 -39.72 -27.32
N GLU A 173 -1.95 -38.72 -28.20
CA GLU A 173 -0.83 -38.65 -29.14
C GLU A 173 0.48 -38.45 -28.40
N SER A 174 0.53 -37.46 -27.51
CA SER A 174 1.75 -37.22 -26.73
C SER A 174 2.21 -38.48 -26.02
N ASN A 175 1.26 -39.17 -25.36
CA ASN A 175 1.60 -40.43 -24.70
C ASN A 175 2.15 -41.45 -25.70
N SER A 176 1.33 -41.87 -26.66
CA SER A 176 1.77 -42.85 -27.65
C SER A 176 2.51 -42.19 -28.81
N LEU A 177 3.45 -41.31 -28.51
CA LEU A 177 4.45 -40.92 -29.50
C LEU A 177 5.87 -40.96 -28.93
N PHE A 178 6.05 -40.61 -27.66
CA PHE A 178 7.38 -40.48 -27.08
C PHE A 178 7.28 -40.74 -25.57
N GLU A 179 8.35 -40.42 -24.86
CA GLU A 179 8.45 -40.59 -23.42
C GLU A 179 8.35 -39.24 -22.73
N GLU A 180 8.57 -39.22 -21.41
CA GLU A 180 8.42 -37.98 -20.65
C GLU A 180 9.60 -37.04 -20.79
N SER A 181 10.78 -37.54 -21.14
CA SER A 181 11.97 -36.69 -21.17
C SER A 181 11.85 -35.65 -22.29
N GLU A 182 11.68 -36.11 -23.53
CA GLU A 182 11.57 -35.18 -24.65
C GLU A 182 10.28 -34.38 -24.59
N TYR A 183 9.20 -34.97 -24.07
CA TYR A 183 7.98 -34.20 -23.80
C TYR A 183 8.27 -33.01 -22.91
N SER A 184 8.94 -33.25 -21.78
CA SER A 184 9.25 -32.17 -20.84
C SER A 184 10.22 -31.16 -21.46
N ARG A 185 11.13 -31.62 -22.31
CA ARG A 185 12.04 -30.68 -22.98
C ARG A 185 11.28 -29.79 -23.96
N LEU A 186 10.33 -30.37 -24.71
CA LEU A 186 9.62 -29.61 -25.72
C LEU A 186 8.62 -28.63 -25.11
N CYS A 187 7.86 -29.06 -24.10
CA CYS A 187 6.81 -28.19 -23.55
C CYS A 187 7.41 -26.92 -22.96
N GLU A 188 8.59 -27.01 -22.34
CA GLU A 188 9.26 -25.83 -21.82
C GLU A 188 10.03 -25.06 -22.89
N SER A 189 10.01 -25.50 -24.14
CA SER A 189 10.62 -24.73 -25.21
C SER A 189 9.67 -23.69 -25.80
N LEU A 190 8.38 -24.04 -25.90
CA LEU A 190 7.36 -23.08 -26.31
C LEU A 190 6.71 -22.43 -25.09
N SER A 191 7.53 -21.68 -24.36
CA SER A 191 7.18 -21.19 -23.03
C SER A 191 6.38 -19.90 -23.06
N MET A 192 6.14 -19.33 -24.23
CA MET A 192 5.43 -18.06 -24.38
C MET A 192 6.14 -16.96 -23.60
N THR A 193 7.40 -16.75 -23.98
CA THR A 193 8.23 -15.73 -23.34
C THR A 193 7.64 -14.34 -23.58
N SER A 194 7.90 -13.43 -22.63
CA SER A 194 7.41 -12.07 -22.70
C SER A 194 8.00 -11.29 -23.88
N GLY A 195 9.06 -11.79 -24.50
CA GLY A 195 9.64 -11.14 -25.65
C GLY A 195 10.40 -9.87 -25.30
N ARG A 196 10.64 -9.07 -26.35
CA ARG A 196 11.46 -7.87 -26.22
C ARG A 196 10.73 -6.58 -26.60
N LEU A 197 9.45 -6.65 -27.00
CA LEU A 197 8.72 -5.46 -27.40
C LEU A 197 7.65 -5.12 -26.37
N SER A 198 6.82 -4.13 -26.69
CA SER A 198 5.85 -3.59 -25.75
C SER A 198 4.83 -4.62 -25.29
N GLY A 199 3.97 -5.07 -26.20
CA GLY A 199 2.94 -6.01 -25.82
C GLY A 199 1.57 -5.67 -26.38
N VAL A 200 1.50 -4.63 -27.20
CA VAL A 200 0.24 -4.25 -27.85
C VAL A 200 0.23 -4.55 -29.35
N GLU A 201 1.40 -4.62 -30.00
CA GLU A 201 1.44 -4.97 -31.42
C GLU A 201 0.71 -6.28 -31.74
N SER A 202 0.52 -7.14 -30.74
CA SER A 202 -0.30 -8.33 -30.91
C SER A 202 -1.69 -8.04 -31.44
N LEU A 203 -2.13 -6.77 -31.38
CA LEU A 203 -3.37 -6.38 -32.05
C LEU A 203 -3.44 -6.90 -33.48
N ASN A 204 -2.30 -7.03 -34.15
CA ASN A 204 -2.37 -7.47 -35.54
C ASN A 204 -2.70 -8.96 -35.71
N VAL A 205 -3.08 -9.69 -34.66
CA VAL A 205 -3.55 -11.07 -34.82
C VAL A 205 -5.07 -11.14 -34.92
N LEU A 206 -5.75 -9.99 -34.94
CA LEU A 206 -7.21 -9.94 -34.93
C LEU A 206 -7.70 -9.09 -36.09
N LEU A 207 -8.98 -9.29 -36.43
CA LEU A 207 -9.58 -8.60 -37.56
C LEU A 207 -9.57 -7.08 -37.36
N ASP A 208 -9.93 -6.37 -38.43
CA ASP A 208 -10.15 -4.92 -38.33
C ASP A 208 -11.56 -4.60 -37.85
N ASN A 209 -12.56 -4.94 -38.66
CA ASN A 209 -13.98 -4.66 -38.38
C ASN A 209 -14.20 -3.24 -37.90
N ARG A 210 -13.86 -2.28 -38.76
CA ARG A 210 -13.90 -0.85 -38.47
C ARG A 210 -14.75 -0.12 -39.50
N SER A 211 -15.96 -0.61 -39.70
CA SER A 211 -16.70 -0.36 -40.95
C SER A 211 -16.93 1.12 -41.23
N SER A 212 -17.79 1.77 -40.46
CA SER A 212 -18.18 3.12 -40.85
C SER A 212 -18.08 4.15 -39.73
N HIS A 213 -18.46 3.78 -38.50
CA HIS A 213 -18.51 4.73 -37.40
C HIS A 213 -17.13 5.25 -37.01
N TYR A 214 -16.05 4.61 -37.45
CA TYR A 214 -14.70 4.98 -37.04
C TYR A 214 -14.07 6.03 -37.95
N GLU A 215 -14.73 6.39 -39.05
CA GLU A 215 -14.14 7.26 -40.05
C GLU A 215 -14.34 8.74 -39.71
N GLU A 216 -15.60 9.17 -39.62
CA GLU A 216 -15.91 10.57 -39.37
C GLU A 216 -15.24 11.09 -38.09
N ILE A 217 -15.02 10.23 -37.10
CA ILE A 217 -14.31 10.65 -35.90
C ILE A 217 -12.89 11.11 -36.25
N ILE A 218 -12.15 10.25 -36.98
CA ILE A 218 -10.80 10.60 -37.39
C ILE A 218 -10.82 11.84 -38.27
N ALA A 219 -11.80 11.93 -39.17
CA ALA A 219 -11.88 13.09 -40.05
C ALA A 219 -12.02 14.38 -39.23
N SER A 220 -13.02 14.42 -38.34
CA SER A 220 -13.21 15.58 -37.47
C SER A 220 -11.94 15.90 -36.70
N CYS A 221 -11.32 14.90 -36.08
CA CYS A 221 -10.05 15.11 -35.39
C CYS A 221 -8.94 15.58 -36.32
N HIS A 222 -9.12 15.44 -37.64
CA HIS A 222 -8.08 15.85 -38.59
C HIS A 222 -8.57 16.92 -39.56
N GLN A 223 -9.75 17.48 -39.37
CA GLN A 223 -10.36 18.30 -40.41
C GLN A 223 -9.84 19.75 -40.37
N GLY A 224 -10.15 20.48 -39.30
CA GLY A 224 -9.84 21.89 -39.26
C GLY A 224 -8.41 22.24 -38.96
N ILE A 225 -7.63 21.29 -38.47
CA ILE A 225 -6.31 21.58 -37.93
C ILE A 225 -5.29 21.64 -39.07
N ASN A 226 -4.25 22.44 -38.87
CA ASN A 226 -3.20 22.64 -39.87
C ASN A 226 -1.86 22.49 -39.16
N ASN A 227 -1.38 21.27 -39.05
CA ASN A 227 -0.18 20.95 -38.26
C ASN A 227 1.07 20.90 -39.15
N LYS A 228 1.32 21.97 -39.91
CA LYS A 228 2.49 22.02 -40.77
C LYS A 228 3.18 23.38 -40.78
N LEU A 229 2.76 24.31 -39.94
CA LEU A 229 3.16 25.71 -40.11
C LEU A 229 4.62 25.89 -39.75
N THR A 230 5.29 26.77 -40.50
CA THR A 230 6.72 27.00 -40.32
C THR A 230 7.00 27.61 -38.94
N ALA A 231 8.28 27.70 -38.61
CA ALA A 231 8.69 28.26 -37.33
C ALA A 231 8.31 29.74 -37.23
N HIS A 232 8.86 30.55 -38.15
CA HIS A 232 8.67 32.00 -38.08
C HIS A 232 7.19 32.38 -38.02
N GLU A 233 6.35 31.64 -38.74
CA GLU A 233 4.95 32.05 -38.93
C GLU A 233 4.24 32.30 -37.61
N VAL A 234 4.48 31.44 -36.62
CA VAL A 234 3.66 31.47 -35.40
C VAL A 234 3.80 32.79 -34.66
N LYS A 235 4.97 33.44 -34.80
CA LYS A 235 5.18 34.75 -34.19
C LYS A 235 4.12 35.74 -34.64
N LEU A 236 3.72 35.68 -35.90
CA LEU A 236 2.73 36.61 -36.42
C LEU A 236 1.40 36.43 -35.71
N GLN A 237 0.90 35.20 -35.66
CA GLN A 237 -0.37 34.92 -35.01
C GLN A 237 -0.32 35.31 -33.53
N ILE A 238 0.77 34.94 -32.85
CA ILE A 238 0.90 35.27 -31.43
C ILE A 238 0.83 36.77 -31.22
N GLU A 239 1.60 37.53 -32.00
CA GLU A 239 1.62 38.98 -31.86
C GLU A 239 0.24 39.58 -32.13
N GLU A 240 -0.42 39.12 -33.20
CA GLU A 240 -1.75 39.65 -33.52
C GLU A 240 -2.74 39.38 -32.38
N GLU A 241 -2.71 38.17 -31.84
CA GLU A 241 -3.60 37.84 -30.72
C GLU A 241 -3.30 38.72 -29.52
N TYR A 242 -2.02 38.90 -29.18
CA TYR A 242 -1.66 39.71 -28.03
C TYR A 242 -2.13 41.15 -28.22
N GLN A 243 -1.92 41.70 -29.42
CA GLN A 243 -2.32 43.07 -29.70
C GLN A 243 -3.82 43.24 -29.56
N VAL A 244 -4.60 42.39 -30.24
CA VAL A 244 -6.05 42.54 -30.19
C VAL A 244 -6.56 42.34 -28.77
N PHE A 245 -5.92 41.43 -28.00
CA PHE A 245 -6.36 41.19 -26.64
C PHE A 245 -6.12 42.41 -25.77
N ARG A 246 -4.89 42.94 -25.80
CA ARG A 246 -4.59 44.13 -25.01
C ARG A 246 -5.52 45.28 -25.37
N ASN A 247 -5.74 45.49 -26.68
CA ASN A 247 -6.58 46.60 -27.11
C ASN A 247 -8.02 46.43 -26.61
N ARG A 248 -8.61 45.25 -26.81
CA ARG A 248 -9.98 45.03 -26.38
C ARG A 248 -10.10 44.98 -24.86
N LEU A 249 -9.00 44.77 -24.14
CA LEU A 249 -9.04 44.74 -22.68
C LEU A 249 -8.94 46.14 -22.07
N ARG A 250 -7.93 46.91 -22.48
CA ARG A 250 -7.68 48.20 -21.84
C ARG A 250 -8.90 49.12 -21.89
N LYS A 251 -9.67 49.07 -22.97
CA LYS A 251 -10.90 49.84 -23.07
C LYS A 251 -12.00 49.35 -22.13
N GLY A 252 -11.72 48.37 -21.27
CA GLY A 252 -12.70 47.92 -20.29
C GLY A 252 -13.83 47.07 -20.81
N GLU A 253 -13.54 46.13 -21.71
CA GLU A 253 -14.54 45.16 -22.17
C GLU A 253 -14.44 43.81 -21.46
N ILE A 254 -13.30 43.51 -20.83
CA ILE A 254 -13.12 42.27 -20.10
C ILE A 254 -12.65 42.61 -18.69
N THR A 255 -12.82 41.66 -17.78
CA THR A 255 -12.48 41.84 -16.38
C THR A 255 -10.97 41.71 -16.20
N GLY A 256 -10.52 41.71 -14.94
CA GLY A 256 -9.10 41.74 -14.66
C GLY A 256 -8.62 40.58 -13.81
N GLN A 257 -9.52 40.00 -13.02
CA GLN A 257 -9.29 38.70 -12.39
C GLN A 257 -8.10 38.68 -11.43
N PHE A 258 -7.44 39.81 -11.22
CA PHE A 258 -6.25 39.85 -10.39
C PHE A 258 -6.19 41.20 -9.67
N LEU A 259 -5.89 41.17 -8.38
CA LEU A 259 -5.82 42.37 -7.57
C LEU A 259 -4.47 42.44 -6.89
N LYS A 260 -4.00 43.67 -6.67
CA LYS A 260 -2.86 43.89 -5.80
C LYS A 260 -3.31 43.80 -4.34
N VAL A 261 -2.34 43.61 -3.45
CA VAL A 261 -2.65 43.26 -2.07
C VAL A 261 -2.42 44.48 -1.19
N ASP A 262 -3.22 44.57 -0.13
CA ASP A 262 -3.02 45.54 0.94
C ASP A 262 -3.47 44.90 2.25
N LYS A 263 -2.63 45.02 3.28
CA LYS A 263 -2.90 44.32 4.53
C LYS A 263 -4.15 44.86 5.23
N SER A 264 -4.39 46.16 5.12
CA SER A 264 -5.55 46.78 5.74
C SER A 264 -6.84 46.12 5.28
N ARG A 265 -7.13 46.20 3.97
CA ARG A 265 -8.35 45.63 3.43
C ARG A 265 -8.47 44.15 3.75
N LEU A 266 -7.36 43.41 3.64
CA LEU A 266 -7.38 41.98 3.93
C LEU A 266 -7.83 41.72 5.36
N LEU A 267 -7.24 42.44 6.32
CA LEU A 267 -7.66 42.28 7.71
C LEU A 267 -9.12 42.64 7.88
N ASN A 268 -9.54 43.75 7.28
CA ASN A 268 -10.92 44.22 7.44
C ASN A 268 -11.91 43.18 6.94
N ASP A 269 -11.65 42.60 5.76
CA ASP A 269 -12.59 41.63 5.21
C ASP A 269 -12.53 40.32 5.98
N PHE A 270 -11.34 39.90 6.41
CA PHE A 270 -11.24 38.68 7.20
C PHE A 270 -12.03 38.81 8.50
N ASN A 271 -11.97 39.99 9.13
CA ASN A 271 -12.81 40.24 10.30
C ASN A 271 -14.28 40.19 9.93
N ASN A 272 -14.72 41.08 9.03
CA ASN A 272 -16.13 41.08 8.64
C ASN A 272 -16.39 40.06 7.54
N LEU A 273 -15.89 38.83 7.72
CA LEU A 273 -16.10 37.79 6.72
C LEU A 273 -17.45 37.10 6.91
N TYR A 274 -17.77 36.72 8.15
CA TYR A 274 -19.03 36.07 8.48
C TYR A 274 -20.05 37.04 9.06
N VAL A 275 -20.07 38.28 8.60
CA VAL A 275 -20.79 39.33 9.33
C VAL A 275 -22.27 39.25 8.96
N ASP A 276 -22.96 38.30 9.57
CA ASP A 276 -24.43 38.29 9.63
C ASP A 276 -24.98 37.87 10.98
N GLU A 277 -24.23 37.12 11.78
CA GLU A 277 -24.67 36.67 13.09
C GLU A 277 -23.61 36.79 14.18
N VAL A 278 -22.35 37.02 13.83
CA VAL A 278 -21.32 37.35 14.83
C VAL A 278 -21.41 38.85 15.04
N THR A 279 -22.35 39.25 15.90
CA THR A 279 -22.61 40.67 16.18
C THR A 279 -21.50 41.19 17.08
N ALA A 280 -20.36 41.52 16.46
CA ALA A 280 -19.19 41.97 17.19
C ALA A 280 -18.43 42.98 16.36
N THR A 281 -17.79 43.93 17.04
CA THR A 281 -16.90 44.91 16.42
C THR A 281 -15.46 44.73 16.88
N LYS A 282 -15.21 44.79 18.18
CA LYS A 282 -13.91 44.51 18.77
C LYS A 282 -14.03 43.28 19.67
N ASP A 283 -12.94 42.96 20.36
CA ASP A 283 -12.91 41.75 21.17
C ASP A 283 -12.00 41.97 22.37
N ASN A 284 -12.52 41.68 23.56
CA ASN A 284 -11.76 41.72 24.79
C ASN A 284 -11.43 40.30 25.22
N ILE A 285 -10.15 40.06 25.53
CA ILE A 285 -9.72 38.70 25.88
C ILE A 285 -10.45 38.21 27.11
N GLU A 286 -10.73 39.11 28.06
CA GLU A 286 -11.27 38.69 29.35
C GLU A 286 -12.67 38.09 29.19
N HIS A 287 -13.56 38.80 28.49
CA HIS A 287 -14.90 38.27 28.27
C HIS A 287 -14.85 36.94 27.51
N LEU A 288 -13.91 36.81 26.58
CA LEU A 288 -13.71 35.58 25.84
C LEU A 288 -13.43 34.43 26.80
N ILE A 289 -12.29 34.52 27.51
CA ILE A 289 -11.89 33.45 28.42
C ILE A 289 -13.00 33.19 29.45
N TYR A 290 -13.74 34.24 29.82
CA TYR A 290 -14.86 34.07 30.73
C TYR A 290 -15.92 33.14 30.15
N GLN A 291 -16.51 33.51 29.01
CA GLN A 291 -17.62 32.74 28.49
C GLN A 291 -17.20 31.44 27.83
N PHE A 292 -15.90 31.23 27.59
CA PHE A 292 -15.44 29.95 27.07
C PHE A 292 -15.79 28.80 28.02
N LYS A 293 -15.27 28.85 29.25
CA LYS A 293 -15.40 27.75 30.20
C LYS A 293 -16.85 27.34 30.44
N ARG A 294 -17.81 28.16 30.02
CA ARG A 294 -19.22 27.91 30.22
C ARG A 294 -19.94 27.69 28.88
N ALA A 295 -19.24 27.03 27.95
CA ALA A 295 -19.76 26.91 26.59
C ALA A 295 -20.74 25.75 26.45
N SER A 296 -20.26 24.52 26.66
CA SER A 296 -21.00 23.32 26.31
C SER A 296 -20.63 22.22 27.27
N PRO A 297 -21.49 21.17 27.41
CA PRO A 297 -21.35 20.19 28.50
C PRO A 297 -19.93 19.76 28.85
N ILE A 298 -19.16 19.29 27.86
CA ILE A 298 -17.81 18.80 28.15
C ILE A 298 -16.95 19.92 28.70
N LEU A 299 -17.04 21.11 28.09
CA LEU A 299 -16.24 22.24 28.55
C LEU A 299 -16.66 22.65 29.96
N ARG A 300 -17.96 22.84 30.17
CA ARG A 300 -18.47 23.19 31.49
C ARG A 300 -18.15 22.12 32.54
N PHE A 301 -17.82 20.90 32.12
CA PHE A 301 -17.42 19.87 33.07
C PHE A 301 -15.92 19.88 33.33
N LEU A 302 -15.10 20.18 32.32
CA LEU A 302 -13.65 20.09 32.48
C LEU A 302 -13.15 21.05 33.55
N TYR A 303 -13.35 22.35 33.35
CA TYR A 303 -12.79 23.36 34.22
C TYR A 303 -13.57 23.56 35.51
N ALA A 304 -14.47 22.64 35.84
CA ALA A 304 -15.27 22.75 37.06
C ALA A 304 -14.40 22.42 38.27
N ASN A 305 -15.02 22.35 39.45
CA ASN A 305 -14.32 22.09 40.69
C ASN A 305 -15.00 20.91 41.40
N ILE A 306 -14.30 19.77 41.49
CA ILE A 306 -14.84 18.56 42.07
C ILE A 306 -13.70 17.84 42.80
N GLY A 307 -14.05 17.18 43.89
CA GLY A 307 -13.16 16.19 44.49
C GLY A 307 -12.16 16.71 45.50
N GLU A 308 -12.65 17.33 46.57
CA GLU A 308 -11.83 17.77 47.68
C GLU A 308 -11.60 16.66 48.70
N GLY A 309 -11.77 15.40 48.31
CA GLY A 309 -11.51 14.28 49.19
C GLY A 309 -10.38 13.40 48.70
N ILE A 318 -8.58 -1.53 48.36
CA ILE A 318 -8.37 -2.96 48.32
C ILE A 318 -9.01 -3.62 49.55
N LYS A 319 -9.97 -4.51 49.31
CA LYS A 319 -10.60 -5.27 50.39
C LYS A 319 -10.77 -6.74 50.09
N GLU A 320 -10.63 -7.18 48.84
CA GLU A 320 -10.95 -8.55 48.42
C GLU A 320 -12.36 -8.92 48.88
N CYS A 321 -13.34 -8.16 48.39
CA CYS A 321 -14.72 -8.34 48.80
C CYS A 321 -15.30 -9.60 48.17
N GLN A 322 -16.57 -9.85 48.47
CA GLN A 322 -17.36 -10.93 47.85
C GLN A 322 -18.31 -10.38 46.79
N MET A 323 -17.87 -9.38 46.02
CA MET A 323 -18.64 -8.88 44.89
C MET A 323 -17.86 -8.94 43.58
N GLN A 324 -16.56 -9.23 43.63
CA GLN A 324 -15.73 -9.29 42.43
C GLN A 324 -15.51 -10.72 41.95
N TYR A 325 -15.05 -11.61 42.84
CA TYR A 325 -14.80 -13.00 42.46
C TYR A 325 -16.01 -13.61 41.78
N TRP A 326 -17.16 -13.58 42.46
CA TRP A 326 -18.41 -14.01 41.85
C TRP A 326 -18.61 -13.40 40.47
N ARG A 327 -18.32 -12.10 40.34
CA ARG A 327 -18.59 -11.41 39.08
C ARG A 327 -17.67 -11.91 37.98
N SER A 328 -16.37 -12.02 38.28
CA SER A 328 -15.43 -12.55 37.30
C SER A 328 -15.81 -13.95 36.86
N PHE A 329 -16.15 -14.81 37.82
CA PHE A 329 -16.52 -16.19 37.50
C PHE A 329 -17.76 -16.23 36.61
N LEU A 330 -18.79 -15.47 36.97
CA LEU A 330 -20.02 -15.47 36.17
C LEU A 330 -19.77 -14.89 34.78
N ASN A 331 -18.93 -13.86 34.68
CA ASN A 331 -18.52 -13.34 33.38
C ASN A 331 -17.88 -14.44 32.53
N LYS A 332 -16.93 -15.18 33.12
CA LYS A 332 -16.26 -16.23 32.38
C LYS A 332 -17.24 -17.29 31.93
N VAL A 333 -18.17 -17.69 32.80
CA VAL A 333 -19.17 -18.68 32.44
C VAL A 333 -20.05 -18.17 31.30
N LYS A 334 -20.44 -16.90 31.35
CA LYS A 334 -21.28 -16.33 30.30
C LYS A 334 -20.54 -16.27 28.97
N SER A 335 -19.24 -15.96 29.00
CA SER A 335 -18.45 -15.82 27.77
C SER A 335 -18.64 -17.02 26.87
N LEU A 336 -18.26 -18.21 27.35
CA LEU A 336 -18.56 -19.44 26.64
C LEU A 336 -20.07 -19.63 26.59
N ARG A 337 -20.61 -19.77 25.38
CA ARG A 337 -22.06 -19.81 25.22
C ARG A 337 -22.63 -21.13 25.72
N ILE A 338 -22.51 -21.38 27.02
CA ILE A 338 -22.92 -22.65 27.61
C ILE A 338 -24.44 -22.71 27.71
N LEU A 339 -25.02 -21.77 28.45
CA LEU A 339 -26.39 -21.87 28.92
C LEU A 339 -27.35 -21.26 27.91
N ASN A 340 -28.53 -21.86 27.79
CA ASN A 340 -29.56 -21.44 26.85
C ASN A 340 -30.25 -20.19 27.39
N THR A 341 -29.92 -19.04 26.80
CA THR A 341 -30.31 -17.68 27.19
C THR A 341 -31.80 -17.52 27.48
N ARG A 342 -32.58 -18.58 27.22
CA ARG A 342 -34.02 -18.80 27.28
C ARG A 342 -34.87 -17.88 28.20
N ARG A 343 -36.12 -18.26 28.45
CA ARG A 343 -37.12 -17.45 29.14
C ARG A 343 -36.66 -16.61 30.33
N LYS A 344 -35.67 -17.06 31.11
CA LYS A 344 -35.05 -16.20 32.12
C LYS A 344 -33.65 -16.64 32.50
N LEU A 345 -32.65 -16.25 31.71
CA LEU A 345 -31.26 -16.45 32.09
C LEU A 345 -30.82 -15.44 33.14
N LEU A 346 -30.62 -14.20 32.70
CA LEU A 346 -29.87 -13.20 33.46
C LEU A 346 -30.52 -12.82 34.78
N LEU A 347 -31.81 -13.09 34.97
CA LEU A 347 -32.46 -12.74 36.23
C LEU A 347 -31.81 -13.47 37.41
N ILE A 348 -31.60 -14.78 37.28
CA ILE A 348 -30.95 -15.52 38.35
C ILE A 348 -29.51 -15.05 38.51
N PHE A 349 -28.84 -14.73 37.40
CA PHE A 349 -27.47 -14.23 37.48
C PHE A 349 -27.41 -12.87 38.17
N ASP A 350 -28.52 -12.13 38.19
CA ASP A 350 -28.57 -10.89 38.95
C ASP A 350 -28.86 -11.15 40.42
N ALA A 351 -29.78 -12.09 40.68
CA ALA A 351 -30.07 -12.49 42.05
C ALA A 351 -28.81 -12.96 42.76
N LEU A 352 -27.94 -13.68 42.04
CA LEU A 352 -26.74 -14.22 42.67
C LEU A 352 -25.78 -13.11 43.09
N ILE A 353 -25.59 -12.09 42.26
CA ILE A 353 -24.73 -10.98 42.66
C ILE A 353 -25.40 -10.13 43.73
N LEU A 354 -26.73 -10.11 43.77
CA LEU A 354 -27.44 -9.45 44.87
C LEU A 354 -27.12 -10.14 46.19
N LEU A 355 -27.26 -11.47 46.23
CA LEU A 355 -26.88 -12.20 47.44
C LEU A 355 -25.41 -12.02 47.78
N ALA A 356 -24.56 -11.95 46.76
CA ALA A 356 -23.13 -11.75 46.99
C ALA A 356 -22.88 -10.44 47.70
N SER A 357 -23.49 -9.35 47.22
CA SER A 357 -23.29 -8.05 47.85
C SER A 357 -23.91 -8.01 49.25
N ILE A 358 -25.09 -8.62 49.41
CA ILE A 358 -25.71 -8.73 50.74
C ILE A 358 -24.73 -9.36 51.72
N HIS A 359 -24.28 -10.58 51.42
CA HIS A 359 -23.29 -11.25 52.26
C HIS A 359 -22.08 -10.35 52.53
N ASP A 360 -21.47 -9.82 51.46
CA ASP A 360 -20.23 -9.07 51.61
C ASP A 360 -20.41 -7.82 52.47
N GLN A 361 -21.62 -7.27 52.55
CA GLN A 361 -21.79 -5.97 53.20
C GLN A 361 -21.60 -6.07 54.71
N THR A 362 -22.16 -7.11 55.33
CA THR A 362 -22.28 -7.14 56.79
C THR A 362 -21.02 -7.65 57.47
N ARG A 363 -19.87 -7.53 56.82
CA ARG A 363 -18.60 -7.94 57.40
C ARG A 363 -17.58 -6.83 57.51
N HIS A 364 -17.46 -5.97 56.49
CA HIS A 364 -16.47 -4.92 56.51
C HIS A 364 -16.99 -3.61 55.94
N LYS A 365 -18.31 -3.43 55.92
CA LYS A 365 -19.00 -2.20 55.51
C LYS A 365 -18.34 -1.55 54.29
N CYS A 366 -18.26 -2.34 53.22
CA CYS A 366 -17.71 -1.84 51.96
C CYS A 366 -18.55 -0.68 51.44
N SER A 367 -17.87 0.28 50.80
CA SER A 367 -18.53 1.41 50.15
C SER A 367 -17.98 1.53 48.73
N LYS A 368 -18.53 0.72 47.82
CA LYS A 368 -18.11 0.65 46.43
C LYS A 368 -19.20 -0.06 45.65
N GLY A 369 -19.05 -0.06 44.32
CA GLY A 369 -19.90 -0.84 43.45
C GLY A 369 -21.38 -0.54 43.61
N TRP A 370 -21.73 0.72 43.85
CA TRP A 370 -23.12 1.07 44.12
C TRP A 370 -23.32 2.55 43.77
N LEU A 371 -24.42 2.83 43.08
CA LEU A 371 -24.90 4.19 42.86
C LEU A 371 -26.39 4.21 43.16
N GLY A 372 -26.78 4.84 44.26
CA GLY A 372 -28.17 4.87 44.65
C GLY A 372 -28.73 3.47 44.71
N SER A 373 -29.57 3.11 43.74
CA SER A 373 -30.09 1.74 43.60
C SER A 373 -29.59 1.21 42.26
N CYS A 374 -28.34 0.75 42.26
CA CYS A 374 -27.67 0.30 41.05
C CYS A 374 -26.45 -0.52 41.43
N PHE A 375 -26.10 -1.49 40.58
CA PHE A 375 -24.91 -2.30 40.82
C PHE A 375 -24.49 -2.99 39.52
N ILE A 376 -23.22 -2.86 39.17
CA ILE A 376 -22.71 -3.38 37.90
C ILE A 376 -22.77 -4.91 37.98
N SER A 377 -23.74 -5.50 37.28
CA SER A 377 -24.04 -6.92 37.53
C SER A 377 -23.12 -7.87 36.77
N VAL A 378 -23.28 -7.95 35.44
CA VAL A 378 -22.51 -8.94 34.68
C VAL A 378 -21.71 -8.29 33.56
N ASN A 379 -22.40 -7.82 32.52
CA ASN A 379 -21.75 -7.22 31.36
C ASN A 379 -21.88 -5.70 31.42
N ASP A 380 -21.31 -5.12 32.46
CA ASP A 380 -21.30 -3.67 32.67
C ASP A 380 -22.69 -3.11 32.85
N ARG A 381 -23.69 -3.97 33.09
CA ARG A 381 -25.07 -3.55 33.17
C ARG A 381 -25.35 -2.91 34.53
N LEU A 382 -26.23 -1.92 34.53
CA LEU A 382 -26.55 -1.14 35.72
C LEU A 382 -28.05 -1.29 35.96
N VAL A 383 -28.41 -2.29 36.75
CA VAL A 383 -29.81 -2.60 37.01
C VAL A 383 -30.26 -1.82 38.24
N SER A 384 -31.57 -1.58 38.33
CA SER A 384 -32.18 -1.04 39.54
C SER A 384 -32.38 -2.16 40.56
N LEU A 385 -33.15 -1.88 41.61
CA LEU A 385 -33.47 -2.87 42.63
C LEU A 385 -34.96 -3.16 42.73
N GLU A 386 -35.82 -2.16 42.53
CA GLU A 386 -37.25 -2.33 42.75
C GLU A 386 -37.85 -3.29 41.74
N SER A 387 -37.77 -2.94 40.45
CA SER A 387 -38.30 -3.81 39.41
C SER A 387 -37.77 -5.22 39.52
N THR A 388 -36.53 -5.39 39.99
CA THR A 388 -36.00 -6.72 40.27
C THR A 388 -36.89 -7.44 41.28
N LYS A 389 -37.21 -6.77 42.38
CA LYS A 389 -38.06 -7.37 43.40
C LYS A 389 -39.42 -7.73 42.82
N ARG A 390 -39.99 -6.84 42.00
CA ARG A 390 -41.31 -7.09 41.43
C ARG A 390 -41.28 -8.30 40.51
N ASP A 391 -40.30 -8.38 39.60
CA ASP A 391 -40.25 -9.50 38.67
C ASP A 391 -39.96 -10.80 39.40
N LEU A 392 -39.11 -10.78 40.43
CA LEU A 392 -38.89 -11.99 41.22
C LEU A 392 -40.16 -12.45 41.91
N GLU A 393 -40.90 -11.50 42.49
CA GLU A 393 -42.19 -11.83 43.09
C GLU A 393 -43.12 -12.49 42.07
N LYS A 394 -43.27 -11.87 40.90
CA LYS A 394 -44.17 -12.41 39.88
C LYS A 394 -43.70 -13.78 39.42
N TRP A 395 -42.39 -13.95 39.23
CA TRP A 395 -41.85 -15.23 38.80
C TRP A 395 -42.18 -16.32 39.80
N VAL A 396 -41.87 -16.09 41.08
CA VAL A 396 -42.11 -17.13 42.07
C VAL A 396 -43.60 -17.37 42.25
N GLY A 397 -44.42 -16.35 42.02
CA GLY A 397 -45.86 -16.53 42.14
C GLY A 397 -46.40 -17.43 41.05
N ARG A 398 -46.12 -17.08 39.79
CA ARG A 398 -46.56 -17.93 38.69
C ARG A 398 -45.92 -19.32 38.74
N ARG A 399 -44.71 -19.44 39.29
CA ARG A 399 -44.10 -20.75 39.45
C ARG A 399 -44.85 -21.57 40.50
N GLN A 400 -45.27 -20.94 41.60
CA GLN A 400 -46.09 -21.64 42.58
C GLN A 400 -47.42 -22.05 41.98
N GLN A 401 -47.99 -21.19 41.12
CA GLN A 401 -49.23 -21.55 40.45
C GLN A 401 -49.03 -22.74 39.52
N SER A 402 -47.89 -22.77 38.81
CA SER A 402 -47.56 -23.93 37.97
C SER A 402 -47.41 -25.19 38.83
N GLU A 403 -46.89 -25.05 40.04
CA GLU A 403 -46.89 -26.18 40.97
C GLU A 403 -48.29 -26.57 41.39
N ARG A 404 -49.22 -25.60 41.45
CA ARG A 404 -50.61 -25.91 41.74
C ARG A 404 -51.33 -26.39 40.48
N SER A 405 -51.41 -25.53 39.47
CA SER A 405 -52.25 -25.78 38.31
C SER A 405 -51.53 -26.67 37.30
N PRO A 410 -46.90 -27.22 47.61
CA PRO A 410 -46.43 -27.26 48.99
C PRO A 410 -45.26 -26.30 49.32
N PRO A 411 -44.17 -26.29 48.53
CA PRO A 411 -42.99 -25.54 48.96
C PRO A 411 -43.26 -24.05 49.04
N ASP A 412 -42.38 -23.35 49.74
CA ASP A 412 -42.43 -21.90 49.84
C ASP A 412 -41.39 -21.26 48.92
N LYS A 413 -41.61 -19.98 48.63
CA LYS A 413 -40.83 -19.28 47.62
C LYS A 413 -39.33 -19.45 47.85
N ASN A 414 -38.91 -19.45 49.12
CA ASN A 414 -37.52 -19.79 49.46
C ASN A 414 -37.13 -21.13 48.85
N GLN A 415 -37.97 -22.15 49.02
CA GLN A 415 -37.60 -23.51 48.63
C GLN A 415 -37.44 -23.61 47.11
N ILE A 416 -38.42 -23.11 46.36
CA ILE A 416 -38.34 -23.19 44.91
C ILE A 416 -37.19 -22.34 44.39
N LEU A 417 -36.96 -21.18 45.01
CA LEU A 417 -35.88 -20.31 44.56
C LEU A 417 -34.52 -20.97 44.77
N ILE A 418 -34.30 -21.56 45.95
CA ILE A 418 -33.01 -22.22 46.19
C ILE A 418 -32.90 -23.47 45.34
N SER A 419 -34.03 -24.11 45.01
CA SER A 419 -33.99 -25.23 44.07
C SER A 419 -33.47 -24.80 42.71
N MET A 420 -34.06 -23.75 42.14
CA MET A 420 -33.54 -23.23 40.87
C MET A 420 -32.07 -22.87 40.98
N PHE A 421 -31.68 -22.21 42.08
CA PHE A 421 -30.27 -21.85 42.25
C PHE A 421 -29.38 -23.08 42.21
N GLN A 422 -29.73 -24.11 42.99
CA GLN A 422 -28.92 -25.32 43.04
C GLN A 422 -28.84 -25.97 41.67
N LYS A 423 -29.96 -26.04 40.96
CA LYS A 423 -29.98 -26.66 39.64
C LYS A 423 -29.04 -25.93 38.69
N THR A 424 -29.16 -24.60 38.61
CA THR A 424 -28.34 -23.87 37.65
C THR A 424 -26.86 -23.93 38.02
N ILE A 425 -26.54 -23.83 39.31
CA ILE A 425 -25.12 -23.87 39.68
C ILE A 425 -24.53 -25.25 39.43
N LEU A 426 -25.33 -26.31 39.68
CA LEU A 426 -24.84 -27.66 39.46
C LEU A 426 -24.60 -27.91 37.97
N LYS A 427 -25.54 -27.50 37.13
CA LYS A 427 -25.35 -27.62 35.69
C LYS A 427 -24.12 -26.81 35.25
N ALA A 428 -23.94 -25.62 35.81
CA ALA A 428 -22.79 -24.78 35.47
C ALA A 428 -21.49 -25.52 35.75
N THR A 429 -21.32 -25.99 36.99
CA THR A 429 -20.09 -26.69 37.36
C THR A 429 -19.91 -27.96 36.51
N ALA A 430 -21.00 -28.70 36.28
CA ALA A 430 -20.89 -29.95 35.53
C ALA A 430 -20.41 -29.69 34.11
N ALA A 431 -20.94 -28.65 33.46
CA ALA A 431 -20.47 -28.29 32.12
C ALA A 431 -19.03 -27.80 32.17
N LEU A 432 -18.71 -26.95 33.16
CA LEU A 432 -17.35 -26.41 33.27
C LEU A 432 -16.31 -27.51 33.40
N LYS A 433 -16.63 -28.57 34.15
CA LYS A 433 -15.63 -29.57 34.47
C LYS A 433 -15.37 -30.56 33.33
N ASP A 434 -16.12 -30.49 32.23
CA ASP A 434 -15.75 -31.25 31.05
C ASP A 434 -14.34 -30.91 30.59
N VAL A 435 -14.08 -29.62 30.34
CA VAL A 435 -12.77 -29.13 29.93
C VAL A 435 -12.27 -28.03 30.86
N GLY A 436 -13.15 -27.07 31.18
CA GLY A 436 -12.72 -25.85 31.86
C GLY A 436 -12.19 -26.13 33.26
N ILE A 437 -11.18 -25.36 33.65
CA ILE A 437 -10.64 -25.40 35.00
C ILE A 437 -11.67 -24.81 35.96
N SER A 438 -11.43 -24.98 37.26
CA SER A 438 -12.48 -24.81 38.26
C SER A 438 -12.04 -23.80 39.32
N VAL A 439 -12.73 -23.82 40.46
CA VAL A 439 -12.57 -22.89 41.58
C VAL A 439 -11.11 -22.70 42.00
N GLU A 440 -10.22 -23.60 41.56
CA GLU A 440 -8.79 -23.53 41.88
C GLU A 440 -8.25 -22.10 41.81
N HIS A 441 -8.66 -21.34 40.80
CA HIS A 441 -8.43 -19.90 40.79
C HIS A 441 -9.65 -19.11 41.23
N TYR A 442 -10.86 -19.66 41.07
CA TYR A 442 -12.10 -18.96 41.40
C TYR A 442 -12.39 -19.16 42.88
N LYS A 443 -11.74 -18.33 43.69
CA LYS A 443 -11.83 -18.45 45.15
C LYS A 443 -13.16 -17.87 45.62
N ILE A 444 -14.19 -18.71 45.61
CA ILE A 444 -15.55 -18.28 45.90
C ILE A 444 -16.00 -18.91 47.21
N ASN A 445 -17.22 -18.60 47.65
CA ASN A 445 -17.74 -19.11 48.92
C ASN A 445 -19.18 -19.55 48.73
N MET A 446 -19.43 -20.85 48.90
CA MET A 446 -20.77 -21.41 48.80
C MET A 446 -21.63 -21.13 50.04
N GLU A 447 -21.20 -20.23 50.93
CA GLU A 447 -22.06 -19.77 52.01
C GLU A 447 -22.96 -18.61 51.60
N VAL A 448 -22.73 -18.01 50.43
CA VAL A 448 -23.52 -16.87 50.00
C VAL A 448 -25.01 -17.24 49.95
N ILE A 449 -25.32 -18.36 49.31
CA ILE A 449 -26.70 -18.86 49.29
C ILE A 449 -27.08 -19.37 50.68
N CYS A 450 -27.86 -18.58 51.39
CA CYS A 450 -28.38 -19.01 52.68
C CYS A 450 -29.59 -19.94 52.50
N PRO A 451 -29.78 -20.91 53.40
CA PRO A 451 -30.94 -21.80 53.31
C PRO A 451 -32.28 -21.09 53.25
N ASP A 452 -32.29 -19.77 53.39
CA ASP A 452 -33.44 -18.94 53.05
C ASP A 452 -32.94 -17.54 52.77
N SER A 453 -33.21 -17.03 51.57
CA SER A 453 -32.68 -15.73 51.17
C SER A 453 -33.78 -14.81 50.67
N TYR A 454 -34.82 -15.38 50.05
CA TYR A 454 -35.88 -14.58 49.44
C TYR A 454 -36.43 -13.54 50.42
N ASP A 455 -36.60 -13.94 51.69
CA ASP A 455 -36.99 -12.97 52.71
C ASP A 455 -35.90 -11.94 52.93
N LEU A 456 -34.66 -12.40 53.19
CA LEU A 456 -33.52 -11.50 53.29
C LEU A 456 -33.39 -10.60 52.06
N ILE A 457 -33.84 -11.08 50.90
CA ILE A 457 -33.87 -10.23 49.70
C ILE A 457 -34.94 -9.15 49.86
N LEU A 458 -36.14 -9.53 50.32
CA LEU A 458 -37.23 -8.58 50.43
C LEU A 458 -37.06 -7.62 51.61
N ASN A 459 -36.00 -7.74 52.39
CA ASN A 459 -35.73 -6.85 53.51
C ASN A 459 -34.39 -6.14 53.35
N PHE A 460 -34.12 -5.65 52.14
CA PHE A 460 -32.90 -4.89 51.86
C PHE A 460 -33.29 -3.50 51.36
N ASP A 461 -32.85 -2.47 52.08
CA ASP A 461 -33.20 -1.08 51.78
C ASP A 461 -31.93 -0.25 51.72
N VAL A 462 -31.64 0.30 50.54
CA VAL A 462 -30.56 1.27 50.37
C VAL A 462 -31.16 2.57 49.83
N SER A 463 -30.70 3.68 50.38
CA SER A 463 -31.10 5.01 49.92
C SER A 463 -29.91 5.71 49.27
N GLY A 464 -30.21 6.84 48.61
CA GLY A 464 -29.20 7.53 47.84
C GLY A 464 -29.76 8.47 46.80
N VAL A 465 -29.32 8.32 45.55
CA VAL A 465 -29.65 9.26 44.49
C VAL A 465 -30.47 8.47 43.47
N VAL A 466 -30.88 9.11 42.37
CA VAL A 466 -31.58 8.43 41.29
C VAL A 466 -30.85 8.70 39.98
N PRO A 467 -30.73 7.72 39.08
CA PRO A 467 -30.05 7.96 37.80
C PRO A 467 -31.00 8.33 36.68
N THR A 468 -30.61 9.30 35.86
CA THR A 468 -31.45 9.81 34.77
C THR A 468 -30.57 10.03 33.53
N ILE A 469 -31.20 9.97 32.37
CA ILE A 469 -30.55 10.33 31.11
C ILE A 469 -31.50 11.24 30.32
N SER A 470 -31.08 12.47 30.09
CA SER A 470 -31.91 13.47 29.43
C SER A 470 -31.45 13.61 27.98
N TYR A 471 -32.38 13.43 27.05
CA TYR A 471 -32.03 13.49 25.62
C TYR A 471 -32.00 14.93 25.12
N GLN A 472 -33.13 15.61 25.14
CA GLN A 472 -33.21 16.93 24.54
C GLN A 472 -32.43 17.96 25.36
N ARG A 473 -32.15 19.10 24.74
CA ARG A 473 -31.30 20.10 25.36
C ARG A 473 -31.98 20.69 26.61
N THR A 474 -31.19 21.45 27.35
CA THR A 474 -31.61 21.97 28.65
C THR A 474 -31.16 23.42 28.76
N GLU A 475 -31.23 23.97 29.97
CA GLU A 475 -30.73 25.30 30.26
C GLU A 475 -29.50 25.18 31.15
N ASP A 476 -28.72 26.25 31.19
CA ASP A 476 -27.43 26.23 31.88
C ASP A 476 -27.58 26.50 33.37
N GLU A 477 -28.41 25.70 34.04
CA GLU A 477 -28.57 25.86 35.49
C GLU A 477 -28.57 24.56 36.27
N LYS A 478 -28.69 23.38 35.65
CA LYS A 478 -28.72 22.13 36.40
C LYS A 478 -27.34 21.67 36.84
N PHE A 479 -26.33 22.55 36.84
CA PHE A 479 -24.96 22.16 37.11
C PHE A 479 -24.64 22.50 38.56
N PRO A 480 -24.60 21.52 39.47
CA PRO A 480 -24.42 21.81 40.90
C PRO A 480 -22.96 21.92 41.32
N PHE A 481 -22.22 22.80 40.65
CA PHE A 481 -20.85 23.12 41.07
C PHE A 481 -20.57 24.56 40.68
N ILE A 482 -19.30 24.96 40.82
CA ILE A 482 -18.84 26.32 40.53
C ILE A 482 -17.97 26.25 39.29
N MET A 483 -18.37 26.99 38.25
CA MET A 483 -17.83 26.79 36.91
C MET A 483 -16.32 27.02 36.87
N GLY A 484 -15.89 28.26 37.06
CA GLY A 484 -14.50 28.60 36.86
C GLY A 484 -13.65 28.48 38.11
N GLY A 485 -12.98 27.35 38.29
CA GLY A 485 -12.11 27.17 39.43
C GLY A 485 -10.70 26.75 39.05
N VAL A 486 -10.58 26.04 37.93
CA VAL A 486 -9.29 25.58 37.43
C VAL A 486 -8.58 26.76 36.79
N GLU A 487 -7.30 26.60 36.47
CA GLU A 487 -6.51 27.63 35.81
C GLU A 487 -5.95 27.07 34.51
N LEU A 488 -5.73 27.96 33.54
CA LEU A 488 -5.22 27.55 32.24
C LEU A 488 -3.78 27.06 32.33
N LEU A 489 -2.91 27.84 32.97
CA LEU A 489 -1.48 27.54 32.99
C LEU A 489 -1.15 26.19 33.60
N GLU A 490 -2.10 25.55 34.28
CA GLU A 490 -1.89 24.22 34.84
C GLU A 490 -2.51 23.16 33.93
N SER A 491 -2.17 21.90 34.21
CA SER A 491 -2.45 20.82 33.27
C SER A 491 -3.39 19.78 33.85
N THR A 492 -4.48 20.20 34.47
CA THR A 492 -5.49 19.26 34.95
C THR A 492 -6.51 18.92 33.87
N ASP A 493 -6.91 19.93 33.09
CA ASP A 493 -7.91 19.72 32.03
C ASP A 493 -7.48 18.61 31.08
N LEU A 494 -6.21 18.62 30.67
CA LEU A 494 -5.73 17.61 29.73
C LEU A 494 -5.87 16.20 30.30
N GLU A 495 -5.59 16.04 31.59
CA GLU A 495 -5.68 14.71 32.19
C GLU A 495 -7.13 14.28 32.36
N ARG A 496 -8.00 15.20 32.76
CA ARG A 496 -9.43 14.88 32.79
C ARG A 496 -9.92 14.46 31.41
N LEU A 497 -9.47 15.15 30.37
CA LEU A 497 -9.88 14.81 29.01
C LEU A 497 -9.35 13.44 28.62
N SER A 498 -8.10 13.13 28.95
CA SER A 498 -7.54 11.82 28.68
C SER A 498 -8.38 10.73 29.34
N SER A 499 -8.69 10.91 30.63
CA SER A 499 -9.48 9.91 31.35
C SER A 499 -10.85 9.73 30.70
N LEU A 500 -11.52 10.83 30.37
CA LEU A 500 -12.85 10.74 29.76
C LEU A 500 -12.78 10.05 28.40
N SER A 501 -11.79 10.42 27.59
CA SER A 501 -11.66 9.83 26.27
C SER A 501 -11.38 8.34 26.35
N LEU A 502 -10.58 7.92 27.33
CA LEU A 502 -10.34 6.49 27.50
C LEU A 502 -11.60 5.76 27.94
N ALA A 503 -12.34 6.35 28.89
CA ALA A 503 -13.62 5.79 29.28
C ALA A 503 -14.58 5.68 28.09
N LEU A 504 -14.46 6.60 27.13
CA LEU A 504 -15.25 6.52 25.90
C LEU A 504 -14.78 5.36 25.04
N VAL A 505 -13.49 5.39 24.64
CA VAL A 505 -12.94 4.39 23.73
C VAL A 505 -13.23 2.98 24.24
N ASN A 506 -13.15 2.78 25.56
CA ASN A 506 -13.41 1.45 26.11
C ASN A 506 -14.86 1.01 25.99
N SER A 507 -15.75 1.84 25.45
CA SER A 507 -17.17 1.49 25.32
C SER A 507 -17.47 0.57 24.15
N MET A 508 -16.46 -0.07 23.55
CA MET A 508 -16.69 -0.95 22.41
C MET A 508 -16.60 -2.43 22.74
N LYS A 509 -15.85 -2.82 23.77
CA LYS A 509 -15.68 -4.24 24.06
C LYS A 509 -16.97 -4.94 24.45
N THR A 510 -18.05 -4.19 24.68
CA THR A 510 -19.33 -4.81 25.02
C THR A 510 -19.87 -5.60 23.84
N SER A 511 -20.47 -6.75 24.15
CA SER A 511 -21.13 -7.59 23.17
C SER A 511 -22.63 -7.36 23.19
N SER A 512 -23.25 -7.47 22.01
CA SER A 512 -24.68 -7.22 21.89
C SER A 512 -25.46 -8.20 22.75
N THR A 513 -26.09 -7.69 23.80
CA THR A 513 -26.78 -8.52 24.79
C THR A 513 -28.27 -8.54 24.43
N VAL A 514 -29.10 -9.09 25.33
CA VAL A 514 -30.54 -9.10 25.18
C VAL A 514 -31.12 -8.29 26.34
N LYS A 515 -31.85 -7.22 26.02
CA LYS A 515 -32.36 -6.33 27.05
C LYS A 515 -33.39 -7.06 27.92
N LEU A 516 -33.79 -6.38 29.00
CA LEU A 516 -34.76 -6.92 29.94
C LEU A 516 -36.01 -6.05 30.06
N ARG A 517 -35.84 -4.74 30.19
CA ARG A 517 -36.95 -3.82 30.41
C ARG A 517 -37.06 -2.85 29.24
N GLN A 518 -38.27 -2.71 28.70
CA GLN A 518 -38.47 -1.77 27.59
C GLN A 518 -38.39 -0.33 28.08
N ASN A 519 -38.54 -0.10 29.38
CA ASN A 519 -38.15 1.07 30.14
C ASN A 519 -39.10 2.26 29.91
N GLU A 520 -39.97 2.21 28.90
CA GLU A 520 -40.88 3.31 28.57
C GLU A 520 -42.00 2.79 27.68
N PHE A 521 -43.14 3.49 27.74
CA PHE A 521 -44.30 3.19 26.90
C PHE A 521 -44.98 4.52 26.61
N GLY A 522 -44.63 5.12 25.48
CA GLY A 522 -45.20 6.39 25.08
C GLY A 522 -44.23 7.25 24.29
N PRO A 523 -44.76 8.26 23.60
CA PRO A 523 -43.91 9.16 22.80
C PRO A 523 -42.94 9.97 23.64
N ALA A 524 -43.08 9.99 24.96
CA ALA A 524 -42.10 10.61 25.85
C ALA A 524 -40.82 9.78 26.00
N ARG A 525 -40.75 8.61 25.36
CA ARG A 525 -39.58 7.75 25.47
C ARG A 525 -38.33 8.34 24.81
N TYR A 526 -38.44 9.52 24.20
CA TYR A 526 -37.28 10.32 23.85
C TYR A 526 -37.12 11.55 24.74
N GLN A 527 -38.02 11.76 25.69
CA GLN A 527 -37.88 12.76 26.73
C GLN A 527 -37.34 12.12 28.00
N VAL A 528 -36.98 12.98 28.96
CA VAL A 528 -36.12 12.61 30.09
C VAL A 528 -36.60 11.30 30.70
N VAL A 529 -35.72 10.31 30.72
CA VAL A 529 -36.09 8.92 30.91
C VAL A 529 -35.38 8.36 32.14
N ARG A 530 -36.15 7.86 33.10
CA ARG A 530 -35.57 7.13 34.23
C ARG A 530 -36.66 6.24 34.85
N CYS A 531 -36.62 4.96 34.49
CA CYS A 531 -37.25 3.90 35.27
C CYS A 531 -36.23 2.83 35.65
N LYS A 532 -35.55 2.25 34.67
CA LYS A 532 -34.36 1.44 34.83
C LYS A 532 -33.21 2.12 34.08
N GLU A 533 -32.09 1.44 33.95
CA GLU A 533 -30.93 1.95 33.23
C GLU A 533 -30.29 0.81 32.44
N ALA A 534 -29.08 1.05 31.96
CA ALA A 534 -28.38 0.08 31.12
C ALA A 534 -26.88 0.28 31.35
N TYR A 535 -26.07 -0.22 30.41
CA TYR A 535 -24.64 -0.48 30.61
C TYR A 535 -23.91 0.74 31.13
N CYS A 536 -22.74 0.53 31.75
CA CYS A 536 -22.02 1.62 32.39
C CYS A 536 -20.55 1.26 32.50
N GLN A 537 -19.72 2.29 32.47
CA GLN A 537 -18.28 2.16 32.61
C GLN A 537 -17.81 3.06 33.75
N GLU A 538 -16.61 2.80 34.25
CA GLU A 538 -16.11 3.42 35.46
C GLU A 538 -14.84 4.20 35.17
N PHE A 539 -14.68 5.35 35.82
CA PHE A 539 -13.42 6.06 35.68
C PHE A 539 -13.21 7.02 36.86
N LEU A 540 -11.94 7.20 37.21
CA LEU A 540 -11.52 8.04 38.33
C LEU A 540 -10.75 9.24 37.79
N LEU A 541 -11.04 10.43 38.35
CA LEU A 541 -10.35 11.65 37.88
C LEU A 541 -9.12 11.93 38.72
N SER A 542 -9.31 12.25 39.99
CA SER A 542 -8.23 12.22 40.96
C SER A 542 -8.60 11.50 42.25
N GLY A 543 -9.81 11.72 42.74
CA GLY A 543 -10.28 11.13 43.97
C GLY A 543 -11.40 10.15 43.74
N ALA A 544 -12.63 10.61 43.90
CA ALA A 544 -13.81 9.77 43.81
C ALA A 544 -13.97 9.23 42.39
N GLU A 545 -15.02 8.44 42.20
CA GLU A 545 -15.26 7.76 40.93
C GLU A 545 -16.37 8.45 40.16
N PHE A 546 -16.58 7.96 38.93
CA PHE A 546 -17.66 8.45 38.08
C PHE A 546 -18.10 7.32 37.15
N GLN A 547 -19.40 7.23 36.94
CA GLN A 547 -19.99 6.29 35.99
C GLN A 547 -20.33 7.01 34.69
N LEU A 548 -19.95 6.41 33.57
CA LEU A 548 -20.40 6.86 32.26
C LEU A 548 -21.44 5.87 31.76
N ILE A 549 -22.59 6.38 31.34
CA ILE A 549 -23.76 5.54 31.10
C ILE A 549 -24.25 5.74 29.69
N TYR A 550 -24.60 4.62 29.03
CA TYR A 550 -25.25 4.59 27.73
C TYR A 550 -26.28 3.48 27.76
N GLN A 551 -26.98 3.30 26.63
CA GLN A 551 -28.07 2.34 26.56
C GLN A 551 -27.83 1.22 25.56
N LYS A 552 -27.50 1.54 24.31
CA LYS A 552 -27.36 0.54 23.27
C LYS A 552 -25.92 0.51 22.75
N THR A 553 -25.42 -0.70 22.56
CA THR A 553 -24.00 -0.93 22.28
C THR A 553 -23.69 -0.64 20.82
N GLY A 554 -22.51 -1.05 20.38
CA GLY A 554 -22.09 -0.85 19.00
C GLY A 554 -21.08 0.27 18.85
N GLU A 555 -21.05 0.91 17.69
CA GLU A 555 -20.20 2.07 17.46
C GLU A 555 -20.94 3.13 16.67
N CYS A 556 -22.19 3.38 17.01
CA CYS A 556 -23.02 4.39 16.37
C CYS A 556 -23.26 5.55 17.34
N SER A 557 -23.41 6.74 16.78
CA SER A 557 -23.58 7.92 17.61
C SER A 557 -24.82 7.77 18.48
N LYS A 558 -24.70 8.17 19.74
CA LYS A 558 -25.80 8.06 20.69
C LYS A 558 -25.61 9.11 21.79
N CYS A 559 -26.42 9.00 22.83
CA CYS A 559 -26.32 9.89 23.97
C CYS A 559 -25.44 9.24 25.05
N TYR A 560 -25.28 9.94 26.17
CA TYR A 560 -24.48 9.44 27.28
C TYR A 560 -24.98 10.12 28.55
N ALA A 561 -24.37 9.77 29.69
CA ALA A 561 -24.59 10.54 30.90
C ALA A 561 -23.49 10.28 31.91
N ILE A 562 -23.06 11.32 32.60
CA ILE A 562 -22.01 11.24 33.60
C ILE A 562 -22.69 11.27 34.97
N ASN A 563 -22.75 10.12 35.63
CA ASN A 563 -23.28 10.03 36.98
C ASN A 563 -22.18 9.99 38.02
N ASP A 564 -22.45 10.58 39.18
CA ASP A 564 -21.59 10.51 40.35
C ASP A 564 -22.44 10.08 41.54
N ASN A 565 -21.79 9.91 42.70
CA ASN A 565 -22.48 9.38 43.86
C ASN A 565 -23.06 10.49 44.72
N ARG A 566 -22.28 11.55 44.99
CA ARG A 566 -22.78 12.63 45.83
C ARG A 566 -23.86 13.44 45.12
N VAL A 567 -23.81 13.52 43.79
CA VAL A 567 -24.83 14.21 43.00
C VAL A 567 -25.10 13.38 41.76
N GLY A 568 -26.26 13.63 41.16
CA GLY A 568 -26.73 12.85 40.01
C GLY A 568 -26.56 13.61 38.70
N GLU A 569 -26.01 12.92 37.71
CA GLU A 569 -26.20 13.26 36.29
C GLU A 569 -25.72 14.68 36.00
N ILE A 570 -24.41 14.85 36.11
CA ILE A 570 -23.82 16.19 36.00
C ILE A 570 -24.08 16.79 34.62
N CYS A 571 -24.15 15.97 33.58
CA CYS A 571 -24.39 16.46 32.23
C CYS A 571 -24.79 15.29 31.33
N SER A 572 -24.92 15.59 30.04
CA SER A 572 -25.26 14.61 29.00
C SER A 572 -25.00 15.27 27.65
N PHE A 573 -24.79 14.44 26.63
CA PHE A 573 -24.35 14.95 25.33
C PHE A 573 -24.61 13.89 24.27
N TYR A 574 -24.05 14.12 23.08
CA TYR A 574 -24.38 13.41 21.85
C TYR A 574 -23.10 13.02 21.11
N ALA A 575 -22.17 12.39 21.81
CA ALA A 575 -20.89 12.04 21.21
C ALA A 575 -21.00 10.72 20.45
N ASP A 576 -19.87 10.21 19.96
CA ASP A 576 -19.78 9.00 19.19
C ASP A 576 -18.44 8.36 19.52
N PRO A 577 -18.40 7.03 19.79
CA PRO A 577 -17.22 6.45 20.45
C PRO A 577 -15.95 6.68 19.67
N LYS A 578 -15.89 6.22 18.42
CA LYS A 578 -14.71 6.46 17.60
C LYS A 578 -14.49 7.96 17.41
N ARG A 579 -13.36 8.31 16.79
CA ARG A 579 -12.99 9.66 16.39
C ARG A 579 -12.50 10.45 17.61
N TYR A 580 -12.61 9.92 18.82
CA TYR A 580 -12.11 10.55 20.03
C TYR A 580 -10.73 10.03 20.44
N PHE A 581 -10.15 9.13 19.64
CA PHE A 581 -8.94 8.39 19.96
C PHE A 581 -7.76 9.27 20.35
N PRO A 582 -7.29 10.19 19.49
CA PRO A 582 -5.88 10.62 19.57
C PRO A 582 -5.60 11.56 20.73
N ALA A 583 -6.13 11.23 21.91
CA ALA A 583 -5.90 11.99 23.13
C ALA A 583 -5.46 11.14 24.30
N ILE A 584 -5.61 9.81 24.23
CA ILE A 584 -5.44 8.95 25.38
C ILE A 584 -4.00 8.98 25.85
N PHE A 585 -3.80 9.13 27.17
CA PHE A 585 -2.49 8.97 27.82
C PHE A 585 -1.48 10.01 27.36
N SER A 586 -1.86 10.89 26.44
CA SER A 586 -0.96 11.89 25.88
C SER A 586 -1.30 13.25 26.49
N ALA A 587 -0.81 13.47 27.70
CA ALA A 587 -1.01 14.74 28.40
C ALA A 587 0.26 15.58 28.45
N GLU A 588 1.38 14.99 28.83
CA GLU A 588 2.64 15.72 28.89
C GLU A 588 3.26 15.96 27.52
N VAL A 589 2.60 15.51 26.44
CA VAL A 589 3.04 15.86 25.10
C VAL A 589 2.45 17.21 24.69
N LEU A 590 1.13 17.31 24.70
CA LEU A 590 0.45 18.50 24.20
C LEU A 590 0.94 19.76 24.90
N GLN A 591 1.08 19.71 26.23
CA GLN A 591 1.63 20.85 26.96
C GLN A 591 3.01 21.24 26.41
N THR A 592 3.87 20.24 26.18
CA THR A 592 5.19 20.53 25.64
C THR A 592 5.09 21.07 24.21
N THR A 593 4.13 20.56 23.43
CA THR A 593 3.88 21.11 22.10
C THR A 593 3.59 22.60 22.18
N VAL A 594 2.62 22.98 23.02
CA VAL A 594 2.23 24.39 23.12
C VAL A 594 3.40 25.23 23.61
N SER A 595 4.15 24.71 24.59
CA SER A 595 5.30 25.46 25.12
C SER A 595 6.33 25.73 24.03
N THR A 596 6.77 24.68 23.32
CA THR A 596 7.77 24.90 22.28
C THR A 596 7.23 25.74 21.14
N MET A 597 5.91 25.69 20.89
CA MET A 597 5.32 26.54 19.87
C MET A 597 5.44 28.00 20.26
N ILE A 598 4.99 28.34 21.47
CA ILE A 598 5.15 29.69 22.00
C ILE A 598 6.61 30.11 21.97
N SER A 599 7.52 29.16 22.22
CA SER A 599 8.94 29.48 22.41
C SER A 599 9.53 30.26 21.23
N TRP A 600 8.97 30.11 20.03
CA TRP A 600 9.45 30.87 18.88
C TRP A 600 9.24 32.37 19.11
N VAL A 601 7.99 32.80 19.17
CA VAL A 601 7.69 34.25 19.29
C VAL A 601 7.59 34.54 20.78
N LYS A 602 8.76 34.77 21.40
CA LYS A 602 8.80 35.24 22.78
C LYS A 602 9.88 36.29 23.00
N ASP A 603 10.49 36.81 21.93
CA ASP A 603 11.52 37.84 22.04
C ASP A 603 11.14 39.13 21.33
N CYS A 604 9.94 39.21 20.78
CA CYS A 604 9.46 40.42 20.11
C CYS A 604 9.18 41.49 21.16
N SER A 605 10.14 42.42 21.31
CA SER A 605 9.97 43.54 22.24
C SER A 605 8.62 44.23 22.06
N GLU A 606 8.21 44.46 20.82
CA GLU A 606 6.93 45.11 20.54
C GLU A 606 5.72 44.25 20.92
N LEU A 607 5.93 43.07 21.51
CA LEU A 607 4.85 42.21 21.96
C LEU A 607 5.07 41.77 23.41
N GLU A 608 5.83 42.55 24.19
CA GLU A 608 6.25 42.10 25.51
C GLU A 608 5.07 41.95 26.47
N GLU A 609 4.04 42.78 26.34
CA GLU A 609 3.10 42.95 27.45
C GLU A 609 2.08 41.83 27.48
N GLN A 610 1.25 41.74 26.45
CA GLN A 610 0.12 40.82 26.44
C GLN A 610 0.49 39.41 26.00
N LEU A 611 1.78 39.07 26.04
CA LEU A 611 2.25 37.76 25.61
C LEU A 611 1.51 36.63 26.31
N CYS A 612 1.28 36.77 27.63
CA CYS A 612 0.56 35.73 28.36
C CYS A 612 -0.82 35.45 27.76
N ASN A 613 -1.47 36.47 27.23
CA ASN A 613 -2.77 36.26 26.58
C ASN A 613 -2.62 35.28 25.43
N ILE A 614 -1.59 35.49 24.60
CA ILE A 614 -1.32 34.58 23.49
C ILE A 614 -1.26 33.16 24.01
N ASN A 615 -0.58 32.96 25.14
CA ASN A 615 -0.45 31.62 25.68
C ASN A 615 -1.83 31.01 25.90
N SER A 616 -2.68 31.72 26.65
CA SER A 616 -4.00 31.19 26.92
C SER A 616 -4.71 30.85 25.61
N LEU A 617 -4.59 31.74 24.64
CA LEU A 617 -5.36 31.55 23.41
C LEU A 617 -4.93 30.28 22.72
N THR A 618 -3.61 30.08 22.61
CA THR A 618 -3.13 28.86 21.95
C THR A 618 -3.70 27.64 22.66
N LYS A 619 -3.55 27.59 23.99
CA LYS A 619 -4.03 26.42 24.72
C LYS A 619 -5.50 26.22 24.46
N MET A 620 -6.26 27.32 24.46
CA MET A 620 -7.70 27.20 24.34
C MET A 620 -8.07 26.58 23.00
N ILE A 621 -7.38 27.00 21.94
CA ILE A 621 -7.67 26.45 20.62
C ILE A 621 -7.53 24.94 20.66
N LEU A 622 -6.41 24.46 21.23
CA LEU A 622 -6.17 23.03 21.21
C LEU A 622 -7.28 22.30 21.93
N VAL A 623 -7.66 22.79 23.11
CA VAL A 623 -8.66 22.07 23.89
C VAL A 623 -9.97 22.03 23.14
N LEU A 624 -10.28 23.10 22.41
CA LEU A 624 -11.52 23.11 21.65
C LEU A 624 -11.48 22.02 20.59
N ILE A 625 -10.38 21.96 19.84
CA ILE A 625 -10.22 20.91 18.84
C ILE A 625 -10.49 19.56 19.47
N LEU A 626 -9.93 19.34 20.66
CA LEU A 626 -10.05 18.03 21.27
C LEU A 626 -11.45 17.80 21.84
N ALA A 627 -12.11 18.86 22.33
CA ALA A 627 -13.39 18.68 22.99
C ALA A 627 -14.51 18.40 22.00
N HIS A 628 -14.64 19.23 20.96
CA HIS A 628 -15.71 19.12 19.97
C HIS A 628 -15.15 18.81 18.58
N PRO A 629 -14.75 17.57 18.32
CA PRO A 629 -14.19 17.24 17.00
C PRO A 629 -15.31 16.97 16.01
N SER A 630 -15.31 17.71 14.90
CA SER A 630 -16.39 17.63 13.93
C SER A 630 -15.88 18.01 12.55
N LYS A 631 -16.61 17.54 11.53
CA LYS A 631 -16.20 17.68 10.14
C LYS A 631 -15.98 19.13 9.75
N ARG A 632 -17.06 19.93 9.74
CA ARG A 632 -17.01 21.30 9.24
C ARG A 632 -16.22 22.26 10.10
N SER A 633 -15.59 21.81 11.19
CA SER A 633 -14.60 22.61 11.88
C SER A 633 -13.17 22.36 11.38
N GLN A 634 -12.95 21.32 10.59
CA GLN A 634 -11.63 21.11 10.02
C GLN A 634 -11.33 22.10 8.90
N LYS A 635 -12.29 22.28 7.99
CA LYS A 635 -12.03 23.08 6.79
C LYS A 635 -11.77 24.53 7.17
N LEU A 636 -12.46 25.03 8.20
CA LEU A 636 -12.23 26.40 8.63
C LEU A 636 -10.77 26.61 9.00
N LEU A 637 -10.19 25.66 9.74
CA LEU A 637 -8.78 25.81 10.06
C LEU A 637 -7.92 25.65 8.82
N GLN A 638 -8.25 24.68 7.95
CA GLN A 638 -7.40 24.40 6.81
C GLN A 638 -7.33 25.61 5.90
N ASN A 639 -8.50 26.17 5.57
CA ASN A 639 -8.55 27.26 4.61
C ASN A 639 -7.69 28.42 5.09
N LEU A 640 -7.47 28.52 6.40
CA LEU A 640 -6.71 29.63 6.95
C LEU A 640 -5.34 29.75 6.29
N ARG A 641 -4.77 28.62 5.87
CA ARG A 641 -3.43 28.66 5.28
C ARG A 641 -3.42 29.53 4.03
N TYR A 642 -4.48 29.41 3.23
CA TYR A 642 -4.53 30.19 2.00
C TYR A 642 -4.54 31.67 2.33
N PHE A 643 -5.31 32.06 3.34
CA PHE A 643 -5.32 33.46 3.74
C PHE A 643 -3.91 33.92 4.07
N ILE A 644 -3.22 33.19 4.96
CA ILE A 644 -1.89 33.68 5.34
C ILE A 644 -0.97 33.65 4.13
N MET A 645 -1.17 32.68 3.23
CA MET A 645 -0.40 32.66 1.99
C MET A 645 -0.63 33.93 1.20
N ALA A 646 -1.88 34.39 1.15
CA ALA A 646 -2.18 35.59 0.39
C ALA A 646 -1.56 36.81 1.06
N TYR A 647 -1.48 36.81 2.40
CA TYR A 647 -1.02 37.99 3.12
C TYR A 647 0.39 38.38 2.70
N VAL A 648 1.30 37.41 2.63
CA VAL A 648 2.70 37.70 2.30
C VAL A 648 2.94 37.86 0.82
N SER A 649 1.92 37.64 -0.02
CA SER A 649 2.09 37.64 -1.46
C SER A 649 2.12 39.08 -1.98
N ASP A 650 2.01 39.23 -3.31
CA ASP A 650 1.91 40.53 -3.95
C ASP A 650 0.60 40.69 -4.71
N TYR A 651 0.23 39.70 -5.52
CA TYR A 651 -1.01 39.72 -6.30
C TYR A 651 -1.83 38.49 -5.94
N HIS A 652 -3.13 38.69 -5.73
CA HIS A 652 -4.04 37.58 -5.47
C HIS A 652 -5.23 37.61 -6.40
N HIS A 653 -5.87 36.45 -6.52
CA HIS A 653 -7.01 36.30 -7.41
C HIS A 653 -8.15 37.22 -6.98
N LYS A 654 -8.93 37.66 -7.97
CA LYS A 654 -10.01 38.61 -7.69
C LYS A 654 -11.04 38.01 -6.74
N ASP A 655 -11.52 36.80 -7.03
CA ASP A 655 -12.56 36.16 -6.24
C ASP A 655 -11.91 35.14 -5.32
N LEU A 656 -11.37 35.64 -4.21
CA LEU A 656 -10.72 34.81 -3.20
C LEU A 656 -11.54 34.71 -1.92
N ILE A 657 -11.94 35.84 -1.35
CA ILE A 657 -12.57 35.87 -0.04
C ILE A 657 -13.87 35.08 -0.03
N ASP A 658 -14.59 35.07 -1.16
CA ASP A 658 -15.84 34.33 -1.25
C ASP A 658 -15.66 32.82 -1.25
N LYS A 659 -14.43 32.33 -1.09
CA LYS A 659 -14.19 30.90 -0.97
C LYS A 659 -14.27 30.41 0.47
N LEU A 660 -13.94 31.27 1.44
CA LEU A 660 -13.78 30.83 2.82
C LEU A 660 -15.08 31.03 3.61
N ARG A 661 -16.19 30.56 3.05
CA ARG A 661 -17.51 30.88 3.59
C ARG A 661 -18.44 29.67 3.47
N GLU A 662 -17.93 28.49 3.81
CA GLU A 662 -18.60 27.25 3.42
C GLU A 662 -19.97 27.08 4.08
N GLU A 663 -19.99 26.74 5.37
CA GLU A 663 -21.24 26.49 6.09
C GLU A 663 -21.00 26.24 7.57
N LEU A 664 -21.80 26.86 8.43
CA LEU A 664 -21.72 26.63 9.87
C LEU A 664 -23.13 26.36 10.40
N ILE A 665 -23.23 25.47 11.37
CA ILE A 665 -24.51 24.98 11.88
C ILE A 665 -24.77 25.43 13.31
N THR A 666 -23.96 24.96 14.25
CA THR A 666 -24.12 25.30 15.65
C THR A 666 -23.14 26.38 16.07
N ASP A 667 -23.08 26.64 17.39
CA ASP A 667 -22.38 27.82 17.90
C ASP A 667 -20.88 27.61 17.96
N VAL A 668 -20.43 26.50 18.54
CA VAL A 668 -19.03 26.24 18.88
C VAL A 668 -18.08 26.70 17.78
N GLU A 669 -18.44 26.43 16.52
CA GLU A 669 -17.63 26.89 15.41
C GLU A 669 -17.45 28.40 15.44
N PHE A 670 -18.51 29.14 15.78
CA PHE A 670 -18.38 30.59 15.86
C PHE A 670 -17.47 31.01 17.00
N LEU A 671 -17.49 30.28 18.12
CA LEU A 671 -16.50 30.51 19.17
C LEU A 671 -15.08 30.34 18.63
N LEU A 672 -14.83 29.24 17.92
CA LEU A 672 -13.51 29.01 17.35
C LEU A 672 -13.12 30.13 16.39
N TYR A 673 -14.08 30.57 15.56
CA TYR A 673 -13.83 31.66 14.64
C TYR A 673 -13.43 32.92 15.39
N ARG A 674 -14.15 33.26 16.46
CA ARG A 674 -13.84 34.46 17.22
C ARG A 674 -12.45 34.36 17.84
N LEU A 675 -12.13 33.19 18.40
CA LEU A 675 -10.82 32.98 19.01
C LEU A 675 -9.71 33.20 17.98
N VAL A 676 -9.80 32.50 16.83
CA VAL A 676 -8.74 32.60 15.84
C VAL A 676 -8.66 34.01 15.26
N ARG A 677 -9.80 34.68 15.10
CA ARG A 677 -9.78 36.06 14.60
C ARG A 677 -9.07 36.97 15.59
N ALA A 678 -9.33 36.80 16.88
CA ALA A 678 -8.63 37.58 17.89
C ALA A 678 -7.13 37.32 17.83
N LEU A 679 -6.75 36.04 17.74
CA LEU A 679 -5.32 35.70 17.73
C LEU A 679 -4.63 36.28 16.50
N VAL A 680 -5.30 36.24 15.34
CA VAL A 680 -4.71 36.81 14.14
C VAL A 680 -4.59 38.31 14.25
N ASN A 681 -5.64 38.98 14.74
CA ASN A 681 -5.58 40.42 14.93
C ASN A 681 -4.46 40.82 15.87
N LEU A 682 -4.16 39.98 16.85
CA LEU A 682 -3.12 40.32 17.83
C LEU A 682 -1.73 40.05 17.27
N ILE A 683 -1.56 38.94 16.54
CA ILE A 683 -0.25 38.60 15.99
C ILE A 683 0.13 39.55 14.86
N LEU A 684 -0.84 39.92 14.03
CA LEU A 684 -0.55 40.70 12.83
C LEU A 684 -0.34 42.17 13.18
N SER A 685 -1.37 42.81 13.75
CA SER A 685 -1.23 44.04 14.53
C SER A 685 -0.34 45.07 13.81
N GLU A 686 -0.89 45.59 12.71
CA GLU A 686 -0.15 46.26 11.64
C GLU A 686 0.98 47.17 12.11
N ASP A 687 0.95 47.62 13.36
CA ASP A 687 1.97 48.51 13.89
C ASP A 687 3.13 47.77 14.55
N VAL A 688 3.40 46.53 14.14
CA VAL A 688 4.55 45.76 14.61
C VAL A 688 5.23 45.14 13.39
N LYS A 689 6.56 45.11 13.41
CA LYS A 689 7.33 44.78 12.20
C LYS A 689 8.54 43.89 12.46
N SER A 690 8.85 43.55 13.70
CA SER A 690 10.17 43.02 14.02
C SER A 690 10.40 41.62 13.45
N MET A 691 9.67 40.62 13.95
CA MET A 691 9.88 39.23 13.55
C MET A 691 8.76 38.78 12.61
N MET A 692 9.07 38.70 11.31
CA MET A 692 8.11 38.24 10.33
C MET A 692 8.15 36.72 10.14
N THR A 693 9.36 36.15 10.10
CA THR A 693 9.51 34.71 9.85
C THR A 693 8.88 33.90 10.99
N ASN A 694 9.15 34.28 12.24
CA ASN A 694 8.64 33.51 13.36
C ASN A 694 7.13 33.53 13.40
N ARG A 695 6.53 34.70 13.19
CA ARG A 695 5.07 34.81 13.17
C ARG A 695 4.49 34.02 12.01
N PHE A 696 5.15 34.07 10.85
CA PHE A 696 4.77 33.22 9.72
C PHE A 696 4.68 31.76 10.14
N LYS A 697 5.78 31.23 10.69
CA LYS A 697 5.80 29.84 11.15
C LYS A 697 4.67 29.58 12.14
N PHE A 698 4.49 30.50 13.10
CA PHE A 698 3.46 30.33 14.13
C PHE A 698 2.10 30.12 13.47
N ILE A 699 1.66 31.10 12.68
CA ILE A 699 0.33 31.01 12.08
C ILE A 699 0.21 29.77 11.22
N LEU A 700 1.23 29.51 10.39
CA LEU A 700 1.17 28.36 9.48
C LEU A 700 0.97 27.07 10.25
N ASN A 701 1.78 26.84 11.29
CA ASN A 701 1.61 25.66 12.11
C ASN A 701 0.26 25.63 12.81
N ILE A 702 -0.31 26.82 13.12
CA ILE A 702 -1.65 26.84 13.67
C ILE A 702 -2.67 26.38 12.64
N SER A 703 -2.40 26.62 11.35
CA SER A 703 -3.35 26.20 10.32
C SER A 703 -3.39 24.69 10.15
N TYR A 704 -2.27 24.01 10.37
CA TYR A 704 -2.22 22.55 10.28
C TYR A 704 -2.76 21.85 11.51
N MET A 705 -3.30 22.58 12.50
CA MET A 705 -3.90 21.92 13.65
C MET A 705 -5.28 21.38 13.30
N CYS A 706 -5.36 20.66 12.19
CA CYS A 706 -6.58 20.06 11.66
C CYS A 706 -6.51 18.55 11.60
N HIS A 707 -5.33 18.00 11.30
CA HIS A 707 -5.14 16.55 11.30
C HIS A 707 -5.46 15.92 12.65
N PHE A 708 -5.42 16.70 13.73
CA PHE A 708 -5.66 16.16 15.06
C PHE A 708 -7.00 15.47 15.20
N ILE A 709 -7.95 15.73 14.30
CA ILE A 709 -9.32 15.28 14.52
C ILE A 709 -9.46 13.81 14.17
N THR A 710 -9.35 13.49 12.88
CA THR A 710 -9.42 12.14 12.31
C THR A 710 -9.30 12.33 10.80
N LYS A 711 -9.20 11.21 10.08
CA LYS A 711 -9.29 11.22 8.63
C LYS A 711 -10.50 10.46 8.10
N GLU A 712 -11.34 9.94 8.98
CA GLU A 712 -12.44 9.06 8.58
C GLU A 712 -13.58 9.87 7.98
N THR A 713 -14.73 9.22 7.77
CA THR A 713 -15.93 9.90 7.31
C THR A 713 -16.97 9.94 8.43
N PRO A 714 -17.70 11.06 8.58
CA PRO A 714 -18.78 11.08 9.58
C PRO A 714 -19.92 10.12 9.25
N ASP A 715 -20.44 10.17 8.04
CA ASP A 715 -21.55 9.33 7.60
C ASP A 715 -21.14 8.53 6.37
N ARG A 716 -22.09 7.73 5.86
CA ARG A 716 -21.92 6.99 4.62
C ARG A 716 -22.85 7.48 3.52
N LEU A 717 -24.17 7.43 3.76
CA LEU A 717 -25.13 7.79 2.72
C LEU A 717 -24.89 9.20 2.20
N THR A 718 -25.04 10.20 3.07
CA THR A 718 -24.80 11.58 2.68
C THR A 718 -23.34 11.88 2.38
N ASP A 719 -22.45 10.89 2.48
CA ASP A 719 -21.11 11.01 1.90
C ASP A 719 -21.08 10.52 0.47
N GLN A 720 -21.92 9.53 0.13
CA GLN A 720 -22.00 9.03 -1.24
C GLN A 720 -22.78 9.99 -2.12
N ILE A 721 -23.86 10.57 -1.58
CA ILE A 721 -24.69 11.49 -2.36
C ILE A 721 -23.87 12.68 -2.81
N LYS A 722 -23.02 13.22 -1.92
CA LYS A 722 -22.17 14.34 -2.27
C LYS A 722 -21.28 14.01 -3.47
N CYS A 723 -20.58 12.88 -3.40
CA CYS A 723 -19.65 12.52 -4.47
C CYS A 723 -20.41 12.26 -5.77
N PHE A 724 -21.58 11.63 -5.68
CA PHE A 724 -22.36 11.38 -6.88
C PHE A 724 -22.82 12.69 -7.52
N GLU A 725 -23.19 13.67 -6.70
CA GLU A 725 -23.56 14.97 -7.24
C GLU A 725 -22.37 15.65 -7.88
N LYS A 726 -21.22 15.65 -7.20
CA LYS A 726 -19.97 16.12 -7.79
C LYS A 726 -19.74 15.51 -9.15
N PHE A 727 -20.03 14.22 -9.29
CA PHE A 727 -19.83 13.50 -10.55
C PHE A 727 -20.80 14.02 -11.62
N LEU A 728 -22.10 13.96 -11.31
CA LEU A 728 -23.12 14.14 -12.34
C LEU A 728 -23.31 15.61 -12.69
N GLU A 729 -23.52 16.46 -11.68
CA GLU A 729 -23.98 17.83 -11.88
C GLU A 729 -23.27 18.61 -12.99
N PRO A 730 -21.94 18.51 -13.19
CA PRO A 730 -21.33 19.29 -14.27
C PRO A 730 -21.50 18.68 -15.65
N LYS A 731 -21.82 17.39 -15.75
CA LYS A 731 -22.09 16.76 -17.03
C LYS A 731 -23.49 17.04 -17.56
N LEU A 732 -24.29 17.88 -16.89
CA LEU A 732 -25.64 18.17 -17.39
C LEU A 732 -25.76 19.48 -18.15
N GLU A 733 -25.09 20.56 -17.71
CA GLU A 733 -25.13 21.81 -18.47
C GLU A 733 -24.68 21.59 -19.91
N PHE A 734 -23.57 20.88 -20.11
CA PHE A 734 -23.08 20.59 -21.45
C PHE A 734 -24.12 19.88 -22.31
N GLY A 735 -25.17 19.32 -21.71
CA GLY A 735 -26.24 18.71 -22.46
C GLY A 735 -25.87 17.45 -23.22
N HIS A 736 -25.30 16.47 -22.51
CA HIS A 736 -25.05 15.16 -23.10
C HIS A 736 -25.00 14.14 -21.97
N VAL A 737 -26.11 13.44 -21.75
CA VAL A 737 -26.19 12.38 -20.75
C VAL A 737 -26.95 11.20 -21.34
N SER A 738 -26.22 10.20 -21.82
CA SER A 738 -26.88 8.99 -22.30
C SER A 738 -27.21 8.07 -21.13
N ILE A 739 -28.07 7.09 -21.39
CA ILE A 739 -28.65 6.26 -20.34
C ILE A 739 -28.74 4.83 -20.87
N ASN A 740 -28.31 3.87 -20.04
CA ASN A 740 -28.43 2.45 -20.33
C ASN A 740 -27.97 2.05 -21.74
N PRO A 741 -26.76 2.46 -22.16
CA PRO A 741 -26.32 2.11 -23.51
C PRO A 741 -26.01 0.63 -23.65
N ALA A 742 -26.81 -0.07 -24.44
CA ALA A 742 -26.63 -1.51 -24.61
C ALA A 742 -25.30 -1.80 -25.31
N ASP A 743 -24.88 -3.06 -25.24
CA ASP A 743 -23.62 -3.46 -25.87
C ASP A 743 -23.67 -3.24 -27.38
N VAL A 744 -24.82 -3.50 -27.99
CA VAL A 744 -25.04 -3.14 -29.39
C VAL A 744 -25.52 -1.69 -29.44
N ALA A 745 -24.66 -0.80 -29.95
CA ALA A 745 -24.96 0.62 -29.95
C ALA A 745 -25.89 0.95 -31.11
N THR A 746 -27.06 1.52 -30.79
CA THR A 746 -27.96 2.01 -31.80
C THR A 746 -27.40 3.26 -32.47
N GLU A 747 -28.06 3.68 -33.55
CA GLU A 747 -27.53 4.76 -34.37
C GLU A 747 -27.57 6.10 -33.65
N GLU A 748 -28.64 6.38 -32.90
CA GLU A 748 -28.82 7.69 -32.29
C GLU A 748 -27.66 8.03 -31.35
N GLU A 749 -27.18 7.05 -30.57
CA GLU A 749 -26.05 7.30 -29.68
C GLU A 749 -24.81 7.68 -30.48
N LEU A 750 -24.55 6.99 -31.59
CA LEU A 750 -23.40 7.33 -32.42
C LEU A 750 -23.54 8.73 -32.99
N ASP A 751 -24.74 9.07 -33.47
CA ASP A 751 -24.99 10.41 -34.01
C ASP A 751 -24.70 11.47 -32.96
N ASP A 752 -25.27 11.31 -31.76
CA ASP A 752 -25.03 12.26 -30.69
C ASP A 752 -23.55 12.34 -30.33
N MET A 753 -22.85 11.20 -30.35
CA MET A 753 -21.42 11.21 -30.07
C MET A 753 -20.66 12.04 -31.10
N VAL A 754 -21.00 11.88 -32.38
CA VAL A 754 -20.36 12.69 -33.42
C VAL A 754 -20.66 14.16 -33.20
N TYR A 755 -21.93 14.49 -32.94
CA TYR A 755 -22.32 15.89 -32.77
C TYR A 755 -21.57 16.52 -31.60
N ASN A 756 -21.47 15.79 -30.48
CA ASN A 756 -20.77 16.32 -29.32
C ASN A 756 -19.28 16.46 -29.58
N ALA A 757 -18.69 15.49 -30.30
CA ALA A 757 -17.28 15.60 -30.64
C ALA A 757 -17.02 16.82 -31.51
N LYS A 758 -17.95 17.15 -32.41
CA LYS A 758 -17.83 18.38 -33.18
C LYS A 758 -17.98 19.61 -32.29
N LYS A 759 -18.94 19.57 -31.37
CA LYS A 759 -19.20 20.72 -30.50
C LYS A 759 -17.99 21.02 -29.62
N PHE A 760 -17.29 19.97 -29.18
CA PHE A 760 -16.19 20.15 -28.23
C PHE A 760 -15.15 21.14 -28.74
N LEU A 761 -14.87 21.11 -30.05
CA LEU A 761 -13.87 21.97 -30.65
C LEU A 761 -14.44 23.29 -31.15
N SER A 762 -15.60 23.70 -30.65
CA SER A 762 -16.26 24.92 -31.10
C SER A 762 -16.01 26.09 -30.15
N LYS A 763 -14.82 26.17 -29.56
CA LYS A 763 -14.48 27.29 -28.70
C LYS A 763 -13.82 28.40 -29.50
N GLU A 764 -13.94 29.62 -28.99
CA GLU A 764 -13.51 30.82 -29.69
C GLU A 764 -13.15 31.86 -28.64
N GLY A 765 -12.46 32.91 -29.07
CA GLY A 765 -12.10 33.97 -28.15
C GLY A 765 -11.43 35.16 -28.79
N CYS A 766 -11.72 36.35 -28.26
CA CYS A 766 -11.09 37.63 -28.58
C CYS A 766 -11.40 38.10 -29.99
N THR A 767 -12.10 37.30 -30.80
CA THR A 767 -12.62 37.73 -32.10
C THR A 767 -14.08 37.30 -32.15
N SER A 768 -14.95 38.13 -31.58
CA SER A 768 -16.38 37.84 -31.51
C SER A 768 -17.09 39.07 -30.94
N ILE A 769 -18.41 39.10 -31.14
CA ILE A 769 -19.25 40.08 -30.45
C ILE A 769 -19.54 39.71 -29.01
N LYS A 770 -18.99 38.59 -28.53
CA LYS A 770 -19.24 38.12 -27.17
C LYS A 770 -17.97 37.94 -26.34
N GLY A 771 -16.81 37.75 -26.96
CA GLY A 771 -15.57 37.58 -26.25
C GLY A 771 -15.51 36.26 -25.50
N PRO A 772 -14.42 36.05 -24.77
CA PRO A 772 -14.22 34.76 -24.10
C PRO A 772 -15.23 34.55 -22.98
N ASP A 773 -15.59 33.28 -22.77
CA ASP A 773 -16.52 32.88 -21.72
C ASP A 773 -15.85 31.77 -20.91
N TYR A 774 -15.27 32.14 -19.77
CA TYR A 774 -14.47 31.20 -18.99
C TYR A 774 -15.34 30.10 -18.39
N LYS A 775 -14.66 29.09 -17.83
CA LYS A 775 -15.29 28.04 -17.03
C LYS A 775 -16.22 27.15 -17.85
N LYS A 776 -15.85 26.89 -19.10
CA LYS A 776 -16.61 25.98 -19.95
C LYS A 776 -15.67 25.11 -20.78
N PRO A 777 -15.94 23.81 -20.87
CA PRO A 777 -14.99 22.89 -21.49
C PRO A 777 -14.88 23.11 -22.99
N GLY A 778 -13.76 22.62 -23.54
CA GLY A 778 -13.54 22.69 -24.97
C GLY A 778 -12.23 23.36 -25.35
N VAL A 779 -11.77 23.11 -26.57
CA VAL A 779 -10.50 23.62 -27.07
C VAL A 779 -10.74 24.28 -28.42
N SER A 780 -10.03 25.37 -28.68
CA SER A 780 -10.16 26.10 -29.93
C SER A 780 -9.14 25.60 -30.94
N LYS A 781 -9.49 25.69 -32.23
CA LYS A 781 -8.66 25.10 -33.28
C LYS A 781 -7.42 25.95 -33.54
N ARG A 782 -7.52 27.26 -33.41
CA ARG A 782 -6.37 28.15 -33.61
C ARG A 782 -5.21 27.74 -32.71
N PHE A 783 -5.44 27.73 -31.40
CA PHE A 783 -4.37 27.44 -30.45
C PHE A 783 -3.87 26.01 -30.59
N LEU A 784 -4.77 25.07 -30.87
CA LEU A 784 -4.36 23.68 -31.02
C LEU A 784 -3.45 23.52 -32.23
N SER A 785 -3.79 24.16 -33.35
CA SER A 785 -2.92 24.16 -34.51
C SER A 785 -1.58 24.79 -34.19
N LEU A 786 -1.59 25.92 -33.48
CA LEU A 786 -0.34 26.59 -33.12
C LEU A 786 0.54 25.65 -32.28
N LEU A 787 -0.06 25.01 -31.28
CA LEU A 787 0.65 24.05 -30.43
C LEU A 787 1.28 22.95 -31.28
N THR A 788 0.46 22.26 -32.07
CA THR A 788 0.96 21.12 -32.83
C THR A 788 2.09 21.55 -33.76
N SER A 789 1.86 22.58 -34.56
CA SER A 789 2.89 23.04 -35.50
C SER A 789 4.18 23.42 -34.78
N SER A 790 4.07 24.29 -33.77
CA SER A 790 5.26 24.69 -33.01
C SER A 790 5.96 23.50 -32.38
N PHE A 791 5.24 22.41 -32.10
CA PHE A 791 5.91 21.23 -31.58
C PHE A 791 6.64 20.46 -32.68
N ASN A 792 6.02 20.35 -33.86
CA ASN A 792 6.61 19.57 -34.93
C ASN A 792 7.85 20.24 -35.50
N ASN A 793 7.88 21.58 -35.51
CA ASN A 793 9.05 22.32 -35.99
C ASN A 793 10.23 22.26 -35.04
N GLY A 794 10.19 21.42 -34.01
CA GLY A 794 11.30 21.31 -33.09
C GLY A 794 11.57 22.53 -32.24
N SER A 795 10.59 23.42 -32.11
CA SER A 795 10.74 24.64 -31.33
C SER A 795 10.42 24.44 -29.86
N LEU A 796 10.50 23.20 -29.36
CA LEU A 796 10.22 22.95 -27.95
C LEU A 796 11.25 22.01 -27.30
N PHE A 797 12.41 21.83 -27.93
CA PHE A 797 13.44 20.92 -27.45
C PHE A 797 14.68 21.70 -27.03
N LYS A 798 15.72 20.97 -26.64
CA LYS A 798 17.04 21.52 -26.38
C LYS A 798 18.08 20.49 -26.81
N GLU A 799 19.36 20.79 -26.53
CA GLU A 799 20.46 19.93 -26.95
C GLU A 799 20.28 18.50 -26.45
N SER A 800 19.72 18.34 -25.24
CA SER A 800 19.46 17.01 -24.71
C SER A 800 18.39 16.25 -25.48
N GLU A 801 17.72 16.88 -26.43
CA GLU A 801 16.74 16.21 -27.27
C GLU A 801 17.12 16.17 -28.74
N VAL A 802 17.64 17.28 -29.28
CA VAL A 802 18.04 17.30 -30.69
C VAL A 802 19.14 16.28 -30.96
N LYS A 803 19.98 16.00 -29.96
CA LYS A 803 21.04 15.01 -30.11
C LYS A 803 20.58 13.60 -29.79
N ARG A 804 19.48 13.45 -29.06
CA ARG A 804 18.90 12.15 -28.71
C ARG A 804 17.47 12.12 -29.26
N GLU A 805 17.34 11.75 -30.53
CA GLU A 805 16.03 11.53 -31.13
C GLU A 805 15.22 10.50 -30.34
N ILE A 806 13.93 10.79 -30.19
CA ILE A 806 13.05 10.03 -29.30
C ILE A 806 12.90 8.62 -29.86
N LYS A 807 13.51 7.64 -29.20
CA LYS A 807 13.37 6.26 -29.64
C LYS A 807 11.90 5.84 -29.56
N ASP A 808 11.56 4.83 -30.36
CA ASP A 808 10.19 4.35 -30.45
C ASP A 808 9.70 3.92 -29.08
N PRO A 809 8.63 4.52 -28.55
CA PRO A 809 8.09 4.08 -27.26
C PRO A 809 7.34 2.75 -27.34
N LEU A 810 7.96 1.75 -27.98
CA LEU A 810 7.40 0.41 -27.99
C LEU A 810 8.43 -0.67 -27.73
N VAL A 811 9.69 -0.31 -27.50
CA VAL A 811 10.75 -1.30 -27.33
C VAL A 811 10.82 -1.76 -25.88
N LYS A 825 -5.93 -3.97 -3.88
CA LYS A 825 -7.14 -3.26 -4.25
C LYS A 825 -8.27 -4.22 -4.59
N SER A 826 -9.36 -3.68 -5.13
CA SER A 826 -10.56 -4.46 -5.41
C SER A 826 -10.85 -4.45 -6.90
N VAL A 827 -11.59 -5.48 -7.35
CA VAL A 827 -11.97 -5.63 -8.75
C VAL A 827 -13.38 -6.19 -8.78
N VAL A 828 -14.18 -5.71 -9.73
CA VAL A 828 -15.59 -6.10 -9.83
C VAL A 828 -15.70 -7.39 -10.62
N VAL A 829 -16.52 -8.31 -10.12
CA VAL A 829 -16.95 -9.50 -10.85
C VAL A 829 -18.38 -9.30 -11.30
N ASN A 830 -18.64 -9.59 -12.57
CA ASN A 830 -19.93 -9.36 -13.19
C ASN A 830 -20.90 -10.48 -12.84
N LYS A 831 -22.13 -10.34 -13.31
CA LYS A 831 -23.15 -11.36 -13.17
C LYS A 831 -23.48 -11.94 -14.54
N TYR A 832 -24.38 -12.93 -14.57
CA TYR A 832 -24.74 -13.59 -15.81
C TYR A 832 -26.08 -14.29 -15.64
N THR A 833 -26.97 -14.09 -16.61
CA THR A 833 -28.20 -14.86 -16.74
C THR A 833 -28.24 -15.69 -18.01
N ASP A 834 -27.60 -15.22 -19.08
CA ASP A 834 -27.53 -15.90 -20.36
C ASP A 834 -26.18 -15.53 -20.98
N GLY A 835 -26.06 -15.73 -22.30
CA GLY A 835 -24.94 -15.12 -23.01
C GLY A 835 -24.78 -13.64 -22.71
N SER A 836 -25.90 -12.94 -22.56
CA SER A 836 -25.89 -11.52 -22.23
C SER A 836 -25.54 -11.33 -20.75
N ARG A 837 -25.42 -10.07 -20.35
CA ARG A 837 -25.20 -9.72 -18.95
C ARG A 837 -26.19 -8.62 -18.56
N VAL A 838 -26.85 -8.80 -17.41
CA VAL A 838 -27.83 -7.83 -16.94
C VAL A 838 -27.21 -6.45 -16.86
N LEU A 839 -28.00 -5.42 -17.19
CA LEU A 839 -27.52 -4.06 -17.06
C LEU A 839 -28.60 -3.09 -16.57
N ASN A 840 -29.70 -3.57 -16.02
CA ASN A 840 -30.79 -2.69 -15.58
C ASN A 840 -31.55 -3.35 -14.45
N TYR A 841 -31.65 -2.65 -13.32
CA TYR A 841 -32.49 -3.11 -12.22
C TYR A 841 -33.96 -3.14 -12.64
N ASP A 842 -34.71 -4.09 -12.09
CA ASP A 842 -36.14 -4.14 -12.33
C ASP A 842 -36.81 -2.99 -11.59
N PHE A 843 -37.96 -2.56 -12.12
CA PHE A 843 -38.73 -1.50 -11.49
C PHE A 843 -39.46 -2.01 -10.25
N ASN A 844 -40.39 -2.96 -10.43
CA ASN A 844 -41.29 -3.34 -9.35
C ASN A 844 -40.55 -4.02 -8.21
N LYS A 845 -39.48 -4.76 -8.51
CA LYS A 845 -38.63 -5.30 -7.46
C LYS A 845 -38.10 -4.18 -6.58
N LEU A 846 -37.60 -3.11 -7.20
CA LEU A 846 -37.08 -1.98 -6.44
C LEU A 846 -38.17 -1.30 -5.63
N THR A 847 -39.36 -1.15 -6.22
CA THR A 847 -40.49 -0.58 -5.48
C THR A 847 -40.77 -1.39 -4.22
N ALA A 848 -40.86 -2.72 -4.37
CA ALA A 848 -41.07 -3.59 -3.21
C ALA A 848 -39.97 -3.41 -2.18
N LEU A 849 -38.72 -3.33 -2.62
CA LEU A 849 -37.60 -3.17 -1.69
C LEU A 849 -37.77 -1.89 -0.89
N ALA A 850 -37.98 -0.78 -1.60
CA ALA A 850 -38.15 0.52 -0.94
C ALA A 850 -39.27 0.46 0.08
N VAL A 851 -40.44 -0.03 -0.34
CA VAL A 851 -41.59 -0.15 0.56
C VAL A 851 -41.20 -0.90 1.82
N SER A 852 -40.58 -2.08 1.64
CA SER A 852 -40.13 -2.89 2.78
C SER A 852 -39.27 -2.06 3.73
N GLN A 853 -38.23 -1.44 3.18
CA GLN A 853 -37.32 -0.64 4.02
C GLN A 853 -38.10 0.41 4.80
N LEU A 854 -38.98 1.14 4.11
CA LEU A 854 -39.77 2.17 4.78
C LEU A 854 -40.57 1.58 5.94
N THR A 855 -41.21 0.42 5.69
CA THR A 855 -41.94 -0.27 6.75
C THR A 855 -41.05 -0.59 7.94
N GLU A 856 -39.80 -0.97 7.67
CA GLU A 856 -38.84 -1.24 8.74
C GLU A 856 -38.54 0.03 9.54
N VAL A 857 -38.29 1.14 8.85
CA VAL A 857 -38.00 2.40 9.52
C VAL A 857 -39.18 2.81 10.39
N PHE A 858 -40.38 2.71 9.86
CA PHE A 858 -41.58 3.03 10.63
C PHE A 858 -41.68 2.14 11.87
N SER A 859 -41.53 0.83 11.68
CA SER A 859 -41.70 -0.12 12.77
C SER A 859 -40.66 0.08 13.86
N ARG A 860 -39.49 0.63 13.52
CA ARG A 860 -38.46 0.77 14.55
C ARG A 860 -38.59 2.08 15.33
N LYS A 861 -38.76 3.20 14.64
CA LYS A 861 -38.78 4.48 15.36
C LYS A 861 -39.98 5.34 15.04
N GLY A 862 -40.44 5.35 13.78
CA GLY A 862 -41.54 6.21 13.38
C GLY A 862 -42.79 6.06 14.23
N LYS A 863 -43.06 4.84 14.71
CA LYS A 863 -44.29 4.59 15.47
C LYS A 863 -44.29 5.27 16.84
N HIS A 864 -43.14 5.72 17.35
CA HIS A 864 -43.08 6.32 18.67
C HIS A 864 -42.82 7.83 18.61
N LEU A 865 -43.25 8.48 17.54
CA LEU A 865 -43.04 9.92 17.42
C LEU A 865 -44.28 10.65 16.95
N LEU A 866 -45.04 10.08 16.02
CA LEU A 866 -46.21 10.72 15.46
C LEU A 866 -47.47 10.33 16.24
N ASN A 867 -48.46 11.22 16.21
CA ASN A 867 -49.72 10.97 16.90
C ASN A 867 -50.56 9.99 16.10
N LYS A 868 -51.52 9.37 16.79
CA LYS A 868 -52.39 8.40 16.14
C LYS A 868 -53.49 9.04 15.32
N GLN A 869 -53.77 10.33 15.54
CA GLN A 869 -54.77 11.06 14.78
C GLN A 869 -54.16 11.92 13.69
N ASP A 870 -52.90 11.67 13.33
CA ASP A 870 -52.30 12.25 12.14
C ASP A 870 -52.47 11.33 10.94
N TYR A 871 -52.64 11.95 9.76
CA TYR A 871 -52.83 11.19 8.54
C TYR A 871 -51.59 10.40 8.15
N ASP A 872 -50.39 10.99 8.33
CA ASP A 872 -49.16 10.29 7.95
C ASP A 872 -49.00 8.99 8.73
N TYR A 873 -49.35 9.02 10.02
CA TYR A 873 -49.28 7.81 10.83
C TYR A 873 -50.22 6.75 10.28
N LYS A 874 -51.45 7.13 9.96
CA LYS A 874 -52.42 6.15 9.48
C LYS A 874 -51.95 5.57 8.16
N VAL A 875 -51.43 6.42 7.26
CA VAL A 875 -50.94 5.94 5.98
C VAL A 875 -49.88 4.86 6.20
N GLN A 876 -48.87 5.19 7.04
CA GLN A 876 -47.80 4.22 7.31
C GLN A 876 -48.36 2.94 7.89
N GLN A 877 -49.34 3.05 8.79
CA GLN A 877 -49.99 1.87 9.37
C GLN A 877 -50.60 1.00 8.29
N ALA A 878 -51.32 1.64 7.36
CA ALA A 878 -51.97 0.90 6.27
C ALA A 878 -50.94 0.21 5.39
N MET A 879 -49.83 0.89 5.10
CA MET A 879 -48.83 0.30 4.22
C MET A 879 -48.09 -0.83 4.93
N SER A 880 -48.02 -0.77 6.26
CA SER A 880 -47.32 -1.82 7.00
C SER A 880 -48.20 -3.05 7.12
N ASN A 881 -49.45 -2.86 7.56
CA ASN A 881 -50.36 -3.99 7.61
C ASN A 881 -50.63 -4.54 6.22
N LEU A 882 -50.38 -3.75 5.17
CA LEU A 882 -50.39 -4.25 3.81
C LEU A 882 -49.21 -5.19 3.55
N VAL A 883 -47.99 -4.70 3.80
CA VAL A 883 -46.81 -5.47 3.43
C VAL A 883 -46.66 -6.71 4.30
N LEU A 884 -47.07 -6.64 5.55
CA LEU A 884 -46.90 -7.75 6.49
C LEU A 884 -48.26 -8.24 6.97
N GLY A 885 -48.26 -9.13 7.96
CA GLY A 885 -49.47 -9.61 8.57
C GLY A 885 -49.47 -9.45 10.07
N PRO A 886 -50.62 -9.10 10.65
CA PRO A 886 -50.73 -8.83 12.09
C PRO A 886 -51.09 -10.07 12.88
N ALA A 896 -61.44 2.95 4.77
CA ALA A 896 -61.13 3.48 3.44
C ALA A 896 -61.47 4.97 3.36
N ASP A 897 -62.17 5.48 4.37
CA ASP A 897 -62.41 6.92 4.46
C ASP A 897 -61.10 7.68 4.61
N LEU A 898 -60.14 7.12 5.36
CA LEU A 898 -58.78 7.65 5.34
C LEU A 898 -58.19 7.55 3.94
N ASP A 899 -58.37 6.41 3.27
CA ASP A 899 -57.94 6.29 1.89
C ASP A 899 -58.76 7.21 0.98
N GLU A 900 -60.02 7.49 1.35
CA GLU A 900 -60.81 8.45 0.60
C GLU A 900 -60.20 9.84 0.66
N ILE A 901 -59.78 10.27 1.86
CA ILE A 901 -59.09 11.55 1.99
C ILE A 901 -57.77 11.54 1.23
N LEU A 902 -57.07 10.41 1.26
CA LEU A 902 -55.88 10.25 0.43
C LEU A 902 -56.18 10.51 -1.03
N LEU A 903 -57.27 9.93 -1.54
CA LEU A 903 -57.72 10.21 -2.90
C LEU A 903 -57.97 11.70 -3.10
N ASP A 904 -58.64 12.33 -2.13
CA ASP A 904 -58.79 13.78 -2.18
C ASP A 904 -57.46 14.51 -2.05
N GLY A 905 -56.46 13.87 -1.45
CA GLY A 905 -55.11 14.43 -1.44
C GLY A 905 -54.33 14.11 -2.70
N GLY A 906 -55.02 13.95 -3.81
CA GLY A 906 -54.39 13.66 -5.10
C GLY A 906 -53.96 12.23 -5.36
N ALA A 907 -53.24 11.62 -4.41
CA ALA A 907 -52.64 10.31 -4.63
C ALA A 907 -53.69 9.21 -4.66
N SER A 908 -54.26 8.95 -5.83
CA SER A 908 -55.28 7.92 -5.99
C SER A 908 -54.76 6.68 -6.71
N VAL A 909 -54.22 6.83 -7.91
CA VAL A 909 -53.87 5.68 -8.73
C VAL A 909 -52.58 5.02 -8.25
N TYR A 910 -51.69 5.79 -7.62
CA TYR A 910 -50.42 5.25 -7.16
C TYR A 910 -50.62 4.00 -6.31
N PHE A 911 -51.47 4.09 -5.29
CA PHE A 911 -51.72 2.91 -4.45
C PHE A 911 -52.47 1.84 -5.22
N ASP A 912 -53.45 2.25 -6.04
CA ASP A 912 -54.25 1.29 -6.81
C ASP A 912 -53.35 0.35 -7.61
N GLN A 913 -52.26 0.89 -8.19
CA GLN A 913 -51.34 0.01 -8.91
C GLN A 913 -50.37 -0.67 -7.95
N LEU A 914 -49.73 0.11 -7.07
CA LEU A 914 -48.63 -0.40 -6.26
C LEU A 914 -49.06 -1.61 -5.43
N LYS A 915 -50.28 -1.56 -4.88
CA LYS A 915 -50.80 -2.66 -4.07
C LYS A 915 -50.68 -3.97 -4.84
N GLU A 916 -51.36 -4.07 -5.98
CA GLU A 916 -51.36 -5.31 -6.74
C GLU A 916 -49.97 -5.67 -7.25
N THR A 917 -49.18 -4.66 -7.64
CA THR A 917 -47.80 -4.94 -8.07
C THR A 917 -47.06 -5.72 -6.99
N VAL A 918 -47.02 -5.17 -5.76
CA VAL A 918 -46.19 -5.83 -4.75
C VAL A 918 -46.85 -7.10 -4.25
N GLU A 919 -48.19 -7.18 -4.29
CA GLU A 919 -48.86 -8.44 -3.98
C GLU A 919 -48.40 -9.55 -4.92
N ARG A 920 -48.34 -9.26 -6.22
CA ARG A 920 -47.93 -10.27 -7.18
C ARG A 920 -46.44 -10.57 -7.07
N ILE A 921 -45.64 -9.55 -6.77
CA ILE A 921 -44.21 -9.77 -6.55
C ILE A 921 -43.99 -10.73 -5.38
N ILE A 922 -44.77 -10.57 -4.31
CA ILE A 922 -44.60 -11.41 -3.13
C ILE A 922 -45.18 -12.79 -3.37
N ASP A 923 -46.29 -12.87 -4.12
CA ASP A 923 -46.85 -14.14 -4.52
C ASP A 923 -45.89 -14.96 -5.39
N GLN A 924 -45.08 -14.28 -6.20
CA GLN A 924 -44.16 -14.99 -7.08
C GLN A 924 -43.17 -15.83 -6.27
N TYR A 925 -42.36 -15.18 -5.43
CA TYR A 925 -41.53 -15.91 -4.48
C TYR A 925 -42.35 -16.86 -3.63
N ASP A 939 -27.76 -31.33 -2.28
CA ASP A 939 -27.09 -32.40 -1.54
C ASP A 939 -25.60 -32.16 -1.47
N GLN A 940 -25.15 -31.04 -2.03
CA GLN A 940 -23.73 -30.70 -2.02
C GLN A 940 -23.26 -30.45 -0.59
N PRO A 941 -22.26 -31.19 -0.09
CA PRO A 941 -21.78 -31.01 1.29
C PRO A 941 -21.72 -29.57 1.77
N SER A 942 -22.34 -29.27 2.90
CA SER A 942 -22.39 -27.91 3.42
C SER A 942 -22.07 -27.95 4.92
N VAL A 943 -22.39 -26.85 5.61
CA VAL A 943 -22.00 -26.68 7.00
C VAL A 943 -23.09 -27.17 7.94
N ASN A 944 -24.36 -26.92 7.59
CA ASN A 944 -25.48 -27.29 8.45
C ASN A 944 -25.49 -28.78 8.80
N ASP A 945 -24.96 -29.63 7.91
CA ASP A 945 -24.94 -31.06 8.16
C ASP A 945 -24.36 -31.45 9.52
N LEU A 946 -23.63 -30.52 10.17
CA LEU A 946 -23.09 -30.80 11.50
C LEU A 946 -24.19 -31.24 12.45
N ASP A 947 -25.38 -30.63 12.35
CA ASP A 947 -26.47 -30.96 13.26
C ASP A 947 -26.96 -32.39 13.11
N GLU A 948 -26.50 -33.12 12.07
CA GLU A 948 -26.89 -34.50 11.87
C GLU A 948 -26.01 -35.50 12.62
N VAL A 949 -24.92 -35.03 13.24
CA VAL A 949 -23.95 -35.92 13.86
C VAL A 949 -23.81 -35.64 15.36
N VAL A 950 -23.72 -34.38 15.74
CA VAL A 950 -23.36 -33.99 17.11
C VAL A 950 -24.65 -33.67 17.85
N PRO A 951 -25.10 -34.51 18.78
CA PRO A 951 -26.36 -34.20 19.49
C PRO A 951 -26.24 -33.06 20.48
N ASN A 952 -25.18 -33.04 21.29
CA ASN A 952 -24.97 -31.97 22.26
C ASN A 952 -24.52 -30.72 21.51
N LYS A 953 -25.43 -29.77 21.34
CA LYS A 953 -25.17 -28.63 20.48
C LYS A 953 -24.06 -27.73 21.03
N PHE A 954 -23.85 -27.74 22.34
CA PHE A 954 -22.84 -26.87 22.96
C PHE A 954 -21.48 -27.03 22.29
N TYR A 955 -21.11 -28.28 21.96
CA TYR A 955 -19.91 -28.51 21.17
C TYR A 955 -19.95 -27.75 19.85
N ILE A 956 -21.11 -27.78 19.18
CA ILE A 956 -21.23 -27.14 17.88
C ILE A 956 -21.08 -25.63 18.02
N ARG A 957 -21.67 -25.05 19.06
CA ARG A 957 -21.52 -23.62 19.31
C ARG A 957 -20.05 -23.26 19.57
N LEU A 958 -19.37 -24.07 20.39
CA LEU A 958 -17.94 -23.92 20.58
C LEU A 958 -17.20 -23.86 19.24
N ILE A 959 -17.41 -24.88 18.40
CA ILE A 959 -16.68 -24.99 17.15
C ILE A 959 -16.98 -23.78 16.26
N LYS A 960 -18.26 -23.43 16.13
CA LYS A 960 -18.65 -22.28 15.31
C LYS A 960 -17.99 -21.00 15.78
N GLY A 961 -17.89 -20.81 17.11
CA GLY A 961 -17.15 -19.66 17.61
C GLY A 961 -15.69 -19.71 17.23
N GLU A 962 -15.04 -20.83 17.52
CA GLU A 962 -13.60 -20.96 17.26
C GLU A 962 -13.30 -20.66 15.80
N LEU A 963 -14.10 -21.24 14.89
CA LEU A 963 -13.93 -20.93 13.47
C LEU A 963 -14.20 -19.45 13.21
N SER A 964 -15.20 -18.88 13.89
CA SER A 964 -15.52 -17.47 13.70
C SER A 964 -14.45 -16.55 14.27
N ASN A 965 -13.41 -17.14 14.88
CA ASN A 965 -12.28 -16.39 15.40
C ASN A 965 -10.99 -16.68 14.64
N HIS A 966 -10.61 -17.94 14.52
CA HIS A 966 -9.33 -18.31 13.91
C HIS A 966 -9.58 -19.18 12.68
N MET A 967 -8.55 -19.28 11.83
CA MET A 967 -8.63 -20.13 10.66
C MET A 967 -8.65 -21.61 11.06
N VAL A 968 -8.84 -22.47 10.05
CA VAL A 968 -8.83 -23.91 10.29
C VAL A 968 -7.41 -24.39 10.53
N GLU A 969 -6.42 -23.75 9.89
CA GLU A 969 -5.04 -24.21 9.93
C GLU A 969 -4.43 -24.12 11.32
N ASP A 970 -4.96 -23.26 12.19
CA ASP A 970 -4.42 -23.01 13.52
C ASP A 970 -5.48 -23.25 14.59
N PHE A 971 -6.42 -24.17 14.32
CA PHE A 971 -7.43 -24.51 15.31
C PHE A 971 -6.80 -25.14 16.54
N ASP A 972 -7.42 -24.87 17.70
CA ASP A 972 -6.89 -25.35 18.97
C ASP A 972 -7.14 -26.85 19.09
N TYR A 973 -6.28 -27.52 19.86
CA TYR A 973 -6.47 -28.93 20.14
C TYR A 973 -7.34 -29.19 21.36
N ASP A 974 -7.38 -28.25 22.31
CA ASP A 974 -8.01 -28.49 23.61
C ASP A 974 -9.32 -27.72 23.80
N VAL A 975 -10.00 -27.35 22.72
CA VAL A 975 -11.34 -26.81 22.90
C VAL A 975 -12.30 -27.90 23.36
N LEU A 976 -12.06 -29.14 22.93
CA LEU A 976 -13.02 -30.23 23.06
C LEU A 976 -12.40 -31.40 23.80
N PRO A 977 -13.20 -32.33 24.31
CA PRO A 977 -12.64 -33.55 24.89
C PRO A 977 -11.91 -34.37 23.83
N GLY A 978 -10.84 -35.04 24.26
CA GLY A 978 -10.03 -35.79 23.31
C GLY A 978 -10.80 -36.91 22.66
N ASN A 979 -11.63 -37.61 23.43
CA ASN A 979 -12.40 -38.72 22.89
C ASN A 979 -13.38 -38.25 21.81
N PHE A 980 -13.81 -36.99 21.89
CA PHE A 980 -14.86 -36.51 21.00
C PHE A 980 -14.42 -36.54 19.55
N TYR A 981 -13.13 -36.27 19.28
CA TYR A 981 -12.65 -36.27 17.91
C TYR A 981 -12.75 -37.66 17.31
N GLU A 982 -12.28 -38.67 18.05
CA GLU A 982 -12.35 -40.04 17.57
C GLU A 982 -13.80 -40.48 17.38
N GLU A 983 -14.68 -40.10 18.32
CA GLU A 983 -16.07 -40.53 18.22
C GLU A 983 -16.77 -39.86 17.05
N PHE A 984 -16.44 -38.60 16.78
CA PHE A 984 -17.01 -37.90 15.63
C PHE A 984 -16.51 -38.51 14.32
N CYS A 985 -15.21 -38.75 14.22
CA CYS A 985 -14.68 -39.41 13.03
C CYS A 985 -15.36 -40.76 12.82
N ASP A 986 -15.60 -41.51 13.88
CA ASP A 986 -16.26 -42.81 13.76
C ASP A 986 -17.69 -42.64 13.27
N ALA A 987 -18.43 -41.71 13.89
CA ALA A 987 -19.83 -41.51 13.55
C ALA A 987 -20.02 -40.93 12.16
N VAL A 988 -18.97 -40.32 11.61
CA VAL A 988 -19.03 -39.84 10.22
C VAL A 988 -18.62 -40.92 9.25
N TYR A 989 -17.61 -41.74 9.59
CA TYR A 989 -17.19 -42.79 8.69
C TYR A 989 -18.26 -43.88 8.57
N LYS A 990 -19.00 -44.15 9.66
CA LYS A 990 -20.14 -45.05 9.58
C LYS A 990 -21.11 -44.63 8.48
N ASN A 991 -21.76 -43.49 8.67
CA ASN A 991 -22.86 -43.06 7.81
C ASN A 991 -22.37 -42.86 6.38
N ASN A 992 -22.84 -43.72 5.47
CA ASN A 992 -22.34 -43.73 4.09
C ASN A 992 -22.45 -42.36 3.44
N LYS A 993 -23.54 -41.63 3.71
CA LYS A 993 -23.82 -40.38 3.01
C LYS A 993 -22.67 -39.40 3.18
N LEU A 994 -22.45 -38.93 4.41
CA LEU A 994 -21.38 -37.98 4.65
C LEU A 994 -20.01 -38.59 4.40
N LYS A 995 -19.89 -39.91 4.51
CA LYS A 995 -18.67 -40.63 4.17
C LYS A 995 -18.26 -40.32 2.73
N GLU A 996 -19.07 -40.77 1.75
CA GLU A 996 -18.76 -40.44 0.36
C GLU A 996 -18.76 -38.94 0.12
N ARG A 997 -19.50 -38.17 0.93
CA ARG A 997 -19.45 -36.72 0.80
C ARG A 997 -18.10 -36.14 1.19
N TYR A 998 -17.30 -36.85 1.99
CA TYR A 998 -15.98 -36.36 2.37
C TYR A 998 -14.87 -37.40 2.30
N PHE A 999 -15.17 -38.69 2.22
CA PHE A 999 -14.18 -39.72 1.96
C PHE A 999 -14.19 -40.13 0.50
N TYR A 1000 -13.04 -40.52 -0.01
CA TYR A 1000 -12.91 -41.05 -1.37
C TYR A 1000 -12.70 -42.55 -1.31
N CYS A 1001 -13.57 -43.30 -1.98
CA CYS A 1001 -13.54 -44.75 -1.93
C CYS A 1001 -12.60 -45.37 -2.96
N GLY A 1002 -12.26 -44.64 -4.02
CA GLY A 1002 -11.41 -45.17 -5.06
C GLY A 1002 -9.96 -45.35 -4.63
N THR A 1013 -9.95 -33.68 -2.46
CA THR A 1013 -9.00 -33.76 -1.36
C THR A 1013 -9.37 -34.91 -0.41
N LYS A 1014 -10.51 -35.54 -0.69
CA LYS A 1014 -10.98 -36.67 0.12
C LYS A 1014 -9.93 -37.75 0.28
N ALA A 1015 -8.93 -37.79 -0.60
CA ALA A 1015 -7.87 -38.79 -0.50
C ALA A 1015 -7.12 -38.66 0.82
N VAL A 1016 -6.64 -37.45 1.12
CA VAL A 1016 -5.77 -37.26 2.27
C VAL A 1016 -6.50 -37.62 3.56
N ALA A 1017 -7.82 -37.40 3.59
CA ALA A 1017 -8.59 -37.72 4.78
C ALA A 1017 -8.84 -39.21 4.86
N THR A 1018 -9.28 -39.81 3.75
CA THR A 1018 -9.49 -41.25 3.72
C THR A 1018 -8.24 -42.00 4.20
N ARG A 1019 -7.08 -41.65 3.65
CA ARG A 1019 -5.83 -42.28 4.09
C ARG A 1019 -5.57 -42.01 5.57
N THR A 1020 -5.67 -40.76 6.01
CA THR A 1020 -5.24 -40.43 7.36
C THR A 1020 -6.14 -41.03 8.42
N TYR A 1021 -7.43 -41.22 8.12
CA TYR A 1021 -8.34 -41.78 9.14
C TYR A 1021 -7.88 -43.16 9.57
N PHE A 1022 -7.55 -44.03 8.60
CA PHE A 1022 -7.09 -45.37 8.94
C PHE A 1022 -5.83 -45.33 9.80
N ASP A 1023 -4.94 -44.37 9.51
CA ASP A 1023 -3.72 -44.20 10.28
C ASP A 1023 -3.96 -43.54 11.63
N GLN A 1024 -5.17 -43.04 11.87
CA GLN A 1024 -5.63 -42.65 13.22
C GLN A 1024 -4.93 -41.38 13.69
N GLU A 1025 -4.76 -40.43 12.78
CA GLU A 1025 -4.34 -39.07 13.15
C GLU A 1025 -5.56 -38.15 13.11
N TYR A 1026 -6.44 -38.39 14.08
CA TYR A 1026 -7.80 -37.83 14.05
C TYR A 1026 -7.83 -36.32 13.84
N PHE A 1027 -6.84 -35.59 14.37
CA PHE A 1027 -6.88 -34.14 14.33
C PHE A 1027 -6.77 -33.62 12.90
N GLN A 1028 -5.79 -34.15 12.14
CA GLN A 1028 -5.67 -33.81 10.73
C GLN A 1028 -6.92 -34.21 9.94
N CYS A 1029 -7.57 -35.31 10.33
CA CYS A 1029 -8.80 -35.70 9.66
C CYS A 1029 -9.91 -34.69 9.93
N PHE A 1030 -10.09 -34.31 11.19
CA PHE A 1030 -11.14 -33.34 11.52
C PHE A 1030 -10.88 -32.02 10.80
N LYS A 1031 -9.61 -31.57 10.80
CA LYS A 1031 -9.27 -30.33 10.11
C LYS A 1031 -9.53 -30.46 8.61
N SER A 1032 -9.44 -31.68 8.08
CA SER A 1032 -9.56 -31.82 6.64
C SER A 1032 -11.03 -31.82 6.27
N ILE A 1033 -11.83 -32.61 7.01
CA ILE A 1033 -13.26 -32.64 6.75
C ILE A 1033 -13.80 -31.23 6.84
N LEU A 1034 -13.25 -30.40 7.74
CA LEU A 1034 -13.70 -29.02 7.78
C LEU A 1034 -13.21 -28.24 6.57
N LEU A 1035 -11.97 -28.48 6.15
CA LEU A 1035 -11.43 -27.80 4.98
C LEU A 1035 -12.25 -28.12 3.73
N ILE A 1036 -12.98 -29.22 3.74
CA ILE A 1036 -13.99 -29.49 2.72
C ILE A 1036 -15.30 -28.79 3.04
N MET A 1037 -15.71 -28.80 4.32
CA MET A 1037 -16.95 -28.16 4.74
C MET A 1037 -17.05 -26.70 4.33
N ASN A 1038 -15.94 -26.12 3.85
CA ASN A 1038 -15.88 -24.72 3.43
C ASN A 1038 -16.37 -23.79 4.52
N ALA A 1039 -15.73 -23.89 5.69
CA ALA A 1039 -16.08 -23.04 6.82
C ALA A 1039 -15.47 -21.65 6.67
N ASN A 1040 -14.23 -21.58 6.18
CA ASN A 1040 -13.50 -20.33 5.97
C ASN A 1040 -14.37 -19.20 5.41
N ASN A 1055 -41.52 -11.80 11.17
CA ASN A 1055 -42.74 -12.31 10.55
C ASN A 1055 -42.92 -11.77 9.13
N PHE A 1056 -41.93 -12.03 8.28
CA PHE A 1056 -42.02 -11.70 6.87
C PHE A 1056 -42.48 -12.93 6.10
N LYS A 1057 -43.57 -12.76 5.34
CA LYS A 1057 -44.14 -13.85 4.55
C LYS A 1057 -43.29 -14.24 3.34
N PHE A 1058 -42.18 -13.55 3.05
CA PHE A 1058 -41.33 -13.94 1.93
C PHE A 1058 -39.86 -13.82 2.31
N ASP A 1059 -39.01 -14.20 1.37
CA ASP A 1059 -37.55 -14.20 1.52
C ASP A 1059 -36.95 -12.85 1.16
N MET A 1060 -36.37 -12.18 2.17
CA MET A 1060 -35.79 -10.85 2.00
C MET A 1060 -34.38 -10.89 1.40
N GLY A 1061 -33.53 -11.81 1.85
CA GLY A 1061 -32.16 -11.84 1.34
C GLY A 1061 -32.05 -12.14 -0.15
N ARG A 1062 -32.85 -13.08 -0.65
CA ARG A 1062 -32.84 -13.34 -2.08
C ARG A 1062 -33.20 -12.09 -2.86
N LEU A 1063 -34.21 -11.35 -2.41
CA LEU A 1063 -34.53 -10.10 -3.09
C LEU A 1063 -33.36 -9.13 -2.99
N SER A 1064 -32.78 -8.99 -1.79
CA SER A 1064 -31.67 -8.06 -1.59
C SER A 1064 -30.43 -8.44 -2.40
N ASP A 1065 -30.47 -9.58 -3.08
CA ASP A 1065 -29.33 -10.01 -3.90
C ASP A 1065 -29.66 -10.04 -5.39
N ASP A 1066 -30.92 -10.31 -5.72
CA ASP A 1066 -31.36 -10.35 -7.12
C ASP A 1066 -31.24 -8.97 -7.78
N VAL A 1067 -31.61 -7.92 -7.06
CA VAL A 1067 -31.66 -6.57 -7.63
C VAL A 1067 -30.31 -5.88 -7.36
N ARG A 1068 -29.24 -6.63 -7.42
CA ARG A 1068 -27.93 -6.03 -7.62
C ARG A 1068 -27.51 -6.28 -9.07
N ILE A 1069 -26.25 -6.03 -9.40
CA ILE A 1069 -25.74 -6.33 -10.73
C ILE A 1069 -24.28 -6.77 -10.67
N SER A 1070 -23.44 -6.00 -10.00
CA SER A 1070 -22.01 -6.27 -9.87
C SER A 1070 -21.64 -6.62 -8.45
N GLU A 1071 -20.70 -7.55 -8.32
CA GLU A 1071 -20.15 -7.96 -7.03
C GLU A 1071 -18.66 -7.61 -7.03
N ARG A 1072 -17.99 -7.82 -5.90
CA ARG A 1072 -16.61 -7.38 -5.78
C ARG A 1072 -15.74 -8.53 -5.30
N GLU A 1073 -14.43 -8.36 -5.44
CA GLU A 1073 -13.48 -9.39 -5.09
C GLU A 1073 -12.09 -8.78 -4.99
N SER A 1074 -11.20 -9.49 -4.32
CA SER A 1074 -9.85 -8.97 -4.09
C SER A 1074 -9.06 -8.95 -5.39
N ASN A 1075 -7.79 -8.57 -5.29
CA ASN A 1075 -6.94 -8.45 -6.47
C ASN A 1075 -6.57 -9.82 -7.02
N SER A 1076 -6.07 -10.71 -6.15
CA SER A 1076 -5.49 -11.97 -6.59
C SER A 1076 -6.50 -13.10 -6.69
N GLU A 1077 -7.62 -13.01 -5.95
CA GLU A 1077 -8.65 -14.03 -6.04
C GLU A 1077 -9.12 -14.21 -7.49
N ALA A 1078 -9.16 -13.13 -8.26
CA ALA A 1078 -9.51 -13.22 -9.68
C ALA A 1078 -8.31 -13.51 -10.56
N LEU A 1079 -7.12 -13.03 -10.17
CA LEU A 1079 -5.92 -13.31 -10.95
C LEU A 1079 -5.63 -14.80 -11.00
N SER A 1080 -5.89 -15.50 -9.90
CA SER A 1080 -5.78 -16.96 -9.90
C SER A 1080 -6.75 -17.58 -10.89
N LYS A 1081 -8.06 -17.40 -10.65
CA LYS A 1081 -9.08 -17.95 -11.55
C LYS A 1081 -8.83 -17.61 -13.02
N ALA A 1082 -8.09 -16.53 -13.29
CA ALA A 1082 -7.65 -16.25 -14.65
C ALA A 1082 -6.46 -17.13 -15.05
N LEU A 1083 -5.34 -16.99 -14.36
CA LEU A 1083 -4.09 -17.62 -14.78
C LEU A 1083 -4.18 -19.14 -14.80
N SER A 1084 -4.98 -19.72 -13.91
CA SER A 1084 -5.13 -21.17 -13.88
C SER A 1084 -5.75 -21.69 -15.17
N LEU A 1085 -6.54 -20.87 -15.86
CA LEU A 1085 -7.17 -21.27 -17.12
C LEU A 1085 -6.38 -20.75 -18.32
N THR A 1086 -5.11 -21.12 -18.38
CA THR A 1086 -4.27 -20.87 -19.54
C THR A 1086 -3.00 -21.70 -19.40
N ASN A 1087 -2.20 -21.72 -20.47
CA ASN A 1087 -1.05 -22.60 -20.55
C ASN A 1087 0.08 -22.11 -19.64
N CYS A 1088 0.64 -20.95 -19.94
CA CYS A 1088 1.83 -20.46 -19.26
C CYS A 1088 1.46 -20.02 -17.86
N THR A 1089 1.83 -20.80 -16.85
CA THR A 1089 1.61 -20.41 -15.46
C THR A 1089 2.69 -19.43 -15.01
N THR A 1090 2.93 -18.40 -15.81
CA THR A 1090 3.72 -17.23 -15.41
C THR A 1090 2.92 -15.99 -15.83
N ALA A 1091 2.46 -15.22 -14.85
CA ALA A 1091 1.52 -14.13 -15.12
C ALA A 1091 2.24 -13.05 -15.92
N MET A 1092 1.83 -12.88 -17.18
CA MET A 1092 2.39 -11.87 -18.06
C MET A 1092 1.27 -11.10 -18.73
N LEU A 1093 1.52 -9.82 -19.01
CA LEU A 1093 0.48 -8.92 -19.49
C LEU A 1093 -0.19 -9.45 -20.74
N LYS A 1094 0.57 -9.60 -21.83
CA LYS A 1094 0.00 -9.92 -23.13
C LYS A 1094 -0.27 -11.41 -23.31
N ASN A 1095 -0.34 -12.19 -22.23
CA ASN A 1095 -0.69 -13.60 -22.30
C ASN A 1095 -2.08 -13.91 -21.78
N LEU A 1096 -2.66 -13.05 -20.94
CA LEU A 1096 -3.91 -13.34 -20.26
C LEU A 1096 -5.12 -12.71 -20.92
N CYS A 1097 -4.94 -11.98 -22.02
CA CYS A 1097 -6.08 -11.43 -22.75
C CYS A 1097 -6.02 -11.76 -24.23
N PHE A 1098 -4.81 -11.89 -24.78
CA PHE A 1098 -4.66 -12.26 -26.18
C PHE A 1098 -4.76 -13.76 -26.38
N TYR A 1099 -3.84 -14.52 -25.78
CA TYR A 1099 -3.71 -15.95 -26.01
C TYR A 1099 -4.21 -16.68 -24.77
N SER A 1100 -5.52 -16.93 -24.74
CA SER A 1100 -6.15 -17.61 -23.62
C SER A 1100 -7.55 -18.01 -24.04
N GLN A 1101 -8.14 -18.95 -23.29
CA GLN A 1101 -9.54 -19.29 -23.48
C GLN A 1101 -10.42 -18.14 -23.02
N GLU A 1102 -11.60 -18.04 -23.61
CA GLU A 1102 -12.56 -16.97 -23.31
C GLU A 1102 -11.95 -15.61 -23.60
N SER A 1103 -11.69 -15.40 -24.89
CA SER A 1103 -11.30 -14.11 -25.45
C SER A 1103 -11.97 -13.96 -26.80
N PRO A 1104 -12.28 -12.73 -27.21
CA PRO A 1104 -13.06 -12.53 -28.43
C PRO A 1104 -12.19 -12.55 -29.68
N GLN A 1105 -12.87 -12.60 -30.83
CA GLN A 1105 -12.22 -12.77 -32.12
C GLN A 1105 -11.98 -11.42 -32.78
N SER A 1106 -13.04 -10.66 -33.03
CA SER A 1106 -12.96 -9.35 -33.66
C SER A 1106 -13.54 -8.31 -32.70
N TYR A 1107 -13.70 -7.09 -33.20
CA TYR A 1107 -14.15 -5.98 -32.36
C TYR A 1107 -14.76 -4.90 -33.25
N SER A 1108 -15.83 -4.29 -32.76
CA SER A 1108 -16.49 -3.21 -33.49
C SER A 1108 -15.72 -1.91 -33.27
N SER A 1109 -16.35 -0.78 -33.63
CA SER A 1109 -15.79 0.51 -33.28
C SER A 1109 -16.00 0.89 -31.82
N THR A 1110 -16.80 0.11 -31.07
CA THR A 1110 -17.09 0.42 -29.68
C THR A 1110 -16.18 -0.35 -28.72
N GLY A 1111 -16.24 -1.68 -28.76
CA GLY A 1111 -15.45 -2.51 -27.89
C GLY A 1111 -15.23 -3.90 -28.44
N PRO A 1112 -14.35 -4.67 -27.81
CA PRO A 1112 -14.19 -6.07 -28.18
C PRO A 1112 -15.45 -6.87 -27.86
N ASP A 1113 -15.60 -7.98 -28.59
CA ASP A 1113 -16.85 -8.74 -28.58
C ASP A 1113 -17.21 -9.29 -27.21
N THR A 1114 -16.31 -9.18 -26.21
CA THR A 1114 -16.71 -9.48 -24.84
C THR A 1114 -17.72 -8.46 -24.33
N GLY A 1115 -17.62 -7.22 -24.77
CA GLY A 1115 -18.52 -6.15 -24.38
C GLY A 1115 -17.76 -4.85 -24.27
N ARG A 1116 -18.33 -3.91 -23.52
CA ARG A 1116 -17.76 -2.59 -23.37
C ARG A 1116 -17.05 -2.48 -22.02
N LEU A 1117 -16.46 -1.32 -21.76
CA LEU A 1117 -15.52 -1.13 -20.66
C LEU A 1117 -16.29 -0.58 -19.46
N LYS A 1118 -16.69 -1.47 -18.56
CA LYS A 1118 -17.49 -1.06 -17.41
C LYS A 1118 -16.62 -0.34 -16.39
N PHE A 1119 -17.24 0.13 -15.31
CA PHE A 1119 -16.55 0.77 -14.18
C PHE A 1119 -17.53 0.82 -13.01
N SER A 1120 -17.14 1.53 -11.96
CA SER A 1120 -17.96 1.68 -10.77
C SER A 1120 -17.38 2.81 -9.93
N LEU A 1121 -18.18 3.31 -8.99
CA LEU A 1121 -17.90 4.56 -8.29
C LEU A 1121 -17.77 4.32 -6.79
N SER A 1122 -16.87 5.06 -6.16
CA SER A 1122 -16.78 5.12 -4.71
C SER A 1122 -15.97 6.37 -4.35
N TYR A 1123 -15.67 6.53 -3.06
CA TYR A 1123 -14.98 7.72 -2.59
C TYR A 1123 -13.72 7.33 -1.82
N LYS A 1124 -12.68 8.13 -1.99
CA LYS A 1124 -11.45 8.03 -1.21
C LYS A 1124 -11.40 9.24 -0.28
N GLU A 1125 -11.30 8.98 1.02
CA GLU A 1125 -11.40 10.03 2.01
C GLU A 1125 -10.03 10.57 2.40
N GLN A 1126 -9.99 11.87 2.67
CA GLN A 1126 -8.80 12.57 3.14
C GLN A 1126 -9.25 13.64 4.14
N VAL A 1127 -8.35 14.55 4.46
CA VAL A 1127 -8.78 15.74 5.20
C VAL A 1127 -9.60 16.64 4.28
N GLY A 1128 -10.37 17.54 4.89
CA GLY A 1128 -11.25 18.39 4.11
C GLY A 1128 -12.36 17.59 3.45
N GLY A 1129 -12.28 17.42 2.13
CA GLY A 1129 -13.27 16.69 1.37
C GLY A 1129 -12.79 15.32 0.97
N ASN A 1130 -13.54 14.70 0.06
CA ASN A 1130 -13.28 13.34 -0.38
C ASN A 1130 -13.23 13.30 -1.89
N ARG A 1131 -12.23 12.61 -2.44
CA ARG A 1131 -12.06 12.50 -3.87
C ARG A 1131 -12.80 11.28 -4.41
N GLU A 1132 -12.90 11.21 -5.73
CA GLU A 1132 -13.63 10.12 -6.36
C GLU A 1132 -12.71 8.92 -6.60
N LEU A 1133 -13.33 7.76 -6.83
CA LEU A 1133 -12.60 6.52 -7.06
C LEU A 1133 -13.35 5.71 -8.09
N TYR A 1134 -12.77 5.56 -9.27
CA TYR A 1134 -13.28 4.63 -10.27
C TYR A 1134 -12.68 3.25 -10.05
N ILE A 1135 -13.49 2.22 -10.28
CA ILE A 1135 -13.05 0.84 -10.14
C ILE A 1135 -13.44 0.08 -11.39
N GLY A 1136 -12.50 -0.72 -11.91
CA GLY A 1136 -12.68 -1.47 -13.13
C GLY A 1136 -12.83 -2.97 -12.89
N ASP A 1137 -13.01 -3.67 -14.00
CA ASP A 1137 -12.90 -5.12 -14.03
C ASP A 1137 -11.51 -5.51 -14.54
N LEU A 1138 -11.28 -6.82 -14.66
CA LEU A 1138 -9.95 -7.30 -15.04
C LEU A 1138 -9.53 -6.79 -16.40
N ARG A 1139 -10.43 -6.83 -17.39
CA ARG A 1139 -10.08 -6.46 -18.75
C ARG A 1139 -9.78 -4.97 -18.87
N THR A 1140 -10.61 -4.13 -18.24
CA THR A 1140 -10.35 -2.69 -18.25
C THR A 1140 -8.96 -2.38 -17.70
N LYS A 1141 -8.62 -2.95 -16.54
CA LYS A 1141 -7.27 -2.80 -15.99
C LYS A 1141 -6.22 -3.26 -17.00
N MET A 1142 -6.41 -4.45 -17.55
CA MET A 1142 -5.40 -5.04 -18.43
C MET A 1142 -5.14 -4.14 -19.63
N PHE A 1143 -6.19 -3.55 -20.20
CA PHE A 1143 -6.01 -2.73 -21.39
C PHE A 1143 -5.49 -1.34 -21.04
N THR A 1144 -5.96 -0.76 -19.92
CA THR A 1144 -5.46 0.55 -19.50
C THR A 1144 -3.97 0.50 -19.22
N ARG A 1145 -3.52 -0.54 -18.51
CA ARG A 1145 -2.11 -0.67 -18.12
C ARG A 1145 -1.18 -0.45 -19.31
N LEU A 1146 -1.58 -0.90 -20.50
CA LEU A 1146 -0.73 -0.77 -21.67
C LEU A 1146 -0.54 0.69 -22.04
N ILE A 1147 -1.64 1.44 -22.12
CA ILE A 1147 -1.57 2.87 -22.42
C ILE A 1147 -0.75 3.60 -21.35
N GLU A 1148 -0.98 3.24 -20.08
CA GLU A 1148 -0.23 3.87 -18.99
C GLU A 1148 1.27 3.66 -19.18
N ASP A 1149 1.69 2.40 -19.34
CA ASP A 1149 3.12 2.12 -19.50
C ASP A 1149 3.68 2.82 -20.73
N TYR A 1150 2.93 2.82 -21.83
CA TYR A 1150 3.39 3.49 -23.04
C TYR A 1150 3.66 4.96 -22.78
N PHE A 1151 2.64 5.68 -22.31
CA PHE A 1151 2.78 7.12 -22.13
C PHE A 1151 3.83 7.46 -21.07
N GLU A 1152 3.99 6.62 -20.03
CA GLU A 1152 5.01 6.92 -19.05
C GLU A 1152 6.41 6.72 -19.63
N ALA A 1153 6.62 5.62 -20.36
CA ALA A 1153 7.89 5.41 -21.06
C ALA A 1153 8.19 6.56 -22.00
N LEU A 1154 7.15 7.09 -22.66
CA LEU A 1154 7.37 8.19 -23.60
C LEU A 1154 7.73 9.47 -22.85
N SER A 1155 7.02 9.78 -21.77
CA SER A 1155 7.32 10.97 -20.99
C SER A 1155 8.70 10.89 -20.34
N LEU A 1156 9.21 9.68 -20.12
CA LEU A 1156 10.51 9.55 -19.44
C LEU A 1156 11.66 10.18 -20.23
N GLN A 1157 11.53 10.34 -21.55
CA GLN A 1157 12.61 10.91 -22.33
C GLN A 1157 12.71 12.43 -22.19
N LEU A 1158 11.62 13.09 -21.81
CA LEU A 1158 11.58 14.55 -21.80
C LEU A 1158 11.70 15.06 -20.38
N SER A 1159 12.44 16.16 -20.23
CA SER A 1159 12.80 16.71 -18.93
C SER A 1159 11.72 17.67 -18.43
N GLY A 1160 11.29 17.48 -17.19
CA GLY A 1160 10.35 18.39 -16.57
C GLY A 1160 9.28 17.74 -15.72
N SER A 1161 8.87 16.52 -16.06
CA SER A 1161 7.85 15.85 -15.28
C SER A 1161 8.42 15.36 -13.95
N CYS A 1162 7.55 15.27 -12.95
CA CYS A 1162 7.98 14.91 -11.61
C CYS A 1162 6.95 14.03 -10.91
N LEU A 1163 6.23 13.21 -11.66
CA LEU A 1163 5.23 12.33 -11.05
C LEU A 1163 5.82 10.98 -10.64
N ASN A 1164 6.71 10.43 -11.45
CA ASN A 1164 7.33 9.12 -11.19
C ASN A 1164 8.77 9.21 -10.72
N ASN A 1165 9.57 10.06 -11.35
CA ASN A 1165 10.99 10.12 -11.05
C ASN A 1165 11.24 10.58 -9.60
N GLU A 1166 12.49 10.46 -9.17
CA GLU A 1166 12.97 11.05 -7.93
C GLU A 1166 14.02 12.12 -8.18
N ARG A 1167 15.06 11.82 -8.96
CA ARG A 1167 16.16 12.75 -9.19
C ARG A 1167 15.73 14.00 -9.95
N GLU A 1168 14.44 14.17 -10.21
CA GLU A 1168 13.88 15.46 -10.61
C GLU A 1168 13.44 16.28 -9.41
N PHE A 1169 12.68 15.67 -8.49
CA PHE A 1169 12.14 16.39 -7.35
C PHE A 1169 13.23 17.10 -6.55
N GLU A 1170 14.39 16.45 -6.37
CA GLU A 1170 15.48 17.10 -5.66
C GLU A 1170 16.05 18.27 -6.46
N ASN A 1171 16.10 18.14 -7.79
CA ASN A 1171 16.48 19.29 -8.62
C ASN A 1171 15.48 20.43 -8.47
N ALA A 1172 14.19 20.09 -8.38
CA ALA A 1172 13.17 21.12 -8.13
C ALA A 1172 13.44 21.82 -6.80
N ILE A 1173 13.69 21.05 -5.75
CA ILE A 1173 13.93 21.64 -4.43
C ILE A 1173 15.17 22.53 -4.46
N LEU A 1174 16.23 22.07 -5.12
CA LEU A 1174 17.45 22.85 -5.20
C LEU A 1174 17.21 24.16 -5.95
N SER A 1175 16.51 24.10 -7.09
CA SER A 1175 16.18 25.31 -7.82
C SER A 1175 15.36 26.27 -6.97
N MET A 1176 14.38 25.73 -6.24
CA MET A 1176 13.57 26.55 -5.34
C MET A 1176 14.45 27.26 -4.31
N LYS A 1177 15.18 26.47 -3.52
CA LYS A 1177 16.08 27.03 -2.51
C LYS A 1177 17.01 28.09 -3.09
N LEU A 1178 17.47 27.89 -4.32
CA LEU A 1178 18.33 28.89 -4.96
C LEU A 1178 17.55 30.14 -5.34
N ASN A 1179 16.29 29.99 -5.72
CA ASN A 1179 15.51 31.14 -6.17
C ASN A 1179 15.35 32.17 -5.07
N VAL A 1180 15.06 31.74 -3.85
CA VAL A 1180 14.86 32.71 -2.77
C VAL A 1180 16.22 33.03 -2.17
N SER A 1181 17.01 33.78 -2.93
CA SER A 1181 18.17 34.49 -2.42
C SER A 1181 18.37 35.84 -3.10
N LEU A 1182 17.68 36.08 -4.23
CA LEU A 1182 17.81 37.31 -5.00
C LEU A 1182 16.48 38.01 -5.18
N ALA A 1183 15.43 37.54 -4.50
CA ALA A 1183 14.07 38.08 -4.63
C ALA A 1183 13.63 38.10 -6.09
N HIS A 1184 13.50 36.89 -6.64
CA HIS A 1184 12.89 36.70 -7.95
C HIS A 1184 11.46 36.20 -7.78
N VAL A 1185 10.55 36.75 -8.57
CA VAL A 1185 9.11 36.67 -8.28
C VAL A 1185 8.55 35.29 -8.60
N SER A 1186 8.43 34.44 -7.58
CA SER A 1186 7.87 33.11 -7.75
C SER A 1186 6.38 33.18 -8.05
N TYR A 1187 5.87 32.16 -8.72
CA TYR A 1187 4.46 32.06 -9.08
C TYR A 1187 3.99 30.66 -8.78
N SER A 1188 3.18 30.50 -7.72
CA SER A 1188 2.70 29.20 -7.28
C SER A 1188 1.24 29.01 -7.68
N MET A 1189 0.99 28.08 -8.60
CA MET A 1189 -0.32 27.87 -9.18
C MET A 1189 -0.98 26.62 -8.60
N ASP A 1190 -2.10 26.23 -9.22
CA ASP A 1190 -2.95 25.07 -8.96
C ASP A 1190 -3.93 24.97 -10.12
N HIS A 1191 -4.79 23.96 -10.08
CA HIS A 1191 -5.76 23.74 -11.13
C HIS A 1191 -7.01 23.06 -10.57
N SER A 1192 -8.17 23.55 -10.98
CA SER A 1192 -9.45 23.09 -10.46
C SER A 1192 -10.11 22.13 -11.44
N LYS A 1193 -10.85 21.17 -10.90
CA LYS A 1193 -11.67 20.25 -11.69
C LYS A 1193 -10.84 19.52 -12.74
N TRP A 1194 -9.56 19.29 -12.44
CA TRP A 1194 -8.65 18.64 -13.39
C TRP A 1194 -9.23 17.33 -13.91
N GLY A 1195 -9.80 16.52 -13.02
CA GLY A 1195 -10.36 15.24 -13.40
C GLY A 1195 -11.56 15.35 -14.31
N PRO A 1196 -12.69 15.83 -13.76
CA PRO A 1196 -13.96 15.72 -14.49
C PRO A 1196 -14.13 16.74 -15.60
N MET A 1197 -13.04 17.39 -16.02
CA MET A 1197 -13.09 18.33 -17.14
C MET A 1197 -11.97 18.06 -18.14
N MET A 1198 -11.56 16.81 -18.27
CA MET A 1198 -10.69 16.36 -19.35
C MET A 1198 -11.41 15.29 -20.15
N CYS A 1199 -11.02 15.14 -21.42
CA CYS A 1199 -11.75 14.24 -22.31
C CYS A 1199 -10.79 13.47 -23.22
N PRO A 1200 -10.96 12.14 -23.33
CA PRO A 1200 -10.07 11.36 -24.20
C PRO A 1200 -10.09 11.81 -25.65
N PHE A 1201 -11.20 12.39 -26.10
CA PHE A 1201 -11.26 12.96 -27.44
C PHE A 1201 -10.12 13.94 -27.68
N LEU A 1202 -9.81 14.76 -26.68
CA LEU A 1202 -8.76 15.75 -26.84
C LEU A 1202 -7.40 15.08 -26.97
N PHE A 1203 -7.14 14.04 -26.17
CA PHE A 1203 -5.87 13.31 -26.29
C PHE A 1203 -5.74 12.68 -27.66
N LEU A 1204 -6.79 12.00 -28.14
CA LEU A 1204 -6.75 11.42 -29.47
C LEU A 1204 -6.49 12.49 -30.53
N ALA A 1205 -7.18 13.63 -30.41
CA ALA A 1205 -7.06 14.68 -31.42
C ALA A 1205 -5.65 15.25 -31.45
N THR A 1206 -5.04 15.49 -30.29
CA THR A 1206 -3.68 16.01 -30.30
C THR A 1206 -2.66 14.94 -30.65
N LEU A 1207 -3.03 13.66 -30.52
CA LEU A 1207 -2.11 12.59 -30.91
C LEU A 1207 -2.08 12.42 -32.42
N GLN A 1208 -3.25 12.28 -33.05
CA GLN A 1208 -3.34 12.08 -34.49
C GLN A 1208 -2.60 13.16 -35.29
N ASN A 1209 -2.26 14.28 -34.67
CA ASN A 1209 -1.47 15.32 -35.33
C ASN A 1209 -0.01 15.30 -34.91
N LEU A 1210 0.40 14.34 -34.07
CA LEU A 1210 1.77 14.28 -33.58
C LEU A 1210 2.61 13.49 -34.56
N ILE A 1211 3.76 14.03 -34.94
CA ILE A 1211 4.68 13.38 -35.85
C ILE A 1211 6.02 13.23 -35.15
N PHE A 1212 6.37 12.00 -34.78
CA PHE A 1212 7.61 11.69 -34.10
C PHE A 1212 8.78 11.67 -35.10
N LEU A 1213 9.88 11.04 -34.71
CA LEU A 1213 11.04 10.82 -35.56
C LEU A 1213 10.63 10.55 -37.01
N SER A 1214 11.21 11.30 -37.94
CA SER A 1214 10.79 11.28 -39.32
C SER A 1214 11.67 10.41 -40.21
N LYS A 1215 12.55 9.60 -39.62
CA LYS A 1215 13.41 8.74 -40.43
C LYS A 1215 12.64 7.53 -40.94
N ASP A 1216 11.90 6.85 -40.07
CA ASP A 1216 11.15 5.67 -40.46
C ASP A 1216 9.73 6.06 -40.89
N LEU A 1217 9.03 5.10 -41.49
CA LEU A 1217 7.85 5.40 -42.30
C LEU A 1217 6.58 4.77 -41.76
N GLN A 1218 6.59 3.48 -41.44
CA GLN A 1218 5.36 2.71 -41.28
C GLN A 1218 5.03 2.35 -39.84
N ALA A 1219 5.99 1.74 -39.12
CA ALA A 1219 5.77 1.36 -37.72
C ALA A 1219 5.19 2.52 -36.89
N ASP A 1220 5.61 3.75 -37.20
CA ASP A 1220 4.98 4.93 -36.61
C ASP A 1220 3.47 4.88 -36.74
N ILE A 1221 2.98 4.79 -37.98
CA ILE A 1221 1.53 4.86 -38.20
C ILE A 1221 0.85 3.61 -37.67
N LYS A 1222 1.55 2.47 -37.68
CA LYS A 1222 1.02 1.27 -37.01
C LYS A 1222 0.72 1.56 -35.55
N GLY A 1223 1.72 2.05 -34.82
CA GLY A 1223 1.52 2.38 -33.42
C GLY A 1223 0.41 3.41 -33.23
N ARG A 1224 0.41 4.45 -34.06
CA ARG A 1224 -0.59 5.50 -33.93
C ARG A 1224 -2.00 4.94 -34.14
N ASP A 1225 -2.15 4.03 -35.10
CA ASP A 1225 -3.47 3.41 -35.32
C ASP A 1225 -3.87 2.53 -34.14
N TYR A 1226 -2.92 1.76 -33.60
CA TYR A 1226 -3.19 0.97 -32.41
C TYR A 1226 -3.71 1.85 -31.28
N LEU A 1227 -2.99 2.94 -31.02
CA LEU A 1227 -3.38 3.84 -29.93
C LEU A 1227 -4.72 4.49 -30.21
N SER A 1228 -4.98 4.85 -31.47
CA SER A 1228 -6.29 5.37 -31.84
C SER A 1228 -7.39 4.38 -31.50
N THR A 1229 -7.22 3.11 -31.88
CA THR A 1229 -8.21 2.09 -31.54
C THR A 1229 -8.40 1.98 -30.03
N LEU A 1230 -7.30 2.00 -29.28
CA LEU A 1230 -7.39 1.85 -27.83
C LEU A 1230 -8.17 3.00 -27.21
N LEU A 1231 -7.81 4.24 -27.58
CA LEU A 1231 -8.52 5.40 -27.07
C LEU A 1231 -9.99 5.40 -27.49
N THR A 1232 -10.26 4.92 -28.71
CA THR A 1232 -11.65 4.84 -29.18
C THR A 1232 -12.46 3.87 -28.32
N TRP A 1233 -11.87 2.72 -27.98
CA TRP A 1233 -12.49 1.86 -26.97
C TRP A 1233 -12.71 2.61 -25.66
N HIS A 1234 -11.70 3.37 -25.21
CA HIS A 1234 -11.79 3.97 -23.89
C HIS A 1234 -12.88 5.04 -23.83
N MET A 1235 -13.14 5.72 -24.95
CA MET A 1235 -14.10 6.82 -24.99
C MET A 1235 -15.54 6.38 -24.72
N HIS A 1236 -15.80 5.07 -24.66
CA HIS A 1236 -17.17 4.57 -24.64
C HIS A 1236 -17.48 3.82 -23.34
N LYS A 1237 -16.82 4.21 -22.25
CA LYS A 1237 -16.99 3.52 -20.99
C LYS A 1237 -18.43 3.64 -20.50
N MET A 1238 -18.83 2.73 -19.62
CA MET A 1238 -20.17 2.69 -19.07
C MET A 1238 -20.07 2.73 -17.54
N VAL A 1239 -20.00 3.94 -16.98
CA VAL A 1239 -19.87 4.08 -15.54
C VAL A 1239 -21.16 3.58 -14.90
N GLU A 1240 -21.02 2.88 -13.78
CA GLU A 1240 -22.16 2.31 -13.06
C GLU A 1240 -22.75 3.37 -12.12
N ILE A 1241 -23.78 3.01 -11.36
CA ILE A 1241 -24.26 3.85 -10.26
C ILE A 1241 -24.42 2.98 -9.02
N PRO A 1242 -23.93 3.43 -7.86
CA PRO A 1242 -24.00 2.61 -6.65
C PRO A 1242 -25.43 2.26 -6.27
N PHE A 1243 -25.54 1.32 -5.32
CA PHE A 1243 -26.84 0.77 -4.95
C PHE A 1243 -27.56 1.67 -3.95
N ASN A 1244 -26.89 2.04 -2.87
CA ASN A 1244 -27.53 2.82 -1.82
C ASN A 1244 -28.02 4.17 -2.34
N VAL A 1245 -27.27 4.78 -3.26
CA VAL A 1245 -27.73 6.03 -3.88
C VAL A 1245 -29.08 5.83 -4.54
N VAL A 1246 -29.21 4.75 -5.33
CA VAL A 1246 -30.46 4.47 -6.03
C VAL A 1246 -31.58 4.21 -5.04
N SER A 1247 -31.29 3.40 -4.01
CA SER A 1247 -32.31 3.10 -3.00
C SER A 1247 -32.80 4.37 -2.33
N ALA A 1248 -31.88 5.23 -1.89
CA ALA A 1248 -32.27 6.43 -1.17
C ALA A 1248 -33.03 7.39 -2.06
N MET A 1249 -32.60 7.55 -3.31
CA MET A 1249 -33.31 8.44 -4.23
C MET A 1249 -34.71 7.92 -4.53
N MET A 1250 -34.84 6.61 -4.74
CA MET A 1250 -36.17 6.03 -4.91
C MET A 1250 -37.03 6.26 -3.68
N LYS A 1251 -36.41 6.20 -2.49
CA LYS A 1251 -37.14 6.46 -1.26
C LYS A 1251 -37.65 7.89 -1.23
N SER A 1252 -36.79 8.84 -1.59
CA SER A 1252 -37.20 10.24 -1.69
C SER A 1252 -38.35 10.40 -2.67
N PHE A 1253 -38.25 9.72 -3.82
CA PHE A 1253 -39.30 9.81 -4.83
C PHE A 1253 -40.64 9.30 -4.29
N ILE A 1254 -40.64 8.12 -3.68
CA ILE A 1254 -41.89 7.52 -3.26
C ILE A 1254 -42.47 8.27 -2.08
N LYS A 1255 -41.62 8.89 -1.25
CA LYS A 1255 -42.10 9.85 -0.27
C LYS A 1255 -42.80 11.01 -0.96
N ALA A 1256 -42.06 11.78 -1.77
CA ALA A 1256 -42.58 13.00 -2.36
C ALA A 1256 -43.87 12.76 -3.15
N GLN A 1257 -44.01 11.58 -3.78
CA GLN A 1257 -45.25 11.25 -4.46
C GLN A 1257 -46.46 11.48 -3.56
N LEU A 1258 -46.43 10.90 -2.37
CA LEU A 1258 -47.42 11.20 -1.35
C LEU A 1258 -47.06 12.42 -0.51
N GLY A 1259 -45.81 12.87 -0.59
CA GLY A 1259 -45.34 14.00 0.20
C GLY A 1259 -45.60 13.80 1.67
N LEU A 1260 -45.00 12.75 2.25
CA LEU A 1260 -45.23 12.45 3.66
C LEU A 1260 -44.66 13.55 4.54
N LYS A 1261 -43.34 13.72 4.52
CA LYS A 1261 -42.65 14.77 5.25
C LYS A 1261 -41.97 15.68 4.23
N LYS A 1262 -42.61 16.80 3.91
CA LYS A 1262 -42.04 17.73 2.92
C LYS A 1262 -40.64 18.15 3.36
N LYS A 1263 -39.64 17.79 2.55
CA LYS A 1263 -38.26 18.10 2.85
C LYS A 1263 -37.90 19.44 2.20
N THR A 1264 -36.61 19.76 2.12
CA THR A 1264 -36.16 21.00 1.48
C THR A 1264 -36.50 20.97 -0.01
N THR A 1265 -36.32 22.12 -0.66
CA THR A 1265 -36.62 22.22 -2.08
C THR A 1265 -35.57 21.47 -2.89
N GLN A 1266 -36.03 20.55 -3.72
CA GLN A 1266 -35.14 19.63 -4.42
C GLN A 1266 -34.15 20.37 -5.31
N SER A 1267 -32.92 19.86 -5.37
CA SER A 1267 -31.92 20.34 -6.30
C SER A 1267 -32.22 19.80 -7.70
N ILE A 1268 -31.27 19.96 -8.62
CA ILE A 1268 -31.52 19.55 -10.00
C ILE A 1268 -31.41 18.03 -10.14
N THR A 1269 -30.61 17.37 -9.29
CA THR A 1269 -30.41 15.94 -9.44
C THR A 1269 -31.68 15.16 -9.16
N GLU A 1270 -32.43 15.57 -8.12
CA GLU A 1270 -33.67 14.88 -7.79
C GLU A 1270 -34.68 14.96 -8.94
N ASP A 1271 -34.76 16.11 -9.61
CA ASP A 1271 -35.65 16.24 -10.77
C ASP A 1271 -35.14 15.40 -11.94
N PHE A 1272 -33.83 15.50 -12.23
CA PHE A 1272 -33.20 14.64 -13.23
C PHE A 1272 -33.61 13.18 -13.03
N PHE A 1273 -33.65 12.74 -11.78
CA PHE A 1273 -34.09 11.37 -11.50
C PHE A 1273 -35.60 11.22 -11.71
N TYR A 1274 -36.41 11.98 -10.98
CA TYR A 1274 -37.85 11.75 -10.94
C TYR A 1274 -38.45 11.77 -12.35
N SER A 1275 -37.96 12.66 -13.21
CA SER A 1275 -38.41 12.68 -14.61
C SER A 1275 -38.31 11.29 -15.24
N ASN A 1276 -37.11 10.71 -15.24
CA ASN A 1276 -36.94 9.39 -15.84
C ASN A 1276 -37.61 8.30 -15.00
N PHE A 1277 -37.88 8.58 -13.72
CA PHE A 1277 -38.36 7.53 -12.83
C PHE A 1277 -39.86 7.31 -13.01
N GLN A 1278 -40.63 8.38 -13.17
CA GLN A 1278 -42.08 8.23 -13.34
C GLN A 1278 -42.46 8.13 -14.82
N ILE A 1279 -41.71 7.30 -15.55
CA ILE A 1279 -42.05 6.98 -16.93
C ILE A 1279 -41.90 5.49 -17.16
N GLY A 1280 -41.36 4.77 -16.18
CA GLY A 1280 -40.81 3.46 -16.43
C GLY A 1280 -39.37 3.31 -16.02
N VAL A 1281 -38.47 3.28 -17.02
CA VAL A 1281 -37.06 2.94 -16.88
C VAL A 1281 -36.44 3.58 -15.64
N VAL A 1282 -35.63 2.80 -14.94
CA VAL A 1282 -34.85 3.28 -13.79
C VAL A 1282 -33.39 3.41 -14.23
N PRO A 1283 -32.81 4.62 -14.17
CA PRO A 1283 -31.46 4.81 -14.71
C PRO A 1283 -30.43 3.97 -13.97
N SER A 1284 -29.62 3.24 -14.76
CA SER A 1284 -28.62 2.33 -14.22
C SER A 1284 -27.21 2.72 -14.61
N HIS A 1285 -26.94 2.90 -15.90
CA HIS A 1285 -25.62 3.23 -16.39
C HIS A 1285 -25.67 4.52 -17.20
N VAL A 1286 -24.61 5.31 -17.10
CA VAL A 1286 -24.48 6.56 -17.83
C VAL A 1286 -23.14 6.57 -18.55
N SER A 1287 -23.16 6.87 -19.85
CA SER A 1287 -21.97 6.83 -20.69
C SER A 1287 -21.89 8.14 -21.48
N SER A 1288 -21.31 9.17 -20.85
CA SER A 1288 -21.15 10.46 -21.49
C SER A 1288 -19.76 10.55 -22.12
N ILE A 1289 -19.41 11.74 -22.61
CA ILE A 1289 -18.11 11.97 -23.19
C ILE A 1289 -17.22 12.87 -22.33
N LEU A 1290 -17.81 13.77 -21.54
CA LEU A 1290 -17.07 14.91 -21.00
C LEU A 1290 -16.03 14.49 -19.99
N ASP A 1291 -16.24 13.40 -19.26
CA ASP A 1291 -15.49 13.12 -18.04
C ASP A 1291 -14.33 12.20 -18.36
N MET A 1292 -13.12 12.60 -17.96
CA MET A 1292 -11.97 11.71 -17.87
C MET A 1292 -11.94 10.97 -16.52
N GLY A 1293 -11.41 9.76 -16.54
CA GLY A 1293 -11.20 9.03 -15.30
C GLY A 1293 -10.43 9.85 -14.28
N GLN A 1294 -10.78 9.68 -13.00
CA GLN A 1294 -10.11 10.38 -11.90
C GLN A 1294 -9.07 9.45 -11.29
N GLY A 1295 -7.83 9.55 -11.79
CA GLY A 1295 -6.74 8.73 -11.32
C GLY A 1295 -6.35 7.59 -12.23
N ILE A 1296 -7.10 7.37 -13.31
CA ILE A 1296 -6.81 6.27 -14.23
C ILE A 1296 -5.77 6.71 -15.25
N LEU A 1297 -6.11 7.71 -16.06
CA LEU A 1297 -5.25 8.16 -17.15
C LEU A 1297 -4.30 9.27 -16.69
N HIS A 1298 -3.53 8.95 -15.66
CA HIS A 1298 -2.61 9.93 -15.07
C HIS A 1298 -1.53 10.34 -16.06
N ASN A 1299 -0.69 9.38 -16.46
CA ASN A 1299 0.55 9.70 -17.18
C ASN A 1299 0.29 10.50 -18.45
N THR A 1300 -0.77 10.16 -19.19
CA THR A 1300 -1.11 10.94 -20.38
C THR A 1300 -1.48 12.37 -20.01
N SER A 1301 -2.23 12.54 -18.92
CA SER A 1301 -2.56 13.89 -18.46
C SER A 1301 -1.29 14.67 -18.13
N ASP A 1302 -0.32 14.01 -17.47
CA ASP A 1302 0.93 14.69 -17.16
C ASP A 1302 1.70 15.06 -18.42
N PHE A 1303 1.71 14.16 -19.41
CA PHE A 1303 2.33 14.47 -20.70
C PHE A 1303 1.70 15.71 -21.31
N TYR A 1304 0.37 15.74 -21.37
CA TYR A 1304 -0.33 16.89 -21.92
C TYR A 1304 0.02 18.16 -21.18
N ALA A 1305 0.00 18.11 -19.85
CA ALA A 1305 0.29 19.30 -19.06
C ALA A 1305 1.71 19.79 -19.33
N LEU A 1306 2.67 18.87 -19.37
CA LEU A 1306 4.06 19.25 -19.63
C LEU A 1306 4.20 19.93 -20.99
N ILE A 1307 3.70 19.28 -22.05
CA ILE A 1307 3.82 19.86 -23.39
C ILE A 1307 3.15 21.24 -23.44
N SER A 1308 1.89 21.33 -22.97
CA SER A 1308 1.16 22.57 -23.06
C SER A 1308 1.88 23.68 -22.30
N GLU A 1309 2.36 23.38 -21.10
CA GLU A 1309 3.07 24.39 -20.30
C GLU A 1309 4.33 24.85 -21.01
N ARG A 1310 5.08 23.91 -21.61
CA ARG A 1310 6.28 24.31 -22.32
C ARG A 1310 5.94 25.23 -23.48
N PHE A 1311 4.87 24.91 -24.21
CA PHE A 1311 4.46 25.75 -25.33
C PHE A 1311 4.06 27.14 -24.85
N ILE A 1312 3.35 27.22 -23.74
CA ILE A 1312 2.90 28.50 -23.23
C ILE A 1312 4.08 29.35 -22.77
N ASN A 1313 5.01 28.74 -22.03
CA ASN A 1313 6.24 29.44 -21.65
C ASN A 1313 7.02 29.89 -22.88
N TYR A 1314 7.01 29.08 -23.95
CA TYR A 1314 7.66 29.50 -25.19
C TYR A 1314 7.01 30.74 -25.75
N ALA A 1315 5.68 30.75 -25.80
CA ALA A 1315 4.96 31.91 -26.33
C ALA A 1315 5.26 33.16 -25.51
N ILE A 1316 5.16 33.06 -24.18
CA ILE A 1316 5.42 34.22 -23.33
C ILE A 1316 6.87 34.68 -23.47
N SER A 1317 7.81 33.75 -23.68
CA SER A 1317 9.16 34.16 -24.04
C SER A 1317 9.16 34.94 -25.34
N CYS A 1318 8.33 34.50 -26.29
CA CYS A 1318 8.30 35.14 -27.61
C CYS A 1318 7.81 36.58 -27.49
N ILE A 1319 6.83 36.84 -26.63
CA ILE A 1319 6.29 38.19 -26.51
C ILE A 1319 7.26 39.09 -25.75
N CYS A 1320 7.51 38.79 -24.48
CA CYS A 1320 8.31 39.66 -23.63
C CYS A 1320 9.79 39.37 -23.90
N GLY A 1321 10.66 39.87 -23.02
CA GLY A 1321 12.08 39.61 -23.17
C GLY A 1321 12.70 38.83 -22.03
N GLY A 1322 11.99 37.81 -21.55
CA GLY A 1322 12.46 37.04 -20.42
C GLY A 1322 12.41 35.54 -20.63
N THR A 1323 12.41 34.78 -19.53
CA THR A 1323 12.28 33.33 -19.57
C THR A 1323 11.51 32.87 -18.34
N ILE A 1324 11.07 31.61 -18.38
CA ILE A 1324 10.31 31.01 -17.28
C ILE A 1324 10.70 29.55 -17.19
N ASP A 1325 10.82 29.05 -15.96
CA ASP A 1325 11.02 27.63 -15.72
C ASP A 1325 9.89 27.08 -14.86
N ALA A 1326 9.50 25.85 -15.14
CA ALA A 1326 8.28 25.27 -14.58
C ALA A 1326 8.50 23.79 -14.28
N TYR A 1327 7.56 23.20 -13.55
CA TYR A 1327 7.55 21.77 -13.26
C TYR A 1327 6.08 21.34 -13.14
N THR A 1328 5.88 20.08 -12.76
CA THR A 1328 4.54 19.53 -12.61
C THR A 1328 4.63 18.16 -11.95
N SER A 1329 3.55 17.77 -11.26
CA SER A 1329 3.40 16.38 -10.82
C SER A 1329 2.16 15.76 -11.46
N SER A 1330 0.97 16.22 -11.13
CA SER A 1330 -0.24 15.79 -11.84
C SER A 1330 -1.15 16.95 -12.19
N ASP A 1331 -1.31 17.92 -11.28
CA ASP A 1331 -2.01 19.16 -11.58
C ASP A 1331 -1.36 20.40 -10.98
N ASP A 1332 -0.53 20.26 -9.95
CA ASP A 1332 0.13 21.40 -9.35
C ASP A 1332 1.26 21.86 -10.28
N GLN A 1333 1.92 22.96 -9.90
CA GLN A 1333 2.92 23.56 -10.77
C GLN A 1333 3.60 24.69 -10.01
N ILE A 1334 4.78 25.08 -10.50
CA ILE A 1334 5.47 26.28 -10.07
C ILE A 1334 5.88 27.06 -11.32
N SER A 1335 6.33 28.29 -11.11
CA SER A 1335 6.92 29.06 -12.19
C SER A 1335 7.92 30.05 -11.59
N LEU A 1336 9.14 30.01 -12.12
CA LEU A 1336 10.26 30.74 -11.55
C LEU A 1336 10.61 31.87 -12.52
N PHE A 1337 10.01 33.04 -12.30
CA PHE A 1337 10.27 34.20 -13.15
C PHE A 1337 11.76 34.51 -13.20
N ASP A 1338 12.24 34.84 -14.39
CA ASP A 1338 13.65 35.15 -14.57
C ASP A 1338 13.99 36.49 -13.90
N GLN A 1339 15.25 36.90 -14.02
CA GLN A 1339 15.69 38.16 -13.42
C GLN A 1339 14.97 39.35 -14.05
N VAL A 1340 14.84 39.35 -15.37
CA VAL A 1340 14.27 40.51 -16.06
C VAL A 1340 12.81 40.70 -15.72
N LEU A 1341 12.03 39.61 -15.81
CA LEU A 1341 10.59 39.72 -15.51
C LEU A 1341 10.35 40.10 -14.06
N THR A 1342 11.30 39.79 -13.17
CA THR A 1342 11.21 40.27 -11.80
C THR A 1342 11.50 41.76 -11.72
N GLU A 1343 12.69 42.17 -12.15
CA GLU A 1343 13.11 43.56 -12.00
C GLU A 1343 12.23 44.53 -12.78
N LEU A 1344 11.48 44.06 -13.78
CA LEU A 1344 10.58 44.95 -14.51
C LEU A 1344 9.34 45.30 -13.69
N MET A 1345 8.84 44.34 -12.91
CA MET A 1345 7.59 44.49 -12.16
C MET A 1345 7.52 45.77 -11.33
N GLN A 1346 8.65 46.40 -11.03
CA GLN A 1346 8.64 47.56 -10.14
C GLN A 1346 8.48 48.91 -10.86
N ARG A 1347 8.30 48.93 -12.17
CA ARG A 1347 8.12 50.20 -12.87
C ARG A 1347 6.82 50.30 -13.65
N ASP A 1348 6.41 49.25 -14.36
CA ASP A 1348 5.23 49.30 -15.22
C ASP A 1348 4.23 48.24 -14.79
N PRO A 1349 3.50 48.47 -13.69
CA PRO A 1349 2.58 47.45 -13.18
C PRO A 1349 1.53 47.03 -14.21
N GLU A 1350 1.06 47.98 -15.02
CA GLU A 1350 0.09 47.68 -16.07
C GLU A 1350 0.57 46.53 -16.95
N GLU A 1351 1.82 46.61 -17.43
CA GLU A 1351 2.32 45.58 -18.35
C GLU A 1351 2.46 44.23 -17.66
N PHE A 1352 2.87 44.23 -16.40
CA PHE A 1352 2.99 42.97 -15.67
C PHE A 1352 1.62 42.32 -15.48
N LYS A 1353 0.64 43.12 -15.06
CA LYS A 1353 -0.71 42.60 -14.89
C LYS A 1353 -1.29 42.10 -16.21
N THR A 1354 -1.02 42.80 -17.32
CA THR A 1354 -1.59 42.36 -18.59
C THR A 1354 -0.88 41.11 -19.09
N LEU A 1355 0.41 40.96 -18.77
CA LEU A 1355 1.09 39.69 -19.07
C LEU A 1355 0.44 38.54 -18.33
N ILE A 1356 0.22 38.73 -17.01
CA ILE A 1356 -0.42 37.67 -16.22
C ILE A 1356 -1.80 37.36 -16.79
N GLU A 1357 -2.52 38.40 -17.22
CA GLU A 1357 -3.88 38.20 -17.74
C GLU A 1357 -3.85 37.41 -19.03
N PHE A 1358 -2.96 37.79 -19.96
CA PHE A 1358 -2.86 37.05 -21.21
C PHE A 1358 -2.43 35.61 -20.96
N HIS A 1359 -1.58 35.38 -19.96
CA HIS A 1359 -1.25 34.01 -19.56
C HIS A 1359 -2.50 33.25 -19.12
N TYR A 1360 -3.30 33.87 -18.25
CA TYR A 1360 -4.54 33.25 -17.81
C TYR A 1360 -5.41 32.89 -19.01
N TYR A 1361 -5.54 33.83 -19.96
CA TYR A 1361 -6.41 33.62 -21.11
C TYR A 1361 -5.91 32.46 -21.96
N MET A 1362 -4.66 32.57 -22.43
CA MET A 1362 -4.04 31.48 -23.19
C MET A 1362 -4.24 30.14 -22.51
N SER A 1363 -3.72 30.00 -21.29
CA SER A 1363 -3.80 28.72 -20.59
C SER A 1363 -5.24 28.25 -20.43
N ASP A 1364 -6.21 29.17 -20.41
CA ASP A 1364 -7.60 28.75 -20.37
C ASP A 1364 -8.05 28.21 -21.72
N GLN A 1365 -7.54 28.78 -22.82
CA GLN A 1365 -7.97 28.35 -24.14
C GLN A 1365 -7.71 26.87 -24.36
N LEU A 1366 -6.64 26.32 -23.79
CA LEU A 1366 -6.27 24.93 -23.96
C LEU A 1366 -6.90 24.02 -22.91
N ASN A 1367 -8.06 24.40 -22.36
CA ASN A 1367 -8.80 23.56 -21.41
C ASN A 1367 -7.98 23.31 -20.15
N LYS A 1368 -7.38 24.37 -19.63
CA LYS A 1368 -6.64 24.32 -18.36
C LYS A 1368 -6.96 25.58 -17.57
N PHE A 1369 -7.63 25.41 -16.43
CA PHE A 1369 -8.03 26.53 -15.61
C PHE A 1369 -7.00 26.79 -14.53
N VAL A 1370 -7.25 27.82 -13.71
CA VAL A 1370 -6.40 28.17 -12.58
C VAL A 1370 -7.30 28.41 -11.37
N SER A 1371 -7.00 27.73 -10.27
CA SER A 1371 -7.81 27.85 -9.08
C SER A 1371 -7.56 29.20 -8.41
N PRO A 1372 -8.56 29.74 -7.70
CA PRO A 1372 -8.40 31.08 -7.11
C PRO A 1372 -7.37 31.12 -5.98
N LYS A 1373 -6.76 30.00 -5.63
CA LYS A 1373 -5.86 29.91 -4.49
C LYS A 1373 -4.39 30.05 -4.89
N SER A 1374 -4.10 30.17 -6.18
CA SER A 1374 -2.74 30.44 -6.61
C SER A 1374 -2.31 31.81 -6.12
N VAL A 1375 -0.99 32.02 -6.04
CA VAL A 1375 -0.44 33.31 -5.62
C VAL A 1375 0.83 33.62 -6.40
N ILE A 1376 1.27 34.87 -6.24
CA ILE A 1376 2.51 35.39 -6.80
C ILE A 1376 3.25 36.10 -5.68
N GLY A 1377 4.55 35.88 -5.58
CA GLY A 1377 5.22 36.47 -4.43
C GLY A 1377 6.72 36.61 -4.61
N ARG A 1378 7.34 37.18 -3.58
CA ARG A 1378 8.78 37.36 -3.52
C ARG A 1378 9.36 36.84 -2.20
N PHE A 1379 8.58 36.12 -1.41
CA PHE A 1379 8.92 35.83 -0.02
C PHE A 1379 8.72 34.36 0.36
N VAL A 1380 8.07 33.56 -0.48
CA VAL A 1380 7.77 32.17 -0.19
C VAL A 1380 7.80 31.41 -1.50
N ALA A 1381 7.71 30.08 -1.42
CA ALA A 1381 7.63 29.23 -2.61
C ALA A 1381 7.08 27.87 -2.20
N GLU A 1382 5.91 27.52 -2.70
CA GLU A 1382 5.22 26.30 -2.30
C GLU A 1382 5.27 25.28 -3.44
N PHE A 1383 5.38 24.01 -3.07
CA PHE A 1383 5.37 22.92 -4.03
C PHE A 1383 5.10 21.63 -3.26
N LYS A 1384 4.06 20.90 -3.64
CA LYS A 1384 3.74 19.60 -3.05
C LYS A 1384 3.62 19.68 -1.53
N SER A 1385 3.25 20.87 -1.03
CA SER A 1385 3.22 21.16 0.41
C SER A 1385 4.61 20.98 1.01
N ARG A 1386 5.54 21.82 0.55
CA ARG A 1386 6.89 21.88 1.13
C ARG A 1386 7.37 23.34 0.99
N PHE A 1387 7.12 24.13 2.04
CA PHE A 1387 7.34 25.56 1.97
C PHE A 1387 8.82 25.88 2.19
N TYR A 1388 9.23 27.06 1.72
CA TYR A 1388 10.61 27.51 1.87
C TYR A 1388 10.64 29.02 1.97
N VAL A 1389 11.56 29.54 2.79
CA VAL A 1389 11.80 30.97 2.93
C VAL A 1389 13.31 31.19 2.96
N TRP A 1390 13.70 32.45 2.85
CA TRP A 1390 15.12 32.80 2.82
C TRP A 1390 15.72 32.71 4.21
N GLY A 1391 16.99 32.31 4.26
CA GLY A 1391 17.75 32.34 5.50
C GLY A 1391 17.32 31.26 6.47
N ASP A 1392 16.13 31.43 7.04
CA ASP A 1392 15.53 30.43 7.89
C ASP A 1392 14.87 29.35 7.02
N GLU A 1393 14.47 28.26 7.66
CA GLU A 1393 13.66 27.22 7.02
C GLU A 1393 12.46 26.91 7.89
N VAL A 1394 11.42 26.38 7.26
CA VAL A 1394 10.10 26.26 7.88
C VAL A 1394 9.86 24.77 8.16
N PRO A 1395 9.79 24.35 9.40
CA PRO A 1395 9.42 22.96 9.73
C PRO A 1395 7.91 22.82 9.73
N LEU A 1396 7.45 21.62 10.11
CA LEU A 1396 6.01 21.36 10.26
C LEU A 1396 5.83 20.44 11.47
N LEU A 1397 5.65 21.05 12.64
CA LEU A 1397 5.61 20.28 13.88
C LEU A 1397 4.26 19.58 14.03
N THR A 1398 3.17 20.33 13.92
CA THR A 1398 1.85 19.82 14.23
C THR A 1398 1.49 18.66 13.32
N LYS A 1399 1.85 18.74 12.05
CA LYS A 1399 1.52 17.68 11.09
C LYS A 1399 2.13 16.35 11.53
N PHE A 1400 3.44 16.33 11.74
CA PHE A 1400 4.12 15.10 12.13
C PHE A 1400 3.63 14.60 13.48
N VAL A 1401 3.41 15.51 14.43
CA VAL A 1401 2.92 15.07 15.75
C VAL A 1401 1.57 14.38 15.62
N ALA A 1402 0.60 15.07 14.99
CA ALA A 1402 -0.73 14.50 14.85
C ALA A 1402 -0.72 13.22 14.04
N ALA A 1403 0.21 13.10 13.08
CA ALA A 1403 0.36 11.83 12.36
C ALA A 1403 0.83 10.73 13.30
N ALA A 1404 1.92 10.98 14.04
CA ALA A 1404 2.50 9.97 14.91
C ALA A 1404 1.58 9.59 16.07
N LEU A 1405 0.57 10.41 16.38
CA LEU A 1405 -0.23 10.12 17.57
C LEU A 1405 -1.12 8.90 17.39
N HIS A 1406 -1.62 8.63 16.18
CA HIS A 1406 -2.49 7.48 15.95
C HIS A 1406 -2.08 6.71 14.70
N ASN A 1407 -1.14 5.79 14.87
CA ASN A 1407 -0.66 4.90 13.80
C ASN A 1407 -0.48 3.49 14.35
N ILE A 1408 -1.51 2.98 15.04
CA ILE A 1408 -1.45 1.67 15.67
C ILE A 1408 -2.57 0.81 15.10
N LYS A 1409 -2.23 -0.43 14.76
CA LYS A 1409 -3.20 -1.40 14.23
C LYS A 1409 -3.08 -2.72 14.99
N CYS A 1410 -3.78 -3.74 14.53
CA CYS A 1410 -3.88 -5.01 15.26
C CYS A 1410 -2.89 -6.02 14.69
N LYS A 1411 -1.61 -5.68 14.79
CA LYS A 1411 -0.52 -6.53 14.36
C LYS A 1411 0.26 -7.04 15.57
N GLU A 1412 1.30 -7.81 15.31
CA GLU A 1412 2.17 -8.29 16.38
C GLU A 1412 2.88 -7.11 17.03
N PRO A 1413 2.91 -7.03 18.36
CA PRO A 1413 3.48 -5.85 19.02
C PRO A 1413 4.97 -5.67 18.79
N HIS A 1414 5.58 -6.53 17.98
CA HIS A 1414 6.95 -6.34 17.53
C HIS A 1414 7.04 -5.57 16.22
N GLN A 1415 5.90 -5.21 15.62
CA GLN A 1415 5.87 -4.48 14.36
C GLN A 1415 5.52 -3.01 14.53
N LEU A 1416 4.54 -2.70 15.39
CA LEU A 1416 4.29 -1.32 15.77
C LEU A 1416 5.57 -0.63 16.24
N ALA A 1417 6.46 -1.39 16.88
CA ALA A 1417 7.76 -0.85 17.29
C ALA A 1417 8.49 -0.20 16.11
N GLU A 1418 8.80 -1.00 15.09
CA GLU A 1418 9.53 -0.47 13.94
C GLU A 1418 8.70 0.55 13.17
N THR A 1419 7.37 0.40 13.20
CA THR A 1419 6.50 1.41 12.59
C THR A 1419 6.76 2.79 13.20
N ILE A 1420 6.57 2.90 14.51
CA ILE A 1420 6.74 4.19 15.18
C ILE A 1420 8.18 4.65 15.11
N ASP A 1421 9.14 3.71 15.11
CA ASP A 1421 10.55 4.10 14.97
C ASP A 1421 10.79 4.74 13.60
N THR A 1422 10.21 4.17 12.54
CA THR A 1422 10.34 4.75 11.21
C THR A 1422 9.71 6.14 11.19
N ILE A 1423 8.50 6.27 11.74
CA ILE A 1423 7.81 7.56 11.75
C ILE A 1423 8.66 8.61 12.44
N ILE A 1424 9.22 8.26 13.61
CA ILE A 1424 10.00 9.22 14.39
C ILE A 1424 11.30 9.56 13.65
N ASP A 1425 11.93 8.58 13.01
CA ASP A 1425 13.14 8.85 12.24
C ASP A 1425 12.84 9.81 11.08
N GLN A 1426 11.69 9.63 10.42
CA GLN A 1426 11.30 10.55 9.37
C GLN A 1426 11.06 11.95 9.92
N SER A 1427 10.40 12.05 11.07
CA SER A 1427 10.06 13.36 11.62
C SER A 1427 11.31 14.12 12.04
N VAL A 1428 12.17 13.48 12.84
CA VAL A 1428 13.32 14.15 13.45
C VAL A 1428 14.14 14.92 12.43
N ALA A 1429 14.21 14.41 11.19
CA ALA A 1429 14.95 15.09 10.12
C ALA A 1429 14.40 16.48 9.81
N ASN A 1430 13.24 16.86 10.36
CA ASN A 1430 12.63 18.13 10.04
C ASN A 1430 12.48 19.03 11.26
N GLY A 1431 13.54 19.15 12.05
CA GLY A 1431 13.59 20.17 13.08
C GLY A 1431 12.74 19.91 14.31
N VAL A 1432 11.99 18.82 14.35
CA VAL A 1432 11.30 18.45 15.59
C VAL A 1432 12.34 18.21 16.68
N PRO A 1433 12.13 18.72 17.89
CA PRO A 1433 13.10 18.48 18.97
C PRO A 1433 12.88 17.12 19.62
N VAL A 1434 13.99 16.54 20.09
CA VAL A 1434 13.99 15.12 20.43
C VAL A 1434 13.19 14.86 21.71
N HIS A 1435 13.16 15.81 22.64
CA HIS A 1435 12.38 15.66 23.86
C HIS A 1435 10.95 15.26 23.56
N LEU A 1436 10.34 15.93 22.57
CA LEU A 1436 9.03 15.52 22.08
C LEU A 1436 9.02 14.04 21.72
N CYS A 1437 10.05 13.59 21.01
CA CYS A 1437 10.08 12.20 20.55
C CYS A 1437 10.12 11.24 21.73
N ASN A 1438 10.98 11.52 22.72
CA ASN A 1438 11.00 10.71 23.93
C ASN A 1438 9.63 10.69 24.61
N LEU A 1439 8.96 11.84 24.69
CA LEU A 1439 7.64 11.87 25.31
C LEU A 1439 6.66 10.99 24.55
N ILE A 1440 6.71 11.04 23.21
CA ILE A 1440 5.82 10.23 22.39
C ILE A 1440 6.12 8.75 22.61
N GLN A 1441 7.40 8.41 22.67
CA GLN A 1441 7.80 7.02 22.86
C GLN A 1441 7.31 6.49 24.19
N LYS A 1442 7.47 7.30 25.25
CA LYS A 1442 6.94 6.93 26.56
C LYS A 1442 5.42 6.77 26.52
N ARG A 1443 4.73 7.68 25.82
CA ARG A 1443 3.28 7.56 25.68
C ARG A 1443 2.90 6.24 25.03
N THR A 1444 3.60 5.87 23.96
CA THR A 1444 3.31 4.61 23.28
C THR A 1444 3.56 3.42 24.20
N LEU A 1445 4.68 3.47 24.95
CA LEU A 1445 4.99 2.38 25.86
C LEU A 1445 3.93 2.24 26.94
N SER A 1446 3.39 3.37 27.42
CA SER A 1446 2.33 3.31 28.42
C SER A 1446 1.04 2.77 27.82
N LEU A 1447 0.69 3.22 26.61
CA LEU A 1447 -0.46 2.66 25.91
C LEU A 1447 -0.33 1.15 25.77
N LEU A 1448 0.90 0.66 25.58
CA LEU A 1448 1.12 -0.78 25.46
C LEU A 1448 0.98 -1.45 26.82
N GLN A 1449 1.58 -0.85 27.87
CA GLN A 1449 1.51 -1.41 29.21
C GLN A 1449 0.07 -1.50 29.70
N TYR A 1450 -0.81 -0.64 29.19
CA TYR A 1450 -2.22 -0.71 29.58
C TYR A 1450 -2.81 -2.09 29.33
N ALA A 1451 -2.36 -2.77 28.28
CA ALA A 1451 -2.80 -4.14 28.01
C ALA A 1451 -1.96 -5.19 28.72
N ARG A 1452 -0.88 -4.78 29.40
CA ARG A 1452 0.00 -5.69 30.15
C ARG A 1452 0.57 -6.78 29.24
N TYR A 1453 1.36 -6.33 28.25
CA TYR A 1453 2.22 -7.22 27.50
C TYR A 1453 3.62 -7.13 28.11
N PRO A 1454 4.14 -8.21 28.73
CA PRO A 1454 5.41 -8.10 29.44
C PRO A 1454 6.56 -7.62 28.56
N ILE A 1455 7.03 -6.40 28.84
CA ILE A 1455 7.96 -5.72 27.97
C ILE A 1455 9.31 -6.43 28.01
N ASP A 1456 9.80 -6.82 26.83
CA ASP A 1456 11.12 -7.43 26.71
C ASP A 1456 12.16 -6.32 26.82
N PRO A 1457 13.45 -6.65 26.77
CA PRO A 1457 14.45 -5.57 26.66
C PRO A 1457 14.35 -4.78 25.37
N PHE A 1458 14.40 -5.45 24.22
CA PHE A 1458 14.41 -4.75 22.94
C PHE A 1458 13.01 -4.75 22.32
N LEU A 1459 12.19 -3.82 22.81
CA LEU A 1459 10.94 -3.47 22.15
C LEU A 1459 10.96 -2.06 21.59
N LEU A 1460 11.58 -1.12 22.30
CA LEU A 1460 11.77 0.25 21.84
C LEU A 1460 12.64 0.96 22.86
N ASN A 1461 13.46 1.90 22.39
CA ASN A 1461 14.44 2.58 23.22
C ASN A 1461 13.91 3.97 23.60
N CYS A 1462 13.30 4.05 24.79
CA CYS A 1462 12.72 5.31 25.27
C CYS A 1462 13.76 6.14 26.01
N GLU A 1463 14.93 6.35 25.38
CA GLU A 1463 15.94 7.23 25.95
C GLU A 1463 16.68 8.02 24.87
N THR A 1464 16.26 7.93 23.61
CA THR A 1464 17.04 8.35 22.45
C THR A 1464 17.61 9.76 22.56
N ASP A 1465 18.69 10.01 21.83
CA ASP A 1465 19.34 11.32 21.79
C ASP A 1465 19.47 11.79 20.35
N VAL A 1466 20.26 12.84 20.13
CA VAL A 1466 20.31 13.44 18.79
C VAL A 1466 21.29 12.68 17.89
N ARG A 1467 22.28 12.01 18.47
CA ARG A 1467 23.17 11.15 17.70
C ARG A 1467 22.53 9.81 17.36
N ASP A 1468 21.46 9.43 18.05
CA ASP A 1468 20.89 8.09 17.95
C ASP A 1468 19.98 7.92 16.74
N TRP A 1469 19.78 8.96 15.94
CA TRP A 1469 18.99 8.86 14.72
C TRP A 1469 19.79 9.15 13.47
N VAL A 1470 20.48 10.29 13.42
CA VAL A 1470 21.25 10.67 12.24
C VAL A 1470 22.38 9.71 11.93
N ASP A 1471 22.76 8.85 12.87
CA ASP A 1471 23.83 7.89 12.63
C ASP A 1471 23.53 6.53 13.26
N GLY A 1472 22.25 6.14 13.35
CA GLY A 1472 21.89 4.87 13.92
C GLY A 1472 20.82 4.17 13.11
N ASN A 1473 20.77 2.86 13.27
CA ASN A 1473 19.76 2.02 12.65
C ASN A 1473 18.62 1.73 13.62
N ARG A 1474 17.71 0.83 13.24
CA ARG A 1474 16.62 0.42 14.11
C ARG A 1474 17.10 -0.33 15.36
N SER A 1475 18.29 -0.94 15.30
CA SER A 1475 18.78 -1.79 16.37
C SER A 1475 19.89 -1.16 17.19
N TYR A 1476 20.67 -0.26 16.59
CA TYR A 1476 21.75 0.42 17.29
C TYR A 1476 21.27 1.00 18.63
N ARG A 1477 20.07 1.58 18.64
CA ARG A 1477 19.48 2.09 19.87
C ARG A 1477 19.22 0.97 20.88
N ILE A 1478 18.94 -0.24 20.39
CA ILE A 1478 18.78 -1.38 21.29
C ILE A 1478 20.08 -1.63 22.03
N MET A 1479 21.18 -1.70 21.27
CA MET A 1479 22.50 -1.84 21.86
C MET A 1479 22.75 -0.76 22.90
N ARG A 1480 22.30 0.46 22.61
CA ARG A 1480 22.48 1.56 23.55
C ARG A 1480 21.70 1.33 24.85
N GLN A 1481 20.43 0.94 24.76
CA GLN A 1481 19.68 0.71 25.98
C GLN A 1481 20.35 -0.39 26.81
N ILE A 1482 20.84 -1.44 26.13
CA ILE A 1482 21.47 -2.54 26.85
C ILE A 1482 22.74 -2.05 27.54
N GLU A 1483 23.61 -1.37 26.79
CA GLU A 1483 24.79 -0.72 27.38
C GLU A 1483 24.43 0.07 28.63
N ARG A 1484 23.32 0.81 28.58
CA ARG A 1484 22.91 1.61 29.73
C ARG A 1484 22.45 0.72 30.88
N LEU A 1485 21.80 -0.39 30.58
CA LEU A 1485 21.21 -1.26 31.58
C LEU A 1485 22.24 -1.83 32.54
N ILE A 1486 23.15 -2.67 32.03
CA ILE A 1486 24.00 -3.50 32.88
C ILE A 1486 25.46 -3.33 32.52
N PRO A 1487 26.11 -2.24 32.92
CA PRO A 1487 27.53 -2.05 32.61
C PRO A 1487 28.41 -2.96 33.45
N ASP A 1488 29.74 -2.79 33.34
CA ASP A 1488 30.77 -3.57 34.01
C ASP A 1488 30.89 -4.98 33.48
N ALA A 1489 30.05 -5.39 32.52
CA ALA A 1489 30.19 -6.64 31.82
C ALA A 1489 30.53 -6.43 30.35
N CYS A 1490 29.70 -5.65 29.63
CA CYS A 1490 30.01 -5.26 28.26
C CYS A 1490 31.35 -4.54 28.16
N GLY A 1491 31.81 -3.92 29.26
CA GLY A 1491 33.06 -3.17 29.27
C GLY A 1491 34.29 -3.98 28.90
N ARG A 1492 34.15 -5.29 28.68
CA ARG A 1492 35.26 -6.11 28.21
C ARG A 1492 34.80 -6.91 27.00
N ILE A 1493 33.50 -7.20 26.93
CA ILE A 1493 32.94 -7.85 25.76
C ILE A 1493 33.16 -7.00 24.52
N ARG A 1494 33.10 -5.68 24.67
CA ARG A 1494 33.35 -4.80 23.54
C ARG A 1494 34.77 -4.97 23.01
N SER A 1495 35.76 -4.96 23.90
CA SER A 1495 37.14 -5.11 23.47
C SER A 1495 37.39 -6.51 22.89
N MET A 1496 36.74 -7.53 23.46
CA MET A 1496 36.89 -8.89 22.92
C MET A 1496 36.35 -8.95 21.49
N LEU A 1497 35.12 -8.46 21.28
CA LEU A 1497 34.58 -8.42 19.92
C LEU A 1497 35.44 -7.55 19.01
N ARG A 1498 36.04 -6.49 19.55
CA ARG A 1498 36.92 -5.64 18.76
C ARG A 1498 38.10 -6.43 18.22
N LYS A 1499 38.81 -7.13 19.11
CA LYS A 1499 39.91 -7.98 18.68
C LYS A 1499 39.43 -9.03 17.69
N LEU A 1500 38.29 -9.67 17.97
CA LEU A 1500 37.78 -10.72 17.10
C LEU A 1500 37.54 -10.19 15.68
N TYR A 1501 36.84 -9.06 15.58
CA TYR A 1501 36.55 -8.48 14.27
C TYR A 1501 37.82 -8.02 13.58
N ASN A 1502 38.76 -7.45 14.32
CA ASN A 1502 40.02 -7.02 13.70
C ASN A 1502 40.77 -8.21 13.13
N LYS A 1503 40.83 -9.32 13.86
CA LYS A 1503 41.48 -10.52 13.36
C LYS A 1503 40.74 -11.09 12.16
N LEU A 1504 39.40 -11.06 12.20
CA LEU A 1504 38.61 -11.67 11.13
C LEU A 1504 38.65 -10.87 9.84
N LYS A 1505 38.75 -9.53 9.94
CA LYS A 1505 38.62 -8.68 8.76
C LYS A 1505 39.70 -8.98 7.72
N THR A 1506 40.87 -9.43 8.16
CA THR A 1506 41.92 -9.83 7.23
C THR A 1506 41.92 -11.32 6.92
N GLY A 1507 40.90 -12.05 7.36
CA GLY A 1507 40.74 -13.45 7.01
C GLY A 1507 41.83 -14.36 7.55
N GLN A 1508 41.87 -14.54 8.87
CA GLN A 1508 42.84 -15.42 9.50
C GLN A 1508 42.28 -16.80 9.80
N LEU A 1509 41.14 -16.88 10.47
CA LEU A 1509 40.39 -18.13 10.60
C LEU A 1509 39.21 -18.17 9.64
N HIS A 1510 38.29 -17.21 9.75
CA HIS A 1510 37.24 -16.96 8.76
C HIS A 1510 36.27 -18.12 8.58
N GLU A 1511 36.50 -19.23 9.28
CA GLU A 1511 35.52 -20.32 9.28
C GLU A 1511 35.26 -20.93 10.65
N GLU A 1512 36.17 -20.82 11.61
CA GLU A 1512 36.01 -21.49 12.91
C GLU A 1512 34.98 -20.81 13.80
N PHE A 1513 34.17 -19.92 13.23
CA PHE A 1513 33.12 -19.21 13.96
C PHE A 1513 31.74 -19.49 13.41
N THR A 1514 31.54 -19.41 12.11
CA THR A 1514 30.21 -19.57 11.54
C THR A 1514 29.76 -21.02 11.56
N THR A 1515 30.48 -21.90 10.86
CA THR A 1515 30.19 -23.32 10.85
C THR A 1515 30.70 -24.05 12.10
N ASN A 1516 31.10 -23.33 13.15
CA ASN A 1516 31.61 -23.99 14.35
C ASN A 1516 30.95 -23.51 15.62
N TYR A 1517 30.52 -22.25 15.64
CA TYR A 1517 29.93 -21.65 16.84
C TYR A 1517 28.51 -21.16 16.63
N LEU A 1518 28.26 -20.39 15.58
CA LEU A 1518 26.97 -19.72 15.41
C LEU A 1518 25.83 -20.73 15.44
N SER A 1519 25.79 -21.64 14.47
CA SER A 1519 24.78 -22.69 14.48
C SER A 1519 24.88 -23.54 15.74
N SER A 1520 26.10 -23.80 16.20
CA SER A 1520 26.34 -24.67 17.35
C SER A 1520 25.65 -24.10 18.61
N GLU A 1521 25.45 -24.99 19.57
CA GLU A 1521 24.66 -24.65 20.76
C GLU A 1521 25.39 -23.59 21.58
N HIS A 1522 24.73 -22.45 21.79
CA HIS A 1522 25.29 -21.35 22.57
C HIS A 1522 25.31 -21.74 24.05
N LEU A 1523 26.30 -22.56 24.40
CA LEU A 1523 26.44 -23.09 25.75
C LEU A 1523 27.65 -22.50 26.46
N SER A 1524 28.85 -22.63 25.88
CA SER A 1524 30.01 -21.89 26.36
C SER A 1524 30.89 -21.38 25.22
N SER A 1525 30.39 -21.38 23.99
CA SER A 1525 31.09 -20.85 22.82
C SER A 1525 31.80 -19.51 23.09
N LEU A 1526 31.18 -18.66 23.90
CA LEU A 1526 31.81 -17.39 24.27
C LEU A 1526 33.17 -17.61 24.90
N SER A 1527 33.23 -18.43 25.95
CA SER A 1527 34.52 -18.71 26.59
C SER A 1527 35.51 -19.34 25.61
N ASN A 1528 35.01 -20.15 24.68
CA ASN A 1528 35.89 -20.72 23.66
C ASN A 1528 36.49 -19.62 22.78
N LEU A 1529 35.70 -18.61 22.44
CA LEU A 1529 36.26 -17.46 21.74
C LEU A 1529 37.30 -16.73 22.59
N CYS A 1530 36.98 -16.51 23.86
CA CYS A 1530 37.89 -15.76 24.72
C CYS A 1530 39.21 -16.49 24.94
N GLU A 1531 39.20 -17.83 24.90
CA GLU A 1531 40.45 -18.56 24.97
C GLU A 1531 41.14 -18.68 23.61
N LEU A 1532 40.37 -18.69 22.52
CA LEU A 1532 40.92 -18.66 21.17
C LEU A 1532 41.53 -17.30 20.83
N LEU A 1533 41.27 -16.27 21.64
CA LEU A 1533 41.84 -14.95 21.41
C LEU A 1533 42.69 -14.43 22.55
N GLY A 1534 42.66 -15.06 23.72
CA GLY A 1534 43.56 -14.69 24.78
C GLY A 1534 43.08 -13.56 25.66
N VAL A 1535 41.80 -13.57 26.01
CA VAL A 1535 41.24 -12.61 26.95
C VAL A 1535 40.36 -13.38 27.94
N GLU A 1536 40.25 -12.87 29.15
CA GLU A 1536 39.61 -13.63 30.23
C GLU A 1536 38.10 -13.68 29.99
N PRO A 1537 37.48 -14.85 30.13
CA PRO A 1537 36.02 -14.94 29.96
C PRO A 1537 35.29 -14.17 31.04
N PRO A 1538 33.97 -13.97 30.90
CA PRO A 1538 33.24 -13.20 31.92
C PRO A 1538 33.17 -13.91 33.25
N SER A 1539 32.52 -13.28 34.23
CA SER A 1539 32.38 -13.86 35.55
C SER A 1539 31.42 -15.04 35.53
N GLU A 1540 31.18 -15.63 36.69
CA GLU A 1540 30.17 -16.66 36.84
C GLU A 1540 28.79 -16.10 37.11
N SER A 1541 28.71 -14.91 37.72
CA SER A 1541 27.43 -14.20 37.83
C SER A 1541 27.25 -13.21 36.68
N ASP A 1542 27.47 -13.68 35.46
CA ASP A 1542 27.13 -12.96 34.25
C ASP A 1542 26.15 -13.73 33.38
N LEU A 1543 26.43 -15.02 33.14
CA LEU A 1543 25.52 -15.87 32.36
C LEU A 1543 24.11 -15.86 32.90
N GLU A 1544 23.94 -15.53 34.19
CA GLU A 1544 22.62 -15.59 34.83
C GLU A 1544 21.67 -14.53 34.30
N PHE A 1545 22.12 -13.62 33.44
CA PHE A 1545 21.26 -12.62 32.83
C PHE A 1545 20.58 -13.21 31.61
N SER A 1546 19.32 -12.82 31.40
CA SER A 1546 18.51 -13.38 30.34
C SER A 1546 17.33 -12.45 30.10
N TRP A 1547 16.43 -12.86 29.21
CA TRP A 1547 15.23 -12.09 28.95
C TRP A 1547 14.14 -13.02 28.40
N LEU A 1548 12.96 -12.96 29.01
CA LEU A 1548 11.86 -13.85 28.63
C LEU A 1548 11.39 -13.52 27.22
N ASN A 1549 11.41 -14.52 26.34
CA ASN A 1549 10.91 -14.39 24.97
C ASN A 1549 9.70 -15.30 24.79
N LEU A 1550 8.51 -14.70 24.75
CA LEU A 1550 7.35 -15.45 24.30
C LEU A 1550 7.55 -15.90 22.86
N ALA A 1551 6.84 -16.96 22.48
CA ALA A 1551 6.89 -17.50 21.12
C ALA A 1551 8.34 -17.80 20.70
N ALA A 1552 8.91 -18.77 21.42
CA ALA A 1552 10.20 -19.34 21.03
C ALA A 1552 10.04 -20.56 20.12
N HIS A 1553 8.82 -20.97 19.82
CA HIS A 1553 8.55 -22.08 18.92
C HIS A 1553 7.86 -21.61 17.64
N HIS A 1554 6.73 -20.92 17.77
CA HIS A 1554 5.94 -20.46 16.64
C HIS A 1554 5.33 -19.12 16.99
N PRO A 1555 5.18 -18.22 16.01
CA PRO A 1555 4.63 -16.89 16.29
C PRO A 1555 3.27 -16.94 16.96
N LEU A 1556 2.92 -15.84 17.62
CA LEU A 1556 1.65 -15.74 18.33
C LEU A 1556 0.49 -15.73 17.34
N ARG A 1557 -0.50 -16.59 17.59
CA ARG A 1557 -1.71 -16.58 16.78
C ARG A 1557 -2.52 -15.30 17.02
N MET A 1558 -3.17 -14.83 15.96
CA MET A 1558 -4.07 -13.68 16.05
C MET A 1558 -5.48 -14.10 15.68
N VAL A 1559 -6.45 -13.31 16.14
CA VAL A 1559 -7.85 -13.58 15.88
C VAL A 1559 -8.20 -13.23 14.44
N SER A 1611 -11.06 -0.98 7.68
CA SER A 1611 -11.36 -1.04 9.10
C SER A 1611 -11.39 0.36 9.71
N SER A 1612 -10.83 0.49 10.91
CA SER A 1612 -10.74 1.77 11.58
C SER A 1612 -9.46 1.75 12.44
N ILE A 1613 -9.40 2.65 13.42
CA ILE A 1613 -8.32 2.66 14.42
C ILE A 1613 -8.85 2.21 15.78
N ALA A 1614 -9.89 2.86 16.29
CA ALA A 1614 -10.48 2.48 17.58
C ALA A 1614 -10.80 0.99 17.62
N SER A 1615 -11.51 0.50 16.62
CA SER A 1615 -11.80 -0.93 16.55
C SER A 1615 -10.52 -1.75 16.52
N GLY A 1616 -9.50 -1.25 15.83
CA GLY A 1616 -8.21 -1.92 15.84
C GLY A 1616 -7.61 -2.00 17.22
N PHE A 1617 -7.71 -0.91 17.98
CA PHE A 1617 -7.11 -0.89 19.31
C PHE A 1617 -7.88 -1.81 20.27
N VAL A 1618 -9.22 -1.83 20.18
CA VAL A 1618 -9.95 -2.72 21.06
C VAL A 1618 -9.72 -4.18 20.66
N GLY A 1619 -9.51 -4.44 19.36
CA GLY A 1619 -9.15 -5.77 18.93
C GLY A 1619 -7.81 -6.20 19.48
N LEU A 1620 -6.82 -5.30 19.42
CA LEU A 1620 -5.51 -5.61 20.00
C LEU A 1620 -5.62 -5.82 21.50
N CYS A 1621 -6.46 -5.04 22.18
CA CYS A 1621 -6.63 -5.20 23.62
C CYS A 1621 -7.30 -6.54 23.95
N ARG A 1622 -8.15 -7.03 23.05
CA ARG A 1622 -8.83 -8.30 23.28
C ARG A 1622 -7.92 -9.50 22.99
N THR A 1623 -7.22 -9.47 21.84
CA THR A 1623 -6.57 -10.69 21.34
C THR A 1623 -5.62 -11.31 22.35
N LEU A 1624 -4.82 -10.50 23.04
CA LEU A 1624 -3.81 -11.01 23.97
C LEU A 1624 -4.31 -12.15 24.84
N GLY A 1625 -5.35 -11.89 25.64
CA GLY A 1625 -5.85 -12.90 26.55
C GLY A 1625 -6.08 -14.27 25.92
N SER A 1626 -7.13 -14.40 25.11
CA SER A 1626 -7.49 -15.67 24.49
C SER A 1626 -6.35 -16.43 23.80
N LYS A 1627 -5.71 -17.32 24.55
CA LYS A 1627 -4.64 -18.21 24.07
C LYS A 1627 -3.66 -17.59 23.08
N CYS A 1628 -2.91 -16.56 23.51
CA CYS A 1628 -1.76 -16.15 22.70
C CYS A 1628 -0.50 -16.92 23.16
N VAL A 1629 -0.46 -18.21 22.83
CA VAL A 1629 0.65 -19.10 23.15
C VAL A 1629 0.51 -20.41 22.38
N ARG A 1630 1.59 -20.83 21.73
CA ARG A 1630 1.64 -22.11 21.04
C ARG A 1630 2.57 -23.03 21.81
N GLY A 1631 2.17 -24.30 21.93
CA GLY A 1631 2.89 -25.23 22.78
C GLY A 1631 4.23 -25.64 22.21
N PRO A 1632 4.78 -26.75 22.71
CA PRO A 1632 6.05 -27.24 22.16
C PRO A 1632 5.91 -27.58 20.68
N ASN A 1633 5.01 -28.51 20.38
CA ASN A 1633 4.58 -28.75 19.00
C ASN A 1633 3.44 -27.79 18.65
N LYS A 1634 2.29 -27.98 19.31
CA LYS A 1634 1.07 -27.23 19.01
C LYS A 1634 0.17 -27.33 20.24
N GLU A 1635 -0.01 -26.22 20.95
CA GLU A 1635 -0.89 -26.18 22.11
C GLU A 1635 -1.34 -24.73 22.31
N SER A 1636 -1.92 -24.44 23.48
CA SER A 1636 -2.41 -23.11 23.77
C SER A 1636 -2.43 -22.88 25.28
N LEU A 1637 -2.06 -21.66 25.68
CA LEU A 1637 -1.86 -21.31 27.09
C LEU A 1637 -2.23 -19.84 27.26
N TYR A 1638 -1.79 -19.24 28.37
CA TYR A 1638 -1.98 -17.82 28.60
C TYR A 1638 -0.64 -17.14 28.93
N ILE A 1639 -0.70 -15.90 29.40
CA ILE A 1639 0.49 -15.18 29.82
C ILE A 1639 0.60 -15.14 31.34
N LYS A 1640 -0.53 -15.00 32.04
CA LYS A 1640 -0.52 -15.05 33.50
C LYS A 1640 -0.03 -16.42 33.98
N SER A 1641 -0.38 -17.47 33.24
CA SER A 1641 0.08 -18.82 33.56
C SER A 1641 1.60 -18.85 33.67
N ILE A 1642 2.28 -18.40 32.60
CA ILE A 1642 3.74 -18.41 32.59
C ILE A 1642 4.31 -17.51 33.68
N GLN A 1643 3.62 -16.40 33.98
CA GLN A 1643 4.05 -15.55 35.09
C GLN A 1643 4.07 -16.33 36.40
N SER A 1644 2.97 -17.04 36.70
CA SER A 1644 2.93 -17.87 37.90
C SER A 1644 4.03 -18.93 37.87
N LEU A 1645 4.17 -19.62 36.74
CA LEU A 1645 5.11 -20.74 36.67
C LEU A 1645 6.56 -20.28 36.78
N ILE A 1646 6.84 -19.03 36.43
CA ILE A 1646 8.13 -18.43 36.80
C ILE A 1646 8.15 -18.11 38.29
N SER A 1647 7.05 -17.57 38.81
CA SER A 1647 7.01 -17.16 40.21
C SER A 1647 7.16 -18.35 41.17
N ASP A 1648 6.99 -19.57 40.66
CA ASP A 1648 7.16 -20.74 41.51
C ASP A 1648 8.63 -20.97 41.85
N ILE A 1649 9.48 -21.04 40.83
CA ILE A 1649 10.88 -21.42 41.03
C ILE A 1649 11.57 -20.35 41.87
N GLN A 1650 12.10 -20.76 43.02
CA GLN A 1650 12.66 -19.83 44.00
C GLN A 1650 14.16 -19.63 43.79
N GLY A 1651 14.55 -19.34 42.56
CA GLY A 1651 15.90 -18.89 42.26
C GLY A 1651 15.91 -17.89 41.12
N ILE A 1652 14.72 -17.47 40.71
CA ILE A 1652 14.53 -16.64 39.52
C ILE A 1652 14.13 -15.26 40.02
N GLU A 1653 14.97 -14.26 39.77
CA GLU A 1653 14.78 -12.94 40.35
C GLU A 1653 14.61 -11.91 39.25
N PRO A 1654 13.46 -11.25 39.14
CA PRO A 1654 13.28 -10.22 38.13
C PRO A 1654 13.93 -8.90 38.53
N LEU A 1655 14.00 -7.99 37.56
CA LEU A 1655 14.59 -6.67 37.77
C LEU A 1655 13.93 -5.70 36.81
N ILE A 1656 13.69 -4.48 37.29
CA ILE A 1656 12.98 -3.44 36.56
C ILE A 1656 13.90 -2.22 36.48
N ASP A 1657 13.60 -1.34 35.53
CA ASP A 1657 14.23 -0.04 35.42
C ASP A 1657 13.20 1.05 35.72
N SER A 1658 13.64 2.31 35.67
CA SER A 1658 12.74 3.42 35.94
C SER A 1658 11.57 3.45 34.98
N HIS A 1659 11.87 3.59 33.68
CA HIS A 1659 10.81 3.61 32.68
C HIS A 1659 10.07 2.28 32.63
N GLY A 1660 10.76 1.19 32.94
CA GLY A 1660 10.16 -0.13 33.00
C GLY A 1660 10.62 -1.04 31.88
N VAL A 1661 11.61 -1.89 32.19
CA VAL A 1661 12.15 -2.87 31.25
C VAL A 1661 12.46 -4.12 32.05
N GLN A 1662 11.63 -5.15 31.91
CA GLN A 1662 11.82 -6.37 32.68
C GLN A 1662 13.03 -7.14 32.19
N TYR A 1663 13.86 -7.59 33.12
CA TYR A 1663 14.97 -8.48 32.77
C TYR A 1663 15.39 -9.21 34.03
N TRP A 1664 15.85 -10.45 33.87
CA TRP A 1664 15.80 -11.41 34.97
C TRP A 1664 17.19 -11.89 35.34
N ARG A 1665 17.23 -12.74 36.36
CA ARG A 1665 18.46 -13.38 36.84
C ARG A 1665 18.10 -14.80 37.25
N VAL A 1666 18.61 -15.78 36.50
CA VAL A 1666 18.30 -17.19 36.76
C VAL A 1666 19.62 -17.96 36.85
N PRO A 1667 19.73 -18.92 37.75
CA PRO A 1667 21.04 -19.52 38.03
C PRO A 1667 21.36 -20.65 37.06
N LEU A 1668 22.65 -20.71 36.66
CA LEU A 1668 23.14 -21.81 35.85
C LEU A 1668 23.08 -23.15 36.57
N ASN A 1669 22.97 -23.15 37.91
CA ASN A 1669 22.93 -24.41 38.63
C ASN A 1669 21.68 -25.22 38.29
N ILE A 1670 20.56 -24.53 38.09
CA ILE A 1670 19.32 -25.16 37.63
C ILE A 1670 19.04 -24.79 36.17
N ARG A 1671 20.07 -24.35 35.44
CA ARG A 1671 19.92 -24.09 34.01
C ARG A 1671 19.34 -25.29 33.27
N ASP A 1672 19.69 -26.50 33.70
CA ASP A 1672 19.02 -27.72 33.27
C ASP A 1672 18.39 -28.40 34.47
N GLY A 1673 17.90 -29.62 34.27
CA GLY A 1673 17.22 -30.36 35.32
C GLY A 1673 15.77 -29.97 35.54
N ASN A 1674 15.36 -28.78 35.10
CA ASN A 1674 13.94 -28.40 35.02
C ASN A 1674 13.77 -27.65 33.70
N GLU A 1675 13.44 -28.40 32.65
CA GLU A 1675 13.33 -27.86 31.30
C GLU A 1675 11.89 -27.55 30.91
N GLY A 1676 11.00 -27.41 31.89
CA GLY A 1676 9.60 -27.14 31.61
C GLY A 1676 9.34 -25.75 31.07
N VAL A 1677 9.57 -24.73 31.88
CA VAL A 1677 9.24 -23.36 31.49
C VAL A 1677 10.49 -22.65 30.98
N ILE A 1678 11.66 -23.06 31.46
CA ILE A 1678 12.93 -22.47 31.03
C ILE A 1678 13.15 -22.59 29.52
N SER A 1679 12.35 -23.40 28.82
CA SER A 1679 12.46 -23.51 27.38
C SER A 1679 12.28 -22.17 26.67
N TYR A 1680 11.65 -21.19 27.33
CA TYR A 1680 11.37 -19.90 26.71
C TYR A 1680 12.50 -18.90 26.89
N PHE A 1681 13.19 -18.94 28.02
CA PHE A 1681 14.19 -17.93 28.32
C PHE A 1681 15.31 -17.96 27.28
N ARG A 1682 16.01 -16.82 27.15
CA ARG A 1682 17.16 -16.72 26.27
C ARG A 1682 18.15 -15.75 26.90
N PRO A 1683 19.43 -16.08 26.92
CA PRO A 1683 20.41 -15.21 27.58
C PRO A 1683 20.67 -13.95 26.76
N LEU A 1684 21.18 -12.93 27.44
CA LEU A 1684 21.23 -11.59 26.88
C LEU A 1684 22.54 -11.29 26.18
N LEU A 1685 23.68 -11.65 26.80
CA LEU A 1685 24.96 -11.31 26.22
C LEU A 1685 25.19 -11.98 24.87
N TRP A 1686 24.58 -13.15 24.65
CA TRP A 1686 24.65 -13.79 23.34
C TRP A 1686 24.00 -12.92 22.27
N ASP A 1687 22.75 -12.52 22.49
CA ASP A 1687 22.05 -11.65 21.54
C ASP A 1687 22.81 -10.34 21.36
N TYR A 1688 23.31 -9.77 22.46
CA TYR A 1688 24.11 -8.55 22.36
C TYR A 1688 25.29 -8.75 21.42
N MET A 1689 26.05 -9.83 21.62
CA MET A 1689 27.21 -10.09 20.80
C MET A 1689 26.85 -10.21 19.32
N CYS A 1690 25.86 -11.05 19.01
CA CYS A 1690 25.54 -11.29 17.60
C CYS A 1690 25.01 -10.02 16.94
N ILE A 1691 24.11 -9.30 17.62
CA ILE A 1691 23.58 -8.05 17.08
C ILE A 1691 24.71 -7.06 16.85
N SER A 1692 25.63 -6.94 17.81
CA SER A 1692 26.74 -6.01 17.68
C SER A 1692 27.60 -6.35 16.48
N LEU A 1693 27.97 -7.63 16.34
CA LEU A 1693 28.80 -8.05 15.22
C LEU A 1693 28.11 -7.74 13.89
N SER A 1694 26.81 -8.07 13.80
CA SER A 1694 26.07 -7.84 12.56
C SER A 1694 26.04 -6.35 12.23
N THR A 1695 25.65 -5.51 13.19
CA THR A 1695 25.58 -4.08 12.93
C THR A 1695 26.94 -3.50 12.58
N ALA A 1696 28.00 -3.98 13.23
CA ALA A 1696 29.34 -3.48 12.94
C ALA A 1696 29.76 -3.85 11.52
N ILE A 1697 29.51 -5.09 11.12
CA ILE A 1697 29.78 -5.49 9.73
C ILE A 1697 28.99 -4.61 8.77
N GLU A 1698 27.73 -4.32 9.08
CA GLU A 1698 26.91 -3.52 8.19
C GLU A 1698 27.37 -2.06 8.17
N LEU A 1699 27.31 -1.39 9.31
CA LEU A 1699 27.71 0.01 9.40
C LEU A 1699 29.23 0.12 9.41
N GLY A 1700 29.73 1.34 9.64
CA GLY A 1700 31.16 1.52 9.83
C GLY A 1700 31.60 0.99 11.17
N ALA A 1701 32.77 0.34 11.19
CA ALA A 1701 33.24 -0.37 12.37
C ALA A 1701 33.58 0.56 13.54
N TRP A 1702 33.38 1.86 13.41
CA TRP A 1702 33.62 2.81 14.48
C TRP A 1702 32.67 2.64 15.66
N VAL A 1703 31.66 1.77 15.55
CA VAL A 1703 30.60 1.68 16.56
C VAL A 1703 31.05 0.80 17.72
N LEU A 1704 32.33 0.42 17.73
CA LEU A 1704 32.91 -0.39 18.79
C LEU A 1704 34.09 0.34 19.43
N GLY A 1705 33.93 1.64 19.68
CA GLY A 1705 34.87 2.36 20.52
C GLY A 1705 34.59 2.22 22.00
N GLU A 1706 34.59 3.35 22.71
CA GLU A 1706 34.15 3.37 24.10
C GLU A 1706 33.28 4.59 24.36
N PRO A 1707 32.02 4.41 24.76
CA PRO A 1707 31.13 5.56 24.95
C PRO A 1707 31.64 6.51 26.02
N LYS A 1708 31.13 7.74 25.98
CA LYS A 1708 31.61 8.80 26.84
C LYS A 1708 30.59 9.94 26.84
N LYS A 1709 30.51 10.64 27.97
CA LYS A 1709 29.72 11.85 28.07
C LYS A 1709 30.64 13.05 28.25
N VAL A 1710 30.33 14.13 27.56
CA VAL A 1710 31.18 15.32 27.52
C VAL A 1710 30.64 16.37 28.47
N ARG A 1711 31.55 17.10 29.10
CA ARG A 1711 31.23 18.26 29.92
C ARG A 1711 32.15 19.42 29.56
N VAL A 1712 32.40 19.60 28.27
CA VAL A 1712 33.40 20.53 27.78
C VAL A 1712 32.78 21.83 27.28
N LEU A 1713 31.59 22.17 27.75
CA LEU A 1713 30.79 23.25 27.16
C LEU A 1713 30.26 24.16 28.24
N GLU A 1714 30.14 25.44 27.89
CA GLU A 1714 29.41 26.43 28.67
C GLU A 1714 28.13 26.79 27.92
N PHE A 1715 27.19 27.40 28.64
CA PHE A 1715 25.92 27.76 28.03
C PHE A 1715 26.12 28.84 26.98
N PHE A 1716 25.30 28.78 25.93
CA PHE A 1716 25.25 29.79 24.90
C PHE A 1716 23.80 30.19 24.67
N LYS A 1717 23.55 31.50 24.57
CA LYS A 1717 22.20 32.00 24.33
C LYS A 1717 21.64 31.41 23.04
N HIS A 1718 20.65 30.54 23.17
CA HIS A 1718 20.12 29.77 22.05
C HIS A 1718 18.87 30.49 21.50
N ASN A 1719 19.07 31.24 20.42
CA ASN A 1719 17.95 31.78 19.68
C ASN A 1719 17.05 30.64 19.19
N PRO A 1720 15.73 30.77 19.29
CA PRO A 1720 14.86 29.60 19.04
C PRO A 1720 14.98 29.04 17.63
N CYS A 1721 15.37 29.85 16.65
CA CYS A 1721 15.47 29.41 15.27
C CYS A 1721 16.94 29.39 14.87
N ASP A 1722 17.52 28.20 14.78
CA ASP A 1722 18.89 28.03 14.33
C ASP A 1722 19.15 26.56 13.99
N TYR A 1723 19.62 26.29 12.78
CA TYR A 1723 19.67 24.94 12.24
C TYR A 1723 21.05 24.66 11.67
N PHE A 1724 21.28 23.39 11.34
CA PHE A 1724 22.56 22.92 10.83
C PHE A 1724 22.35 21.62 10.06
N PRO A 1725 22.19 21.70 8.74
CA PRO A 1725 21.99 20.47 7.95
C PRO A 1725 23.14 19.49 8.13
N LEU A 1726 22.83 18.23 7.83
CA LEU A 1726 23.78 17.14 8.05
C LEU A 1726 23.54 16.05 7.02
N LYS A 1727 24.62 15.31 6.72
CA LYS A 1727 24.61 14.07 5.95
C LYS A 1727 24.84 12.87 6.87
N PRO A 1728 24.12 11.77 6.64
CA PRO A 1728 24.34 10.57 7.46
C PRO A 1728 25.68 9.93 7.16
N ALA A 1729 26.19 9.20 8.14
CA ALA A 1729 27.50 8.56 8.06
C ALA A 1729 27.30 7.09 7.68
N ALA A 1730 27.61 6.75 6.45
CA ALA A 1730 27.51 5.37 5.98
C ALA A 1730 28.87 4.66 6.09
N GLY A 1739 29.57 -4.43 -4.64
CA GLY A 1739 29.15 -4.65 -6.01
C GLY A 1739 28.06 -5.70 -6.15
N LEU A 1740 26.92 -5.28 -6.71
CA LEU A 1740 25.80 -6.19 -6.88
C LEU A 1740 26.18 -7.38 -7.75
N ASN A 1741 27.04 -7.17 -8.75
CA ASN A 1741 27.49 -8.26 -9.61
C ASN A 1741 28.15 -9.37 -8.79
N HIS A 1742 28.98 -8.99 -7.81
CA HIS A 1742 29.62 -9.97 -6.95
C HIS A 1742 28.59 -10.72 -6.12
N ILE A 1743 27.56 -10.00 -5.66
CA ILE A 1743 26.50 -10.64 -4.88
C ILE A 1743 25.80 -11.71 -5.73
N ILE A 1744 25.46 -11.36 -6.97
CA ILE A 1744 24.79 -12.30 -7.86
C ILE A 1744 25.70 -13.49 -8.14
N HIS A 1745 26.99 -13.23 -8.37
CA HIS A 1745 27.97 -14.30 -8.52
C HIS A 1745 27.90 -15.27 -7.34
N SER A 1746 27.97 -14.75 -6.12
CA SER A 1746 27.99 -15.61 -4.94
C SER A 1746 26.67 -16.37 -4.80
N LEU A 1747 25.55 -15.72 -5.10
CA LEU A 1747 24.25 -16.40 -5.07
C LEU A 1747 24.25 -17.59 -6.03
N ARG A 1748 24.68 -17.36 -7.27
CA ARG A 1748 24.68 -18.44 -8.24
C ARG A 1748 25.73 -19.49 -7.94
N ARG A 1749 26.74 -19.14 -7.14
CA ARG A 1749 27.80 -20.08 -6.78
C ARG A 1749 27.43 -20.94 -5.58
N LEU A 1750 26.50 -20.49 -4.73
CA LEU A 1750 26.21 -21.19 -3.49
C LEU A 1750 24.81 -21.80 -3.44
N TYR A 1751 23.80 -21.10 -3.94
CA TYR A 1751 22.41 -21.54 -3.85
C TYR A 1751 21.78 -21.51 -5.23
N PRO A 1752 22.05 -22.53 -6.06
CA PRO A 1752 21.57 -22.46 -7.45
C PRO A 1752 20.06 -22.59 -7.56
N SER A 1753 19.46 -23.49 -6.79
CA SER A 1753 18.03 -23.73 -6.90
C SER A 1753 17.24 -22.47 -6.58
N VAL A 1754 17.58 -21.81 -5.47
CA VAL A 1754 16.91 -20.56 -5.11
C VAL A 1754 17.26 -19.47 -6.13
N PHE A 1755 18.45 -19.54 -6.72
CA PHE A 1755 18.90 -18.47 -7.60
C PHE A 1755 18.13 -18.47 -8.92
N GLU A 1756 17.94 -19.65 -9.51
CA GLU A 1756 17.33 -19.70 -10.84
C GLU A 1756 15.87 -19.28 -10.82
N LYS A 1757 15.14 -19.56 -9.74
CA LYS A 1757 13.70 -19.32 -9.70
C LYS A 1757 13.32 -17.95 -9.12
N HIS A 1758 14.28 -17.12 -8.73
CA HIS A 1758 13.96 -15.85 -8.09
C HIS A 1758 14.67 -14.64 -8.67
N ILE A 1759 15.70 -14.82 -9.49
CA ILE A 1759 16.41 -13.71 -10.10
C ILE A 1759 16.32 -13.75 -11.62
N LEU A 1760 16.50 -14.92 -12.22
CA LEU A 1760 16.31 -15.04 -13.67
C LEU A 1760 14.91 -14.62 -14.11
N PRO A 1761 13.82 -15.14 -13.55
CA PRO A 1761 12.49 -14.71 -14.03
C PRO A 1761 12.14 -13.30 -13.62
N PHE A 1762 12.68 -12.82 -12.50
CA PHE A 1762 12.42 -11.45 -12.05
C PHE A 1762 12.92 -10.45 -13.09
N MET A 1763 14.24 -10.38 -13.28
CA MET A 1763 14.82 -9.61 -14.37
C MET A 1763 16.23 -10.15 -14.64
N SER A 1764 16.35 -11.02 -15.65
CA SER A 1764 17.63 -11.56 -16.09
C SER A 1764 17.37 -12.47 -17.29
N ASP A 1765 18.43 -12.66 -18.09
CA ASP A 1765 18.40 -13.63 -19.18
C ASP A 1765 19.73 -14.38 -19.29
N LEU A 1766 20.54 -14.37 -18.24
CA LEU A 1766 21.94 -14.76 -18.34
C LEU A 1766 22.11 -16.28 -18.25
N ALA A 1767 21.35 -17.03 -19.04
CA ALA A 1767 21.57 -18.46 -19.13
C ALA A 1767 22.81 -18.78 -19.97
N SER A 1768 22.97 -18.09 -21.10
CA SER A 1768 24.11 -18.28 -22.00
C SER A 1768 25.26 -17.34 -21.66
N THR A 1769 25.66 -17.33 -20.39
CA THR A 1769 26.75 -16.48 -19.92
C THR A 1769 27.73 -17.30 -19.11
N LYS A 1770 29.01 -17.00 -19.28
CA LYS A 1770 30.08 -17.70 -18.58
C LYS A 1770 30.62 -16.84 -17.45
N MET A 1771 31.06 -17.50 -16.37
CA MET A 1771 31.60 -16.78 -15.23
C MET A 1771 32.83 -17.47 -14.63
N LYS A 1772 33.44 -18.39 -15.36
CA LYS A 1772 34.48 -19.25 -14.78
C LYS A 1772 35.77 -18.51 -14.47
N TRP A 1773 35.83 -17.20 -14.67
CA TRP A 1773 37.00 -16.38 -14.33
C TRP A 1773 36.52 -15.06 -13.76
N SER A 1774 36.36 -15.00 -12.44
CA SER A 1774 35.87 -13.80 -11.77
C SER A 1774 36.51 -13.72 -10.39
N PRO A 1775 36.85 -12.52 -9.93
CA PRO A 1775 37.45 -12.39 -8.59
C PRO A 1775 36.47 -12.84 -7.51
N ARG A 1776 37.02 -13.30 -6.39
CA ARG A 1776 36.22 -13.78 -5.28
C ARG A 1776 36.58 -13.02 -4.02
N ILE A 1777 35.62 -12.97 -3.09
CA ILE A 1777 35.79 -12.32 -1.80
C ILE A 1777 35.33 -13.28 -0.72
N LYS A 1778 36.14 -13.43 0.33
CA LYS A 1778 35.78 -14.34 1.42
C LYS A 1778 34.85 -13.67 2.42
N PHE A 1779 35.15 -12.42 2.78
CA PHE A 1779 34.29 -11.66 3.68
C PHE A 1779 32.84 -11.67 3.23
N LEU A 1780 32.58 -11.15 2.03
CA LEU A 1780 31.22 -11.12 1.49
C LEU A 1780 30.61 -12.51 1.41
N ASP A 1781 31.42 -13.51 1.04
CA ASP A 1781 30.91 -14.87 0.96
C ASP A 1781 30.36 -15.34 2.30
N LEU A 1782 31.16 -15.19 3.37
CA LEU A 1782 30.70 -15.65 4.67
C LEU A 1782 29.59 -14.77 5.22
N CYS A 1783 29.55 -13.50 4.84
CA CYS A 1783 28.42 -12.65 5.20
C CYS A 1783 27.13 -13.19 4.60
N VAL A 1784 27.16 -13.52 3.31
CA VAL A 1784 26.00 -14.10 2.64
C VAL A 1784 25.62 -15.44 3.29
N ALA A 1785 26.64 -16.27 3.59
CA ALA A 1785 26.37 -17.56 4.20
C ALA A 1785 25.67 -17.41 5.55
N LEU A 1786 26.13 -16.45 6.37
CA LEU A 1786 25.44 -16.15 7.62
C LEU A 1786 24.00 -15.71 7.34
N ASP A 1787 23.83 -14.74 6.44
CA ASP A 1787 22.51 -14.17 6.19
C ASP A 1787 21.52 -15.23 5.73
N VAL A 1788 21.96 -16.20 4.94
CA VAL A 1788 21.06 -17.28 4.54
C VAL A 1788 20.96 -18.39 5.58
N ASN A 1789 21.90 -18.48 6.51
CA ASN A 1789 21.87 -19.51 7.55
C ASN A 1789 21.24 -19.00 8.84
N CYS A 1790 21.84 -17.96 9.44
CA CYS A 1790 21.40 -17.42 10.73
C CYS A 1790 21.18 -18.51 11.78
N ARG A 1804 18.20 6.23 1.21
CA ARG A 1804 18.50 7.62 0.85
C ARG A 1804 18.60 8.49 2.10
N GLU A 1805 17.49 9.12 2.47
CA GLU A 1805 17.43 10.04 3.61
C GLU A 1805 18.49 11.13 3.48
N GLU A 1806 18.29 11.96 2.45
CA GLU A 1806 19.32 12.87 1.96
C GLU A 1806 19.98 13.64 3.09
N HIS A 1807 19.22 14.47 3.78
CA HIS A 1807 19.76 15.40 4.76
C HIS A 1807 18.96 15.33 6.05
N TYR A 1808 19.55 15.85 7.12
CA TYR A 1808 18.88 16.01 8.40
C TYR A 1808 19.03 17.45 8.86
N ILE A 1809 17.95 18.03 9.37
CA ILE A 1809 17.89 19.44 9.74
C ILE A 1809 17.56 19.51 11.23
N VAL A 1810 18.53 19.92 12.04
CA VAL A 1810 18.37 19.97 13.50
C VAL A 1810 18.94 21.28 14.01
N LEU A 1811 18.71 21.52 15.31
CA LEU A 1811 19.14 22.74 15.98
C LEU A 1811 20.54 22.56 16.55
N SER A 1812 21.46 23.45 16.17
CA SER A 1812 22.81 23.42 16.72
C SER A 1812 22.84 23.75 18.22
N SER A 1813 21.71 24.10 18.83
CA SER A 1813 21.64 24.19 20.28
C SER A 1813 21.45 22.83 20.94
N GLU A 1814 21.21 21.78 20.15
CA GLU A 1814 21.14 20.42 20.66
C GLU A 1814 22.37 19.60 20.31
N LEU A 1815 23.04 19.93 19.19
CA LEU A 1815 24.18 19.16 18.72
C LEU A 1815 25.31 19.04 19.74
N ARG A 1816 25.27 19.79 20.84
CA ARG A 1816 26.36 19.73 21.81
C ARG A 1816 26.20 18.51 22.70
N LEU A 1817 25.11 18.43 23.46
CA LEU A 1817 24.99 17.44 24.51
C LEU A 1817 24.84 16.07 23.88
N SER A 1818 25.95 15.39 23.65
CA SER A 1818 25.93 14.13 22.92
C SER A 1818 27.17 13.32 23.25
N HIS A 1819 27.46 12.33 22.42
CA HIS A 1819 28.63 11.48 22.53
C HIS A 1819 29.21 11.22 21.15
N THR A 1820 30.49 10.83 21.13
CA THR A 1820 31.17 10.45 19.90
C THR A 1820 32.07 9.25 20.18
N ARG A 1821 32.14 8.33 19.21
CA ARG A 1821 32.85 7.08 19.34
C ARG A 1821 34.16 7.12 18.55
N THR A 1822 35.09 6.26 18.94
CA THR A 1822 36.40 6.17 18.30
C THR A 1822 36.45 4.92 17.42
N HIS A 1823 37.02 5.08 16.23
CA HIS A 1823 37.19 3.99 15.27
C HIS A 1823 37.74 2.72 15.92
N THR A 1834 34.27 1.78 -12.00
CA THR A 1834 34.02 1.20 -13.32
C THR A 1834 35.31 0.67 -13.94
N SER A 1835 36.44 1.33 -13.62
CA SER A 1835 37.74 0.83 -14.04
C SER A 1835 37.97 -0.59 -13.54
N ASP A 1836 37.49 -0.89 -12.32
CA ASP A 1836 37.56 -2.25 -11.80
C ASP A 1836 36.87 -3.24 -12.74
N ALA A 1837 35.65 -2.91 -13.17
CA ALA A 1837 34.90 -3.81 -14.05
C ALA A 1837 35.63 -3.99 -15.39
N VAL A 1838 36.18 -2.90 -15.93
CA VAL A 1838 36.86 -2.97 -17.22
C VAL A 1838 38.10 -3.86 -17.11
N ASP A 1839 38.89 -3.68 -16.05
CA ASP A 1839 40.07 -4.52 -15.87
C ASP A 1839 39.68 -5.96 -15.57
N ASN A 1840 38.52 -6.17 -14.93
CA ASN A 1840 38.03 -7.53 -14.72
C ASN A 1840 37.72 -8.20 -16.05
N PHE A 1841 37.02 -7.50 -16.94
CA PHE A 1841 36.77 -8.02 -18.28
C PHE A 1841 38.08 -8.29 -19.01
N MET A 1842 39.05 -7.39 -18.87
CA MET A 1842 40.35 -7.57 -19.52
C MET A 1842 41.01 -8.87 -19.04
N ARG A 1843 41.01 -9.10 -17.73
CA ARG A 1843 41.64 -10.31 -17.20
C ARG A 1843 40.84 -11.55 -17.55
N GLN A 1844 39.51 -11.45 -17.62
CA GLN A 1844 38.70 -12.56 -18.09
C GLN A 1844 39.10 -12.97 -19.51
N ILE A 1845 39.19 -11.99 -20.41
CA ILE A 1845 39.59 -12.28 -21.79
C ILE A 1845 40.99 -12.87 -21.82
N TYR A 1846 41.92 -12.28 -21.06
CA TYR A 1846 43.30 -12.77 -21.06
C TYR A 1846 43.37 -14.21 -20.58
N PHE A 1847 42.63 -14.54 -19.53
CA PHE A 1847 42.64 -15.89 -18.97
C PHE A 1847 42.00 -16.88 -19.94
N GLU A 1848 40.88 -16.50 -20.55
CA GLU A 1848 40.23 -17.39 -21.51
C GLU A 1848 41.09 -17.60 -22.75
N SER A 1849 41.96 -16.63 -23.08
CA SER A 1849 42.79 -16.74 -24.27
C SER A 1849 43.75 -17.92 -24.20
N TYR A 1850 44.08 -18.38 -22.99
CA TYR A 1850 45.07 -19.43 -22.82
C TYR A 1850 44.46 -20.83 -22.77
N VAL A 1851 43.22 -20.95 -22.33
CA VAL A 1851 42.59 -22.26 -22.21
C VAL A 1851 42.32 -22.85 -23.59
N ARG A 1852 41.96 -22.01 -24.55
CA ARG A 1852 41.65 -22.46 -25.90
C ARG A 1852 41.70 -21.25 -26.83
N SER A 1853 41.21 -21.43 -28.05
CA SER A 1853 41.14 -20.37 -29.04
C SER A 1853 39.67 -20.08 -29.35
N PHE A 1854 39.35 -18.80 -29.48
CA PHE A 1854 37.97 -18.39 -29.77
C PHE A 1854 37.97 -17.19 -30.68
N VAL A 1855 36.98 -17.13 -31.58
CA VAL A 1855 36.87 -16.04 -32.52
C VAL A 1855 36.41 -14.79 -31.78
N ALA A 1856 36.78 -13.62 -32.32
CA ALA A 1856 36.42 -12.34 -31.72
C ALA A 1856 35.32 -11.72 -32.57
N THR A 1857 34.12 -11.63 -32.00
CA THR A 1857 32.97 -11.07 -32.70
C THR A 1857 32.05 -10.41 -31.68
N THR A 1858 30.93 -9.89 -32.17
CA THR A 1858 29.95 -9.20 -31.33
C THR A 1858 29.18 -10.15 -30.41
N ARG A 1859 29.26 -11.46 -30.62
CA ARG A 1859 28.54 -12.40 -29.78
C ARG A 1859 29.43 -13.13 -28.79
N THR A 1860 30.71 -13.33 -29.13
CA THR A 1860 31.64 -13.95 -28.19
C THR A 1860 31.86 -13.05 -26.98
N LEU A 1861 32.21 -11.79 -27.22
CA LEU A 1861 32.55 -10.87 -26.13
C LEU A 1861 31.34 -10.60 -25.25
N GLY A 1862 30.24 -10.15 -25.85
CA GLY A 1862 29.05 -9.82 -25.08
C GLY A 1862 28.46 -10.99 -24.31
N SER A 1863 28.85 -12.21 -24.64
CA SER A 1863 28.30 -13.37 -23.94
C SER A 1863 28.81 -13.48 -22.49
N PHE A 1864 29.89 -12.79 -22.15
CA PHE A 1864 30.45 -12.88 -20.81
C PHE A 1864 29.60 -12.08 -19.82
N THR A 1865 30.06 -12.04 -18.57
CA THR A 1865 29.32 -11.38 -17.50
C THR A 1865 29.89 -10.02 -17.14
N TRP A 1866 31.21 -9.94 -16.92
CA TRP A 1866 31.84 -8.66 -16.67
C TRP A 1866 31.94 -7.86 -17.96
N PHE A 1867 30.95 -6.99 -18.21
CA PHE A 1867 30.95 -6.15 -19.40
C PHE A 1867 30.02 -4.97 -19.16
N PRO A 1868 30.39 -3.76 -19.58
CA PRO A 1868 29.48 -2.61 -19.46
C PRO A 1868 28.41 -2.60 -20.55
N HIS A 1869 27.35 -3.37 -20.32
CA HIS A 1869 26.28 -3.56 -21.31
C HIS A 1869 25.35 -2.36 -21.32
N LYS A 1870 25.90 -1.23 -21.78
CA LYS A 1870 25.15 0.01 -21.94
C LYS A 1870 24.46 0.43 -20.65
N THR A 1871 25.15 0.26 -19.52
CA THR A 1871 24.62 0.65 -18.22
C THR A 1871 24.83 2.16 -18.06
N SER A 1872 24.67 2.69 -16.85
CA SER A 1872 24.89 4.11 -16.59
C SER A 1872 26.39 4.38 -16.69
N VAL A 1873 26.84 4.61 -17.91
CA VAL A 1873 28.25 4.88 -18.20
C VAL A 1873 28.34 6.09 -19.12
N PRO A 1874 29.18 7.08 -18.80
CA PRO A 1874 29.30 8.26 -19.67
C PRO A 1874 30.05 7.95 -20.95
N GLU A 1875 30.34 8.98 -21.75
CA GLU A 1875 31.03 8.76 -23.02
C GLU A 1875 32.40 8.12 -22.80
N GLY A 1876 33.29 8.82 -22.09
CA GLY A 1876 34.58 8.25 -21.76
C GLY A 1876 34.76 7.98 -20.28
N GLU A 1877 34.69 6.71 -19.89
CA GLU A 1877 34.95 6.32 -18.51
C GLU A 1877 36.11 5.35 -18.38
N GLY A 1878 36.08 4.24 -19.11
CA GLY A 1878 37.17 3.28 -19.11
C GLY A 1878 37.78 3.07 -20.48
N LEU A 1879 37.52 3.99 -21.40
CA LEU A 1879 37.97 3.83 -22.78
C LEU A 1879 39.49 3.82 -22.91
N GLN A 1880 40.21 4.29 -21.89
CA GLN A 1880 41.67 4.17 -21.90
C GLN A 1880 42.11 2.72 -21.66
N ARG A 1881 41.35 1.98 -20.87
CA ARG A 1881 41.69 0.58 -20.58
C ARG A 1881 40.99 -0.37 -21.54
N LEU A 1882 41.16 -0.13 -22.85
CA LEU A 1882 40.62 -1.01 -23.86
C LEU A 1882 41.59 -1.33 -24.99
N GLY A 1883 42.72 -0.64 -25.08
CA GLY A 1883 43.75 -0.93 -26.05
C GLY A 1883 43.25 -0.98 -27.48
N PRO A 1884 43.23 -2.17 -28.07
CA PRO A 1884 42.69 -2.33 -29.43
C PRO A 1884 41.20 -2.60 -29.52
N PHE A 1885 40.43 -2.41 -28.43
CA PHE A 1885 39.02 -2.77 -28.41
C PHE A 1885 38.11 -1.57 -28.13
N SER A 1886 38.65 -0.35 -28.10
CA SER A 1886 37.84 0.80 -27.74
C SER A 1886 36.80 1.10 -28.81
N SER A 1887 37.25 1.23 -30.07
CA SER A 1887 36.36 1.71 -31.12
C SER A 1887 35.24 0.72 -31.33
N PHE A 1888 35.50 -0.55 -31.06
CA PHE A 1888 34.54 -1.59 -31.39
C PHE A 1888 33.34 -1.42 -30.50
N VAL A 1889 33.57 -1.13 -29.22
CA VAL A 1889 32.44 -0.91 -28.32
C VAL A 1889 31.63 0.27 -28.82
N GLU A 1890 32.30 1.34 -29.23
CA GLU A 1890 31.59 2.51 -29.74
C GLU A 1890 30.96 2.24 -31.11
N LYS A 1891 31.81 1.97 -32.11
CA LYS A 1891 31.36 1.88 -33.49
C LYS A 1891 30.42 0.71 -33.73
N ALA A 1892 30.55 -0.37 -32.96
CA ALA A 1892 29.75 -1.57 -33.19
C ALA A 1892 28.81 -1.88 -32.02
N ILE A 1893 29.33 -2.04 -30.81
CA ILE A 1893 28.49 -2.49 -29.70
C ILE A 1893 27.53 -1.38 -29.28
N HIS A 1894 28.04 -0.17 -29.07
CA HIS A 1894 27.17 0.91 -28.64
C HIS A 1894 26.57 1.67 -29.82
N LYS A 1895 26.09 0.92 -30.81
CA LYS A 1895 25.12 1.41 -31.78
C LYS A 1895 24.05 0.38 -32.15
N GLY A 1896 24.24 -0.89 -31.84
CA GLY A 1896 23.34 -1.92 -32.31
C GLY A 1896 23.73 -2.45 -33.67
N ILE A 1897 24.94 -2.99 -33.79
CA ILE A 1897 25.44 -3.53 -35.05
C ILE A 1897 26.10 -4.88 -34.79
N GLU A 1898 25.54 -5.94 -35.36
CA GLU A 1898 25.92 -7.33 -35.10
C GLU A 1898 26.76 -7.82 -36.28
N ARG A 1899 28.09 -7.73 -36.16
CA ARG A 1899 28.93 -8.11 -37.27
C ARG A 1899 30.24 -8.69 -36.75
N PRO A 1900 30.96 -9.44 -37.58
CA PRO A 1900 32.29 -9.96 -37.19
C PRO A 1900 33.35 -8.88 -37.22
N MET A 1901 34.54 -9.26 -36.74
CA MET A 1901 35.65 -8.33 -36.57
C MET A 1901 36.59 -8.40 -37.75
N PHE A 1902 36.93 -7.24 -38.31
CA PHE A 1902 37.81 -7.12 -39.45
C PHE A 1902 39.05 -6.32 -39.05
N LYS A 1903 40.01 -6.23 -39.98
CA LYS A 1903 41.25 -5.53 -39.69
C LYS A 1903 41.04 -4.02 -39.53
N HIS A 1904 39.97 -3.48 -40.10
CA HIS A 1904 39.65 -2.06 -40.01
C HIS A 1904 39.09 -1.64 -38.66
N ASP A 1905 39.14 -2.51 -37.65
CA ASP A 1905 38.60 -2.23 -36.33
C ASP A 1905 39.69 -1.97 -35.30
N LEU A 1906 40.93 -1.75 -35.74
CA LEU A 1906 42.03 -1.43 -34.84
C LEU A 1906 42.46 0.02 -34.89
N MET A 1907 42.38 0.67 -36.06
CA MET A 1907 42.77 2.07 -36.19
C MET A 1907 41.80 2.99 -35.45
N PRO A 2077 40.14 -10.06 -46.90
CA PRO A 2077 39.22 -9.72 -45.82
C PRO A 2077 39.03 -10.87 -44.82
N VAL A 2078 40.01 -11.05 -43.95
CA VAL A 2078 40.01 -12.19 -43.02
C VAL A 2078 39.60 -11.70 -41.64
N PRO A 2079 38.83 -12.49 -40.89
CA PRO A 2079 38.47 -12.09 -39.53
C PRO A 2079 39.58 -12.40 -38.53
N LEU A 2080 39.43 -11.85 -37.33
CA LEU A 2080 40.47 -11.91 -36.33
C LEU A 2080 40.32 -13.17 -35.48
N VAL A 2081 41.43 -13.60 -34.89
CA VAL A 2081 41.47 -14.79 -34.05
C VAL A 2081 42.19 -14.43 -32.76
N VAL A 2082 41.52 -14.65 -31.62
CA VAL A 2082 42.13 -14.37 -30.32
C VAL A 2082 42.99 -15.57 -29.94
N HIS A 2083 44.30 -15.37 -29.91
CA HIS A 2083 45.24 -16.37 -29.46
C HIS A 2083 45.67 -16.05 -28.03
N ARG A 2084 46.66 -16.78 -27.51
CA ARG A 2084 47.14 -16.57 -26.16
C ARG A 2084 47.72 -15.16 -26.00
N SER A 2085 47.02 -14.31 -25.26
CA SER A 2085 47.47 -12.95 -25.05
C SER A 2085 47.24 -12.03 -26.24
N GLY A 2086 48.01 -12.25 -27.31
CA GLY A 2086 47.98 -11.35 -28.44
C GLY A 2086 46.97 -11.75 -29.51
N LEU A 2087 46.47 -10.75 -30.22
CA LEU A 2087 45.54 -10.98 -31.32
C LEU A 2087 46.31 -11.41 -32.56
N TRP A 2088 45.75 -12.40 -33.27
CA TRP A 2088 46.39 -12.97 -34.45
C TRP A 2088 45.41 -13.02 -35.60
N GLU A 2089 45.88 -12.67 -36.79
CA GLU A 2089 45.16 -12.94 -38.02
C GLU A 2089 45.62 -14.31 -38.53
N CYS A 2090 45.35 -14.63 -39.80
CA CYS A 2090 45.79 -15.91 -40.34
C CYS A 2090 47.31 -15.92 -40.47
N ASP A 2091 47.97 -16.46 -39.45
CA ASP A 2091 49.43 -16.67 -39.42
C ASP A 2091 50.17 -15.32 -39.45
N LYS A 2092 49.80 -14.44 -38.51
CA LYS A 2092 50.53 -13.21 -38.23
C LYS A 2092 49.89 -12.56 -37.01
N LYS A 2093 50.71 -11.86 -36.23
CA LYS A 2093 50.25 -11.13 -35.06
C LYS A 2093 50.26 -9.63 -35.36
N LEU A 2094 49.17 -8.95 -35.03
CA LEU A 2094 49.07 -7.50 -35.18
C LEU A 2094 49.39 -6.75 -33.89
N ALA A 2095 48.61 -7.00 -32.84
CA ALA A 2095 48.74 -6.26 -31.58
C ALA A 2095 48.51 -7.24 -30.44
N SER A 2096 48.46 -6.72 -29.22
CA SER A 2096 48.31 -7.54 -28.03
C SER A 2096 47.80 -6.67 -26.89
N PHE A 2097 47.67 -7.28 -25.71
CA PHE A 2097 47.23 -6.62 -24.49
C PHE A 2097 47.45 -7.56 -23.33
N THR A 2098 47.87 -7.01 -22.19
CA THR A 2098 48.07 -7.84 -21.00
C THR A 2098 47.92 -6.99 -19.73
N PRO A 2099 46.83 -7.18 -18.98
CA PRO A 2099 46.72 -6.52 -17.67
C PRO A 2099 47.60 -7.17 -16.61
N VAL A 2100 47.49 -6.68 -15.37
CA VAL A 2100 48.32 -7.16 -14.28
C VAL A 2100 47.58 -8.27 -13.54
N VAL A 2101 48.36 -9.13 -12.88
CA VAL A 2101 47.81 -10.29 -12.16
C VAL A 2101 48.14 -10.14 -10.67
N GLN A 2102 47.39 -10.89 -9.86
CA GLN A 2102 47.56 -10.87 -8.41
C GLN A 2102 47.73 -12.28 -7.88
N ASP A 2103 48.04 -12.39 -6.60
CA ASP A 2103 48.16 -13.69 -5.94
C ASP A 2103 46.82 -14.41 -5.90
N GLN A 2104 45.76 -13.71 -5.48
CA GLN A 2104 44.47 -14.36 -5.33
C GLN A 2104 43.88 -14.77 -6.67
N ASP A 2105 44.08 -13.97 -7.71
CA ASP A 2105 43.62 -14.35 -9.04
C ASP A 2105 44.31 -15.62 -9.52
N LEU A 2106 45.63 -15.71 -9.31
CA LEU A 2106 46.36 -16.92 -9.68
C LEU A 2106 45.92 -18.11 -8.83
N GLU A 2107 45.60 -17.87 -7.56
CA GLU A 2107 45.09 -18.94 -6.70
C GLU A 2107 43.79 -19.51 -7.24
N MET A 2108 42.83 -18.63 -7.55
CA MET A 2108 41.57 -19.09 -8.13
C MET A 2108 41.79 -19.79 -9.46
N PHE A 2109 42.69 -19.25 -10.29
CA PHE A 2109 43.05 -19.85 -11.57
C PHE A 2109 43.52 -21.30 -11.36
N VAL A 2110 44.64 -21.47 -10.67
CA VAL A 2110 45.22 -22.80 -10.49
C VAL A 2110 44.31 -23.73 -9.71
N LYS A 2111 43.36 -23.19 -8.94
CA LYS A 2111 42.33 -24.03 -8.35
C LYS A 2111 41.41 -24.59 -9.43
N GLU A 2112 40.82 -23.69 -10.23
CA GLU A 2112 39.77 -24.10 -11.17
C GLU A 2112 40.31 -24.84 -12.40
N VAL A 2113 41.56 -24.66 -12.77
CA VAL A 2113 42.11 -25.30 -13.96
C VAL A 2113 42.86 -26.58 -13.63
N GLY A 2114 43.57 -26.62 -12.50
CA GLY A 2114 44.42 -27.74 -12.17
C GLY A 2114 43.74 -28.83 -11.36
N ASP A 2115 42.41 -28.92 -11.48
CA ASP A 2115 41.67 -29.88 -10.67
C ASP A 2115 41.89 -31.31 -11.15
N SER A 2116 41.53 -31.59 -12.41
CA SER A 2116 41.64 -32.92 -12.98
C SER A 2116 42.93 -33.11 -13.75
N SER A 2117 43.17 -32.29 -14.78
CA SER A 2117 44.34 -32.44 -15.61
C SER A 2117 45.51 -31.64 -15.05
N LEU A 2118 46.72 -32.02 -15.48
CA LEU A 2118 47.94 -31.37 -15.05
C LEU A 2118 48.70 -30.72 -16.20
N ASP A 2119 48.98 -31.48 -17.27
CA ASP A 2119 49.76 -30.96 -18.39
C ASP A 2119 49.19 -29.67 -18.97
N LEU A 2120 47.87 -29.50 -18.92
CA LEU A 2120 47.28 -28.23 -19.35
C LEU A 2120 47.80 -27.06 -18.51
N LEU A 2121 47.76 -27.20 -17.19
CA LEU A 2121 48.25 -26.13 -16.32
C LEU A 2121 49.73 -25.87 -16.52
N ILE A 2122 50.52 -26.94 -16.66
CA ILE A 2122 51.96 -26.79 -16.87
C ILE A 2122 52.23 -26.03 -18.15
N GLY A 2123 51.60 -26.47 -19.25
CA GLY A 2123 51.81 -25.80 -20.52
C GLY A 2123 51.38 -24.34 -20.50
N ALA A 2124 50.22 -24.07 -19.89
CA ALA A 2124 49.72 -22.70 -19.84
C ALA A 2124 50.67 -21.80 -19.04
N LEU A 2125 51.12 -22.29 -17.87
CA LEU A 2125 52.01 -21.49 -17.05
C LEU A 2125 53.36 -21.28 -17.74
N SER A 2126 53.90 -22.32 -18.38
CA SER A 2126 55.15 -22.17 -19.11
C SER A 2126 55.02 -21.15 -20.24
N ALA A 2127 53.90 -21.20 -20.98
CA ALA A 2127 53.71 -20.26 -22.07
C ALA A 2127 53.57 -18.83 -21.55
N MET A 2128 52.82 -18.65 -20.46
CA MET A 2128 52.68 -17.32 -19.87
C MET A 2128 54.03 -16.79 -19.43
N ILE A 2129 54.81 -17.60 -18.71
CA ILE A 2129 56.14 -17.18 -18.27
C ILE A 2129 56.99 -16.78 -19.47
N LEU A 2130 57.01 -17.64 -20.50
CA LEU A 2130 57.80 -17.34 -21.69
C LEU A 2130 57.42 -15.99 -22.28
N ASP A 2131 56.18 -15.86 -22.75
CA ASP A 2131 55.82 -14.65 -23.49
C ASP A 2131 55.77 -13.41 -22.60
N ARG A 2132 55.74 -13.56 -21.28
CA ARG A 2132 55.84 -12.41 -20.39
C ARG A 2132 57.29 -12.06 -20.03
N LEU A 2133 58.23 -12.98 -20.21
CA LEU A 2133 59.64 -12.62 -20.02
C LEU A 2133 60.17 -11.76 -21.16
N LYS A 2134 59.85 -12.13 -22.41
CA LYS A 2134 60.42 -11.42 -23.56
C LYS A 2134 59.94 -9.98 -23.69
N LEU A 2135 58.99 -9.53 -22.88
CA LEU A 2135 58.68 -8.10 -22.78
C LEU A 2135 59.36 -7.43 -21.60
N ARG A 2136 60.16 -8.19 -20.83
CA ARG A 2136 60.92 -7.69 -19.68
C ARG A 2136 60.06 -7.07 -18.58
N MET A 2137 58.91 -7.65 -18.28
CA MET A 2137 58.26 -7.18 -17.06
C MET A 2137 58.85 -7.92 -15.85
N GLN A 2138 58.51 -7.42 -14.66
CA GLN A 2138 59.15 -7.82 -13.43
C GLN A 2138 58.18 -8.66 -12.59
N TRP A 2139 58.70 -9.76 -12.04
CA TRP A 2139 57.92 -10.68 -11.21
C TRP A 2139 58.23 -10.54 -9.72
N SER A 2140 59.06 -9.57 -9.33
CA SER A 2140 59.47 -9.45 -7.95
C SER A 2140 58.33 -9.02 -7.03
N GLU A 2141 57.17 -8.66 -7.57
CA GLU A 2141 56.07 -8.17 -6.76
C GLU A 2141 55.28 -9.28 -6.07
N VAL A 2142 55.39 -10.52 -6.56
CA VAL A 2142 54.67 -11.65 -6.00
C VAL A 2142 55.67 -12.78 -5.73
N ASP A 2143 55.15 -13.88 -5.20
CA ASP A 2143 55.94 -15.08 -4.93
C ASP A 2143 55.55 -16.19 -5.89
N ILE A 2144 56.19 -17.35 -5.70
CA ILE A 2144 55.83 -18.56 -6.44
C ILE A 2144 55.64 -19.75 -5.49
N VAL A 2145 56.65 -20.02 -4.66
CA VAL A 2145 56.69 -21.26 -3.90
C VAL A 2145 55.57 -21.33 -2.87
N SER A 2146 55.48 -20.31 -2.00
CA SER A 2146 54.40 -20.28 -1.02
C SER A 2146 53.03 -20.26 -1.66
N MET A 2147 52.89 -19.62 -2.83
CA MET A 2147 51.62 -19.66 -3.54
C MET A 2147 51.26 -21.08 -3.95
N LEU A 2148 52.24 -21.82 -4.49
CA LEU A 2148 52.00 -23.22 -4.86
C LEU A 2148 51.63 -24.05 -3.65
N LYS A 2149 52.39 -23.88 -2.55
CA LYS A 2149 52.09 -24.64 -1.33
C LYS A 2149 50.67 -24.36 -0.86
N ALA A 2150 50.30 -23.08 -0.75
CA ALA A 2150 48.96 -22.73 -0.31
C ALA A 2150 47.90 -23.23 -1.29
N ALA A 2151 48.26 -23.42 -2.55
CA ALA A 2151 47.34 -23.92 -3.55
C ALA A 2151 47.36 -25.44 -3.64
N MET A 2152 48.55 -26.02 -3.87
CA MET A 2152 48.71 -27.47 -3.88
C MET A 2152 49.37 -27.90 -2.58
N PRO A 2153 48.61 -28.30 -1.56
CA PRO A 2153 49.22 -28.56 -0.24
C PRO A 2153 49.99 -29.86 -0.11
N SER A 2154 50.09 -30.67 -1.17
CA SER A 2154 50.71 -31.98 -1.02
C SER A 2154 51.66 -32.37 -2.15
N ASN A 2155 51.65 -31.70 -3.30
CA ASN A 2155 52.46 -32.13 -4.44
C ASN A 2155 53.06 -30.96 -5.19
N SER A 2156 53.34 -29.86 -4.50
CA SER A 2156 53.86 -28.67 -5.16
C SER A 2156 55.26 -28.88 -5.75
N VAL A 2157 55.99 -29.89 -5.28
CA VAL A 2157 57.38 -30.05 -5.68
C VAL A 2157 57.48 -30.46 -7.14
N LYS A 2158 56.71 -31.47 -7.55
CA LYS A 2158 56.81 -31.96 -8.92
C LYS A 2158 56.32 -30.91 -9.93
N VAL A 2159 55.25 -30.17 -9.58
CA VAL A 2159 54.79 -29.13 -10.48
C VAL A 2159 55.79 -27.96 -10.53
N LEU A 2160 56.43 -27.67 -9.41
CA LEU A 2160 57.53 -26.70 -9.40
C LEU A 2160 58.61 -27.12 -10.38
N ASN A 2161 59.08 -28.37 -10.27
CA ASN A 2161 60.11 -28.86 -11.17
C ASN A 2161 59.66 -28.79 -12.62
N ALA A 2162 58.41 -29.18 -12.89
CA ALA A 2162 57.91 -29.20 -14.26
C ALA A 2162 57.89 -27.80 -14.87
N VAL A 2163 57.26 -26.84 -14.18
CA VAL A 2163 57.18 -25.48 -14.70
C VAL A 2163 58.57 -24.88 -14.84
N LEU A 2164 59.41 -25.00 -13.82
CA LEU A 2164 60.74 -24.40 -13.87
C LEU A 2164 61.66 -25.08 -14.88
N GLU A 2165 61.34 -26.31 -15.29
CA GLU A 2165 62.08 -26.95 -16.38
C GLU A 2165 61.60 -26.44 -17.73
ZN ZN D . -15.21 -3.61 50.41
#